data_2QST
# 
_entry.id   2QST 
# 
_audit_conform.dict_name       mmcif_pdbx.dic 
_audit_conform.dict_version    5.387 
_audit_conform.dict_location   http://mmcif.pdb.org/dictionaries/ascii/mmcif_pdbx.dic 
# 
loop_
_database_2.database_id 
_database_2.database_code 
_database_2.pdbx_database_accession 
_database_2.pdbx_DOI 
PDB   2QST         pdb_00002qst 10.2210/pdb2qst/pdb 
RCSB  RCSB044010   ?            ?                   
WWPDB D_1000044010 ?            ?                   
# 
loop_
_pdbx_audit_revision_history.ordinal 
_pdbx_audit_revision_history.data_content_type 
_pdbx_audit_revision_history.major_revision 
_pdbx_audit_revision_history.minor_revision 
_pdbx_audit_revision_history.revision_date 
1 'Structure model' 1 0 2008-01-01 
2 'Structure model' 1 1 2011-07-13 
3 'Structure model' 1 2 2021-10-20 
4 'Structure model' 1 3 2024-02-21 
# 
_pdbx_audit_revision_details.ordinal             1 
_pdbx_audit_revision_details.revision_ordinal    1 
_pdbx_audit_revision_details.data_content_type   'Structure model' 
_pdbx_audit_revision_details.provider            repository 
_pdbx_audit_revision_details.type                'Initial release' 
_pdbx_audit_revision_details.description         ? 
_pdbx_audit_revision_details.details             ? 
# 
loop_
_pdbx_audit_revision_group.ordinal 
_pdbx_audit_revision_group.revision_ordinal 
_pdbx_audit_revision_group.data_content_type 
_pdbx_audit_revision_group.group 
1 2 'Structure model' 'Version format compliance' 
2 3 'Structure model' 'Database references'       
3 4 'Structure model' 'Data collection'           
# 
loop_
_pdbx_audit_revision_category.ordinal 
_pdbx_audit_revision_category.revision_ordinal 
_pdbx_audit_revision_category.data_content_type 
_pdbx_audit_revision_category.category 
1 3 'Structure model' database_2         
2 3 'Structure model' struct_ref_seq_dif 
3 4 'Structure model' chem_comp_atom     
4 4 'Structure model' chem_comp_bond     
# 
loop_
_pdbx_audit_revision_item.ordinal 
_pdbx_audit_revision_item.revision_ordinal 
_pdbx_audit_revision_item.data_content_type 
_pdbx_audit_revision_item.item 
1 3 'Structure model' '_database_2.pdbx_DOI'                
2 3 'Structure model' '_database_2.pdbx_database_accession' 
3 3 'Structure model' '_struct_ref_seq_dif.details'         
# 
_pdbx_database_status.entry_id                        2QST 
_pdbx_database_status.deposit_site                    RCSB 
_pdbx_database_status.process_site                    RCSB 
_pdbx_database_status.recvd_initial_deposition_date   2007-07-31 
_pdbx_database_status.status_code                     REL 
_pdbx_database_status.status_code_sf                  REL 
_pdbx_database_status.status_code_mr                  ? 
_pdbx_database_status.SG_entry                        ? 
_pdbx_database_status.pdb_format_compatible           Y 
_pdbx_database_status.status_code_cs                  ? 
_pdbx_database_status.status_code_nmr_data            ? 
_pdbx_database_status.methods_development_category    ? 
# 
_pdbx_database_related.db_name        PDB 
_pdbx_database_related.db_id          2QSQ 
_pdbx_database_related.details        
;Structure of the N-terminal domain of carcinoembryonic 
antigen (CEA)
;
_pdbx_database_related.content_type   unspecified 
# 
loop_
_audit_author.name 
_audit_author.pdbx_ordinal 
'Le Trong, I.'   1 
'Korotkova, N.'  2 
'Moseley, S.L.'  3 
'Stenkamp, R.E.' 4 
# 
_citation.id                        primary 
_citation.title                     
'Binding of Dr adhesins of Escherichia coli to carcinoembryonic antigen triggers receptor dissociation.' 
_citation.journal_abbrev            Mol.Microbiol. 
_citation.journal_volume            67 
_citation.page_first                420 
_citation.page_last                 434 
_citation.year                      2008 
_citation.journal_id_ASTM           MOMIEE 
_citation.country                   UK 
_citation.journal_id_ISSN           0950-382X 
_citation.journal_id_CSD            2007 
_citation.book_publisher            ? 
_citation.pdbx_database_id_PubMed   18086185 
_citation.pdbx_database_id_DOI      10.1111/j.1365-2958.2007.06054.x 
# 
loop_
_citation_author.citation_id 
_citation_author.name 
_citation_author.ordinal 
_citation_author.identifier_ORCID 
primary 'Korotkova, N.'  1  ? 
primary 'Yang, Y.'       2  ? 
primary 'Le Trong, I.'   3  ? 
primary 'Cota, E.'       4  ? 
primary 'Demeler, B.'    5  ? 
primary 'Marchant, J.'   6  ? 
primary 'Thomas, W.E.'   7  ? 
primary 'Stenkamp, R.E.' 8  ? 
primary 'Moseley, S.L.'  9  ? 
primary 'Matthews, S.'   10 ? 
# 
loop_
_entity.id 
_entity.type 
_entity.src_method 
_entity.pdbx_description 
_entity.formula_weight 
_entity.pdbx_number_of_molecules 
_entity.pdbx_ec 
_entity.pdbx_mutation 
_entity.pdbx_fragment 
_entity.details 
1 polymer man 'Carcinoembryonic antigen-related cell adhesion molecule 5' 12435.001 2  ? V39C 
'N-terminal domain of CEA (UNP residues 34-110)' ? 
2 water   nat water                                                       18.015    11 ? ?    ? ? 
# 
_entity_name_com.entity_id   1 
_entity_name_com.name        'Carcinoembryonic antigen, CEA, Meconium antigen 100, CD66e antigen' 
# 
_entity_poly.entity_id                      1 
_entity_poly.type                           'polypeptide(L)' 
_entity_poly.nstd_linkage                   no 
_entity_poly.nstd_monomer                   no 
_entity_poly.pdbx_seq_one_letter_code       
;AKLTIESTPFNVAEGKEVLLLVHNLPQHLFGYSWYKGERCDGNRQIIGYVIGTQQATPGPAYSGREIIYPNASLLIQNII
QNDAGFYTLHVIKSDLVNEEATGQFRVYPEL
;
_entity_poly.pdbx_seq_one_letter_code_can   
;AKLTIESTPFNVAEGKEVLLLVHNLPQHLFGYSWYKGERCDGNRQIIGYVIGTQQATPGPAYSGREIIYPNASLLIQNII
QNDAGFYTLHVIKSDLVNEEATGQFRVYPEL
;
_entity_poly.pdbx_strand_id                 A,B 
_entity_poly.pdbx_target_identifier         ? 
# 
_pdbx_entity_nonpoly.entity_id   2 
_pdbx_entity_nonpoly.name        water 
_pdbx_entity_nonpoly.comp_id     HOH 
# 
loop_
_entity_poly_seq.entity_id 
_entity_poly_seq.num 
_entity_poly_seq.mon_id 
_entity_poly_seq.hetero 
1 1   ALA n 
1 2   LYS n 
1 3   LEU n 
1 4   THR n 
1 5   ILE n 
1 6   GLU n 
1 7   SER n 
1 8   THR n 
1 9   PRO n 
1 10  PHE n 
1 11  ASN n 
1 12  VAL n 
1 13  ALA n 
1 14  GLU n 
1 15  GLY n 
1 16  LYS n 
1 17  GLU n 
1 18  VAL n 
1 19  LEU n 
1 20  LEU n 
1 21  LEU n 
1 22  VAL n 
1 23  HIS n 
1 24  ASN n 
1 25  LEU n 
1 26  PRO n 
1 27  GLN n 
1 28  HIS n 
1 29  LEU n 
1 30  PHE n 
1 31  GLY n 
1 32  TYR n 
1 33  SER n 
1 34  TRP n 
1 35  TYR n 
1 36  LYS n 
1 37  GLY n 
1 38  GLU n 
1 39  ARG n 
1 40  CYS n 
1 41  ASP n 
1 42  GLY n 
1 43  ASN n 
1 44  ARG n 
1 45  GLN n 
1 46  ILE n 
1 47  ILE n 
1 48  GLY n 
1 49  TYR n 
1 50  VAL n 
1 51  ILE n 
1 52  GLY n 
1 53  THR n 
1 54  GLN n 
1 55  GLN n 
1 56  ALA n 
1 57  THR n 
1 58  PRO n 
1 59  GLY n 
1 60  PRO n 
1 61  ALA n 
1 62  TYR n 
1 63  SER n 
1 64  GLY n 
1 65  ARG n 
1 66  GLU n 
1 67  ILE n 
1 68  ILE n 
1 69  TYR n 
1 70  PRO n 
1 71  ASN n 
1 72  ALA n 
1 73  SER n 
1 74  LEU n 
1 75  LEU n 
1 76  ILE n 
1 77  GLN n 
1 78  ASN n 
1 79  ILE n 
1 80  ILE n 
1 81  GLN n 
1 82  ASN n 
1 83  ASP n 
1 84  ALA n 
1 85  GLY n 
1 86  PHE n 
1 87  TYR n 
1 88  THR n 
1 89  LEU n 
1 90  HIS n 
1 91  VAL n 
1 92  ILE n 
1 93  LYS n 
1 94  SER n 
1 95  ASP n 
1 96  LEU n 
1 97  VAL n 
1 98  ASN n 
1 99  GLU n 
1 100 GLU n 
1 101 ALA n 
1 102 THR n 
1 103 GLY n 
1 104 GLN n 
1 105 PHE n 
1 106 ARG n 
1 107 VAL n 
1 108 TYR n 
1 109 PRO n 
1 110 GLU n 
1 111 LEU n 
# 
_entity_src_gen.entity_id                          1 
_entity_src_gen.pdbx_src_id                        1 
_entity_src_gen.pdbx_alt_source_flag               sample 
_entity_src_gen.pdbx_seq_type                      ? 
_entity_src_gen.pdbx_beg_seq_num                   ? 
_entity_src_gen.pdbx_end_seq_num                   ? 
_entity_src_gen.gene_src_common_name               human 
_entity_src_gen.gene_src_genus                     Homo 
_entity_src_gen.pdbx_gene_src_gene                 'CEACAM5, CEA' 
_entity_src_gen.gene_src_species                   ? 
_entity_src_gen.gene_src_strain                    ? 
_entity_src_gen.gene_src_tissue                    ? 
_entity_src_gen.gene_src_tissue_fraction           ? 
_entity_src_gen.gene_src_details                   ? 
_entity_src_gen.pdbx_gene_src_fragment             ? 
_entity_src_gen.pdbx_gene_src_scientific_name      'Homo sapiens' 
_entity_src_gen.pdbx_gene_src_ncbi_taxonomy_id     9606 
_entity_src_gen.pdbx_gene_src_variant              ? 
_entity_src_gen.pdbx_gene_src_cell_line            ? 
_entity_src_gen.pdbx_gene_src_atcc                 ? 
_entity_src_gen.pdbx_gene_src_organ                ? 
_entity_src_gen.pdbx_gene_src_organelle            ? 
_entity_src_gen.pdbx_gene_src_cell                 ? 
_entity_src_gen.pdbx_gene_src_cellular_location    ? 
_entity_src_gen.host_org_common_name               ? 
_entity_src_gen.pdbx_host_org_scientific_name      'Escherichia coli BL21(DE3)' 
_entity_src_gen.pdbx_host_org_ncbi_taxonomy_id     469008 
_entity_src_gen.host_org_genus                     Escherichia 
_entity_src_gen.pdbx_host_org_gene                 ? 
_entity_src_gen.pdbx_host_org_organ                ? 
_entity_src_gen.host_org_species                   'Escherichia coli' 
_entity_src_gen.pdbx_host_org_tissue               ? 
_entity_src_gen.pdbx_host_org_tissue_fraction      ? 
_entity_src_gen.pdbx_host_org_strain               'BL21(DE3)' 
_entity_src_gen.pdbx_host_org_variant              ? 
_entity_src_gen.pdbx_host_org_cell_line            ? 
_entity_src_gen.pdbx_host_org_atcc                 ? 
_entity_src_gen.pdbx_host_org_culture_collection   ? 
_entity_src_gen.pdbx_host_org_cell                 ? 
_entity_src_gen.pdbx_host_org_organelle            ? 
_entity_src_gen.pdbx_host_org_cellular_location    ? 
_entity_src_gen.pdbx_host_org_vector_type          plasmid 
_entity_src_gen.pdbx_host_org_vector               ? 
_entity_src_gen.host_org_details                   ? 
_entity_src_gen.expression_system_id               ? 
_entity_src_gen.plasmid_name                       pET-21d 
_entity_src_gen.plasmid_details                    ? 
_entity_src_gen.pdbx_description                   ? 
# 
loop_
_chem_comp.id 
_chem_comp.type 
_chem_comp.mon_nstd_flag 
_chem_comp.name 
_chem_comp.pdbx_synonyms 
_chem_comp.formula 
_chem_comp.formula_weight 
ALA 'L-peptide linking' y ALANINE         ? 'C3 H7 N O2'     89.093  
ARG 'L-peptide linking' y ARGININE        ? 'C6 H15 N4 O2 1' 175.209 
ASN 'L-peptide linking' y ASPARAGINE      ? 'C4 H8 N2 O3'    132.118 
ASP 'L-peptide linking' y 'ASPARTIC ACID' ? 'C4 H7 N O4'     133.103 
CYS 'L-peptide linking' y CYSTEINE        ? 'C3 H7 N O2 S'   121.158 
GLN 'L-peptide linking' y GLUTAMINE       ? 'C5 H10 N2 O3'   146.144 
GLU 'L-peptide linking' y 'GLUTAMIC ACID' ? 'C5 H9 N O4'     147.129 
GLY 'peptide linking'   y GLYCINE         ? 'C2 H5 N O2'     75.067  
HIS 'L-peptide linking' y HISTIDINE       ? 'C6 H10 N3 O2 1' 156.162 
HOH non-polymer         . WATER           ? 'H2 O'           18.015  
ILE 'L-peptide linking' y ISOLEUCINE      ? 'C6 H13 N O2'    131.173 
LEU 'L-peptide linking' y LEUCINE         ? 'C6 H13 N O2'    131.173 
LYS 'L-peptide linking' y LYSINE          ? 'C6 H15 N2 O2 1' 147.195 
PHE 'L-peptide linking' y PHENYLALANINE   ? 'C9 H11 N O2'    165.189 
PRO 'L-peptide linking' y PROLINE         ? 'C5 H9 N O2'     115.130 
SER 'L-peptide linking' y SERINE          ? 'C3 H7 N O3'     105.093 
THR 'L-peptide linking' y THREONINE       ? 'C4 H9 N O3'     119.119 
TRP 'L-peptide linking' y TRYPTOPHAN      ? 'C11 H12 N2 O2'  204.225 
TYR 'L-peptide linking' y TYROSINE        ? 'C9 H11 N O3'    181.189 
VAL 'L-peptide linking' y VALINE          ? 'C5 H11 N O2'    117.146 
# 
loop_
_pdbx_poly_seq_scheme.asym_id 
_pdbx_poly_seq_scheme.entity_id 
_pdbx_poly_seq_scheme.seq_id 
_pdbx_poly_seq_scheme.mon_id 
_pdbx_poly_seq_scheme.ndb_seq_num 
_pdbx_poly_seq_scheme.pdb_seq_num 
_pdbx_poly_seq_scheme.auth_seq_num 
_pdbx_poly_seq_scheme.pdb_mon_id 
_pdbx_poly_seq_scheme.auth_mon_id 
_pdbx_poly_seq_scheme.pdb_strand_id 
_pdbx_poly_seq_scheme.pdb_ins_code 
_pdbx_poly_seq_scheme.hetero 
A 1 1   ALA 1   0   0   ALA ALA A . n 
A 1 2   LYS 2   1   1   LYS LYS A . n 
A 1 3   LEU 3   2   2   LEU LEU A . n 
A 1 4   THR 4   3   3   THR THR A . n 
A 1 5   ILE 5   4   4   ILE ILE A . n 
A 1 6   GLU 6   5   5   GLU GLU A . n 
A 1 7   SER 7   6   6   SER SER A . n 
A 1 8   THR 8   7   7   THR THR A . n 
A 1 9   PRO 9   8   8   PRO PRO A . n 
A 1 10  PHE 10  9   9   PHE PHE A . n 
A 1 11  ASN 11  10  10  ASN ASN A . n 
A 1 12  VAL 12  11  11  VAL VAL A . n 
A 1 13  ALA 13  12  12  ALA ALA A . n 
A 1 14  GLU 14  13  13  GLU GLU A . n 
A 1 15  GLY 15  14  14  GLY GLY A . n 
A 1 16  LYS 16  15  15  LYS LYS A . n 
A 1 17  GLU 17  16  16  GLU GLU A . n 
A 1 18  VAL 18  17  17  VAL VAL A . n 
A 1 19  LEU 19  18  18  LEU LEU A . n 
A 1 20  LEU 20  19  19  LEU LEU A . n 
A 1 21  LEU 21  20  20  LEU LEU A . n 
A 1 22  VAL 22  21  21  VAL VAL A . n 
A 1 23  HIS 23  22  22  HIS HIS A . n 
A 1 24  ASN 24  23  23  ASN ASN A . n 
A 1 25  LEU 25  24  24  LEU LEU A . n 
A 1 26  PRO 26  25  25  PRO PRO A . n 
A 1 27  GLN 27  26  26  GLN GLN A . n 
A 1 28  HIS 28  27  27  HIS HIS A . n 
A 1 29  LEU 29  28  28  LEU LEU A . n 
A 1 30  PHE 30  29  29  PHE PHE A . n 
A 1 31  GLY 31  30  30  GLY GLY A . n 
A 1 32  TYR 32  31  31  TYR TYR A . n 
A 1 33  SER 33  32  32  SER SER A . n 
A 1 34  TRP 34  33  33  TRP TRP A . n 
A 1 35  TYR 35  34  34  TYR TYR A . n 
A 1 36  LYS 36  35  35  LYS LYS A . n 
A 1 37  GLY 37  36  36  GLY GLY A . n 
A 1 38  GLU 38  37  37  GLU GLU A . n 
A 1 39  ARG 39  38  38  ARG ARG A . n 
A 1 40  CYS 40  39  39  CYS CYS A . n 
A 1 41  ASP 41  40  40  ASP ASP A . n 
A 1 42  GLY 42  41  41  GLY GLY A . n 
A 1 43  ASN 43  42  42  ASN ASN A . n 
A 1 44  ARG 44  43  43  ARG ARG A . n 
A 1 45  GLN 45  44  44  GLN GLN A . n 
A 1 46  ILE 46  45  45  ILE ILE A . n 
A 1 47  ILE 47  46  46  ILE ILE A . n 
A 1 48  GLY 48  47  47  GLY GLY A . n 
A 1 49  TYR 49  48  48  TYR TYR A . n 
A 1 50  VAL 50  49  49  VAL VAL A . n 
A 1 51  ILE 51  50  50  ILE ILE A . n 
A 1 52  GLY 52  51  51  GLY GLY A . n 
A 1 53  THR 53  52  52  THR THR A . n 
A 1 54  GLN 54  53  53  GLN GLN A . n 
A 1 55  GLN 55  54  54  GLN GLN A . n 
A 1 56  ALA 56  55  55  ALA ALA A . n 
A 1 57  THR 57  56  56  THR THR A . n 
A 1 58  PRO 58  57  57  PRO PRO A . n 
A 1 59  GLY 59  58  58  GLY GLY A . n 
A 1 60  PRO 60  59  59  PRO PRO A . n 
A 1 61  ALA 61  60  60  ALA ALA A . n 
A 1 62  TYR 62  61  61  TYR TYR A . n 
A 1 63  SER 63  62  62  SER SER A . n 
A 1 64  GLY 64  63  63  GLY GLY A . n 
A 1 65  ARG 65  64  64  ARG ARG A . n 
A 1 66  GLU 66  65  65  GLU GLU A . n 
A 1 67  ILE 67  66  66  ILE ILE A . n 
A 1 68  ILE 68  67  67  ILE ILE A . n 
A 1 69  TYR 69  68  68  TYR TYR A . n 
A 1 70  PRO 70  69  69  PRO PRO A . n 
A 1 71  ASN 71  70  70  ASN ASN A . n 
A 1 72  ALA 72  71  71  ALA ALA A . n 
A 1 73  SER 73  72  72  SER SER A . n 
A 1 74  LEU 74  73  73  LEU LEU A . n 
A 1 75  LEU 75  74  74  LEU LEU A . n 
A 1 76  ILE 76  75  75  ILE ILE A . n 
A 1 77  GLN 77  76  76  GLN GLN A . n 
A 1 78  ASN 78  77  77  ASN ASN A . n 
A 1 79  ILE 79  78  78  ILE ILE A . n 
A 1 80  ILE 80  79  79  ILE ILE A . n 
A 1 81  GLN 81  80  80  GLN GLN A . n 
A 1 82  ASN 82  81  81  ASN ASN A . n 
A 1 83  ASP 83  82  82  ASP ASP A . n 
A 1 84  ALA 84  83  83  ALA ALA A . n 
A 1 85  GLY 85  84  84  GLY GLY A . n 
A 1 86  PHE 86  85  85  PHE PHE A . n 
A 1 87  TYR 87  86  86  TYR TYR A . n 
A 1 88  THR 88  87  87  THR THR A . n 
A 1 89  LEU 89  88  88  LEU LEU A . n 
A 1 90  HIS 90  89  89  HIS HIS A . n 
A 1 91  VAL 91  90  90  VAL VAL A . n 
A 1 92  ILE 92  91  91  ILE ILE A . n 
A 1 93  LYS 93  92  92  LYS LYS A . n 
A 1 94  SER 94  93  93  SER SER A . n 
A 1 95  ASP 95  94  94  ASP ASP A . n 
A 1 96  LEU 96  95  95  LEU LEU A . n 
A 1 97  VAL 97  96  96  VAL VAL A . n 
A 1 98  ASN 98  97  97  ASN ASN A . n 
A 1 99  GLU 99  98  98  GLU GLU A . n 
A 1 100 GLU 100 99  99  GLU GLU A . n 
A 1 101 ALA 101 100 100 ALA ALA A . n 
A 1 102 THR 102 101 101 THR THR A . n 
A 1 103 GLY 103 102 102 GLY GLY A . n 
A 1 104 GLN 104 103 103 GLN GLN A . n 
A 1 105 PHE 105 104 104 PHE PHE A . n 
A 1 106 ARG 106 105 105 ARG ARG A . n 
A 1 107 VAL 107 106 106 VAL VAL A . n 
A 1 108 TYR 108 107 107 TYR TYR A . n 
A 1 109 PRO 109 108 108 PRO PRO A . n 
A 1 110 GLU 110 109 109 GLU GLU A . n 
A 1 111 LEU 111 110 110 LEU LEU A . n 
B 1 1   ALA 1   0   0   ALA ALA B . n 
B 1 2   LYS 2   1   1   LYS LYS B . n 
B 1 3   LEU 3   2   2   LEU LEU B . n 
B 1 4   THR 4   3   3   THR THR B . n 
B 1 5   ILE 5   4   4   ILE ILE B . n 
B 1 6   GLU 6   5   5   GLU GLU B . n 
B 1 7   SER 7   6   6   SER SER B . n 
B 1 8   THR 8   7   7   THR THR B . n 
B 1 9   PRO 9   8   8   PRO PRO B . n 
B 1 10  PHE 10  9   9   PHE PHE B . n 
B 1 11  ASN 11  10  10  ASN ASN B . n 
B 1 12  VAL 12  11  11  VAL VAL B . n 
B 1 13  ALA 13  12  12  ALA ALA B . n 
B 1 14  GLU 14  13  13  GLU GLU B . n 
B 1 15  GLY 15  14  14  GLY GLY B . n 
B 1 16  LYS 16  15  15  LYS LYS B . n 
B 1 17  GLU 17  16  16  GLU GLU B . n 
B 1 18  VAL 18  17  17  VAL VAL B . n 
B 1 19  LEU 19  18  18  LEU LEU B . n 
B 1 20  LEU 20  19  19  LEU LEU B . n 
B 1 21  LEU 21  20  20  LEU LEU B . n 
B 1 22  VAL 22  21  21  VAL VAL B . n 
B 1 23  HIS 23  22  22  HIS HIS B . n 
B 1 24  ASN 24  23  23  ASN ASN B . n 
B 1 25  LEU 25  24  24  LEU LEU B . n 
B 1 26  PRO 26  25  25  PRO PRO B . n 
B 1 27  GLN 27  26  26  GLN GLN B . n 
B 1 28  HIS 28  27  27  HIS HIS B . n 
B 1 29  LEU 29  28  28  LEU LEU B . n 
B 1 30  PHE 30  29  29  PHE PHE B . n 
B 1 31  GLY 31  30  30  GLY GLY B . n 
B 1 32  TYR 32  31  31  TYR TYR B . n 
B 1 33  SER 33  32  32  SER SER B . n 
B 1 34  TRP 34  33  33  TRP TRP B . n 
B 1 35  TYR 35  34  34  TYR TYR B . n 
B 1 36  LYS 36  35  35  LYS LYS B . n 
B 1 37  GLY 37  36  36  GLY GLY B . n 
B 1 38  GLU 38  37  37  GLU GLU B . n 
B 1 39  ARG 39  38  38  ARG ARG B . n 
B 1 40  CYS 40  39  39  CYS CYS B . n 
B 1 41  ASP 41  40  40  ASP ASP B . n 
B 1 42  GLY 42  41  41  GLY GLY B . n 
B 1 43  ASN 43  42  42  ASN ASN B . n 
B 1 44  ARG 44  43  43  ARG ARG B . n 
B 1 45  GLN 45  44  44  GLN GLN B . n 
B 1 46  ILE 46  45  45  ILE ILE B . n 
B 1 47  ILE 47  46  46  ILE ILE B . n 
B 1 48  GLY 48  47  47  GLY GLY B . n 
B 1 49  TYR 49  48  48  TYR TYR B . n 
B 1 50  VAL 50  49  49  VAL VAL B . n 
B 1 51  ILE 51  50  50  ILE ILE B . n 
B 1 52  GLY 52  51  51  GLY GLY B . n 
B 1 53  THR 53  52  52  THR THR B . n 
B 1 54  GLN 54  53  53  GLN GLN B . n 
B 1 55  GLN 55  54  54  GLN GLN B . n 
B 1 56  ALA 56  55  55  ALA ALA B . n 
B 1 57  THR 57  56  56  THR THR B . n 
B 1 58  PRO 58  57  57  PRO PRO B . n 
B 1 59  GLY 59  58  58  GLY GLY B . n 
B 1 60  PRO 60  59  59  PRO PRO B . n 
B 1 61  ALA 61  60  60  ALA ALA B . n 
B 1 62  TYR 62  61  61  TYR TYR B . n 
B 1 63  SER 63  62  62  SER SER B . n 
B 1 64  GLY 64  63  63  GLY GLY B . n 
B 1 65  ARG 65  64  64  ARG ARG B . n 
B 1 66  GLU 66  65  65  GLU GLU B . n 
B 1 67  ILE 67  66  66  ILE ILE B . n 
B 1 68  ILE 68  67  67  ILE ILE B . n 
B 1 69  TYR 69  68  68  TYR TYR B . n 
B 1 70  PRO 70  69  69  PRO PRO B . n 
B 1 71  ASN 71  70  70  ASN ASN B . n 
B 1 72  ALA 72  71  71  ALA ALA B . n 
B 1 73  SER 73  72  72  SER SER B . n 
B 1 74  LEU 74  73  73  LEU LEU B . n 
B 1 75  LEU 75  74  74  LEU LEU B . n 
B 1 76  ILE 76  75  75  ILE ILE B . n 
B 1 77  GLN 77  76  76  GLN GLN B . n 
B 1 78  ASN 78  77  77  ASN ASN B . n 
B 1 79  ILE 79  78  78  ILE ILE B . n 
B 1 80  ILE 80  79  79  ILE ILE B . n 
B 1 81  GLN 81  80  80  GLN GLN B . n 
B 1 82  ASN 82  81  81  ASN ASN B . n 
B 1 83  ASP 83  82  82  ASP ASP B . n 
B 1 84  ALA 84  83  83  ALA ALA B . n 
B 1 85  GLY 85  84  84  GLY GLY B . n 
B 1 86  PHE 86  85  85  PHE PHE B . n 
B 1 87  TYR 87  86  86  TYR TYR B . n 
B 1 88  THR 88  87  87  THR THR B . n 
B 1 89  LEU 89  88  88  LEU LEU B . n 
B 1 90  HIS 90  89  89  HIS HIS B . n 
B 1 91  VAL 91  90  90  VAL VAL B . n 
B 1 92  ILE 92  91  91  ILE ILE B . n 
B 1 93  LYS 93  92  92  LYS LYS B . n 
B 1 94  SER 94  93  93  SER SER B . n 
B 1 95  ASP 95  94  94  ASP ASP B . n 
B 1 96  LEU 96  95  95  LEU LEU B . n 
B 1 97  VAL 97  96  96  VAL VAL B . n 
B 1 98  ASN 98  97  97  ASN ASN B . n 
B 1 99  GLU 99  98  98  GLU GLU B . n 
B 1 100 GLU 100 99  99  GLU GLU B . n 
B 1 101 ALA 101 100 100 ALA ALA B . n 
B 1 102 THR 102 101 101 THR THR B . n 
B 1 103 GLY 103 102 102 GLY GLY B . n 
B 1 104 GLN 104 103 103 GLN GLN B . n 
B 1 105 PHE 105 104 104 PHE PHE B . n 
B 1 106 ARG 106 105 105 ARG ARG B . n 
B 1 107 VAL 107 106 106 VAL VAL B . n 
B 1 108 TYR 108 107 107 TYR TYR B . n 
B 1 109 PRO 109 108 108 PRO PRO B . n 
B 1 110 GLU 110 109 109 GLU GLU B . n 
B 1 111 LEU 111 110 110 LEU LEU B . n 
# 
loop_
_pdbx_nonpoly_scheme.asym_id 
_pdbx_nonpoly_scheme.entity_id 
_pdbx_nonpoly_scheme.mon_id 
_pdbx_nonpoly_scheme.ndb_seq_num 
_pdbx_nonpoly_scheme.pdb_seq_num 
_pdbx_nonpoly_scheme.auth_seq_num 
_pdbx_nonpoly_scheme.pdb_mon_id 
_pdbx_nonpoly_scheme.auth_mon_id 
_pdbx_nonpoly_scheme.pdb_strand_id 
_pdbx_nonpoly_scheme.pdb_ins_code 
C 2 HOH 1 201 201 HOH HOH A . 
C 2 HOH 2 202 202 HOH HOH A . 
C 2 HOH 3 204 204 HOH HOH A . 
C 2 HOH 4 206 206 HOH HOH A . 
C 2 HOH 5 210 210 HOH HOH A . 
C 2 HOH 6 212 212 HOH HOH A . 
D 2 HOH 1 203 203 HOH HOH B . 
D 2 HOH 2 205 205 HOH HOH B . 
D 2 HOH 3 207 207 HOH HOH B . 
D 2 HOH 4 208 208 HOH HOH B . 
D 2 HOH 5 209 209 HOH HOH B . 
# 
loop_
_software.name 
_software.version 
_software.date 
_software.type 
_software.contact_author 
_software.contact_author_email 
_software.classification 
_software.location 
_software.language 
_software.citation_id 
_software.pdbx_ordinal 
REFMAC       .     ?              program 'Murshudov, G.N.' ccp4@dl.ac.uk            refinement        
http://www.ccp4.ac.uk/main.html  Fortran_77 ? 1 
PDB_EXTRACT  3.000 'July 2, 2007' package PDB               sw-help@rcsb.rutgers.edu 'data extraction' 
http://pdb.rutgers.edu/software/ C++        ? 2 
CrystalClear .     ?              ?       ?                 ?                        'data collection' ? ?          ? 3 
HKL-2000     .     ?              ?       ?                 ?                        'data reduction'  ? ?          ? 4 
HKL-2000     .     ?              ?       ?                 ?                        'data scaling'    ? ?          ? 5 
MOLREP       .     ?              ?       ?                 ?                        phasing           ? ?          ? 6 
# 
_cell.length_a           127.228 
_cell.length_b           127.228 
_cell.length_c           166.940 
_cell.angle_alpha        90.000 
_cell.angle_beta         90.000 
_cell.angle_gamma        120.000 
_cell.entry_id           2QST 
_cell.pdbx_unique_axis   ? 
_cell.Z_PDB              36 
_cell.length_a_esd       ? 
_cell.length_b_esd       ? 
_cell.length_c_esd       ? 
_cell.angle_alpha_esd    ? 
_cell.angle_beta_esd     ? 
_cell.angle_gamma_esd    ? 
# 
_symmetry.space_group_name_H-M             'H 3 2' 
_symmetry.entry_id                         2QST 
_symmetry.pdbx_full_space_group_name_H-M   ? 
_symmetry.Int_Tables_number                155 
_symmetry.cell_setting                     ? 
_symmetry.space_group_name_Hall            ? 
# 
_exptl.crystals_number   1 
_exptl.entry_id          2QST 
_exptl.method            'X-RAY DIFFRACTION' 
# 
_exptl_crystal.id                    1 
_exptl_crystal.density_Matthews      5.23 
_exptl_crystal.density_meas          ? 
_exptl_crystal.density_percent_sol   76.47 
_exptl_crystal.description           ? 
_exptl_crystal.F_000                 ? 
_exptl_crystal.preparation           ? 
# 
_exptl_crystal_grow.crystal_id      1 
_exptl_crystal_grow.method          'VAPOR DIFFUSION' 
_exptl_crystal_grow.pH              7.0 
_exptl_crystal_grow.temp            277 
_exptl_crystal_grow.pdbx_details    '2.5 M NaCl, 0.1 M Tris-HCl, pH 7.0, vapor diffusion, temperature 277K' 
_exptl_crystal_grow.temp_details    ? 
_exptl_crystal_grow.pdbx_pH_range   . 
# 
_diffrn.id                     1 
_diffrn.ambient_temp           100 
_diffrn.ambient_temp_details   ? 
_diffrn.crystal_id             1 
# 
_diffrn_detector.diffrn_id              1 
_diffrn_detector.detector               'IMAGE PLATE' 
_diffrn_detector.type                   'RIGAKU RAXIS IV++' 
_diffrn_detector.pdbx_collection_date   2006-10-12 
_diffrn_detector.details                mirrors 
# 
_diffrn_radiation.diffrn_id                        1 
_diffrn_radiation.pdbx_diffrn_protocol             'SINGLE WAVELENGTH' 
_diffrn_radiation.monochromator                    ? 
_diffrn_radiation.wavelength_id                    1 
_diffrn_radiation.pdbx_monochromatic_or_laue_m_l   M 
_diffrn_radiation.pdbx_scattering_type             x-ray 
# 
_diffrn_radiation_wavelength.id           1 
_diffrn_radiation_wavelength.wavelength   1.54178 
_diffrn_radiation_wavelength.wt           1.0 
# 
_diffrn_source.diffrn_id                   1 
_diffrn_source.source                      'ROTATING ANODE' 
_diffrn_source.type                        'RIGAKU MICROMAX-002' 
_diffrn_source.pdbx_wavelength_list        1.54178 
_diffrn_source.pdbx_wavelength             ? 
_diffrn_source.pdbx_synchrotron_site       ? 
_diffrn_source.pdbx_synchrotron_beamline   ? 
# 
_reflns.entry_id                     2QST 
_reflns.observed_criterion_sigma_F   0 
_reflns.observed_criterion_sigma_I   0 
_reflns.d_resolution_high            2.9 
_reflns.d_resolution_low             50 
_reflns.number_all                   11745 
_reflns.number_obs                   11745 
_reflns.percent_possible_obs         100.0 
_reflns.pdbx_Rmerge_I_obs            0.228 
_reflns.pdbx_Rsym_value              ? 
_reflns.pdbx_netI_over_sigmaI        9 
_reflns.B_iso_Wilson_estimate        ? 
_reflns.pdbx_redundancy              8.9 
_reflns.R_free_details               ? 
_reflns.limit_h_max                  ? 
_reflns.limit_h_min                  ? 
_reflns.limit_k_max                  ? 
_reflns.limit_k_min                  ? 
_reflns.limit_l_max                  ? 
_reflns.limit_l_min                  ? 
_reflns.observed_criterion_F_max     ? 
_reflns.observed_criterion_F_min     ? 
_reflns.pdbx_chi_squared             ? 
_reflns.pdbx_scaling_rejects         ? 
_reflns.pdbx_diffrn_id               1 
_reflns.pdbx_ordinal                 1 
# 
_reflns_shell.d_res_high             2.9 
_reflns_shell.d_res_low              3.0 
_reflns_shell.percent_possible_obs   ? 
_reflns_shell.percent_possible_all   99.8 
_reflns_shell.Rmerge_I_obs           ? 
_reflns_shell.meanI_over_sigI_obs    1.2 
_reflns_shell.pdbx_Rsym_value        ? 
_reflns_shell.pdbx_redundancy        7.7 
_reflns_shell.number_unique_all      1152 
_reflns_shell.number_measured_all    ? 
_reflns_shell.number_measured_obs    ? 
_reflns_shell.number_unique_obs      ? 
_reflns_shell.pdbx_chi_squared       ? 
_reflns_shell.pdbx_diffrn_id         ? 
_reflns_shell.pdbx_ordinal           1 
# 
_refine.entry_id                                 2QST 
_refine.ls_d_res_high                            2.9 
_refine.ls_d_res_low                             41.89 
_refine.pdbx_ls_sigma_F                          0.00 
_refine.ls_percent_reflns_obs                    99.910 
_refine.ls_number_reflns_obs                     11744 
_refine.pdbx_ls_cross_valid_method               THROUGHOUT 
_refine.pdbx_R_Free_selection_details            RANDOM 
_refine.details                                  'HYDROGENS HAVE BEEN ADDED IN THE RIDING POSITIONS' 
_refine.ls_R_factor_obs                          0.215 
_refine.ls_R_factor_R_work                       0.215 
_refine.ls_R_factor_R_free                       0.250 
_refine.ls_percent_reflns_R_free                 4.700 
_refine.ls_number_reflns_R_free                  556 
_refine.B_iso_mean                               51.103 
_refine.aniso_B[1][1]                            -2.510 
_refine.aniso_B[2][2]                            -2.510 
_refine.aniso_B[3][3]                            3.770 
_refine.aniso_B[1][2]                            -1.260 
_refine.aniso_B[1][3]                            0.000 
_refine.aniso_B[2][3]                            0.000 
_refine.correlation_coeff_Fo_to_Fc               0.922 
_refine.correlation_coeff_Fo_to_Fc_free          0.894 
_refine.pdbx_overall_ESU_R                       0.441 
_refine.pdbx_overall_ESU_R_Free                  0.299 
_refine.overall_SU_ML                            0.229 
_refine.overall_SU_B                             12.111 
_refine.solvent_model_details                    MASK 
_refine.pdbx_solvent_vdw_probe_radii             1.400 
_refine.pdbx_solvent_ion_probe_radii             0.800 
_refine.pdbx_solvent_shrinkage_radii             0.800 
_refine.pdbx_method_to_determine_struct          ? 
_refine.pdbx_stereochemistry_target_values       'MAXIMUM LIKELIHOOD' 
_refine.pdbx_ls_sigma_I                          0 
_refine.ls_number_reflns_all                     11744 
_refine.ls_R_factor_all                          ? 
_refine.ls_redundancy_reflns_obs                 ? 
_refine.pdbx_data_cutoff_high_absF               ? 
_refine.pdbx_data_cutoff_low_absF                ? 
_refine.ls_number_parameters                     ? 
_refine.ls_number_restraints                     ? 
_refine.ls_R_factor_R_free_error                 ? 
_refine.ls_R_factor_R_free_error_details         ? 
_refine.pdbx_starting_model                      ? 
_refine.pdbx_stereochem_target_val_spec_case     ? 
_refine.solvent_model_param_bsol                 ? 
_refine.solvent_model_param_ksol                 ? 
_refine.occupancy_max                            ? 
_refine.occupancy_min                            ? 
_refine.pdbx_isotropic_thermal_model             ? 
_refine.B_iso_min                                ? 
_refine.B_iso_max                                ? 
_refine.overall_SU_R_Cruickshank_DPI             ? 
_refine.overall_SU_R_free                        ? 
_refine.pdbx_data_cutoff_high_rms_absF           ? 
_refine.ls_wR_factor_R_free                      ? 
_refine.ls_wR_factor_R_work                      ? 
_refine.overall_FOM_free_R_set                   ? 
_refine.overall_FOM_work_R_set                   ? 
_refine.pdbx_refine_id                           'X-RAY DIFFRACTION' 
_refine.pdbx_diffrn_id                           1 
_refine.pdbx_TLS_residual_ADP_flag               ? 
_refine.pdbx_overall_phase_error                 ? 
_refine.pdbx_overall_SU_R_free_Cruickshank_DPI   ? 
_refine.pdbx_overall_SU_R_Blow_DPI               ? 
_refine.pdbx_overall_SU_R_free_Blow_DPI          ? 
# 
_refine_hist.pdbx_refine_id                   'X-RAY DIFFRACTION' 
_refine_hist.cycle_id                         LAST 
_refine_hist.pdbx_number_atoms_protein        1832 
_refine_hist.pdbx_number_atoms_nucleic_acid   0 
_refine_hist.pdbx_number_atoms_ligand         0 
_refine_hist.number_atoms_solvent             11 
_refine_hist.number_atoms_total               1843 
_refine_hist.d_res_high                       2.9 
_refine_hist.d_res_low                        41.89 
# 
loop_
_refine_ls_restr.type 
_refine_ls_restr.number 
_refine_ls_restr.dev_ideal 
_refine_ls_restr.dev_ideal_target 
_refine_ls_restr.weight 
_refine_ls_restr.pdbx_refine_id 
_refine_ls_restr.pdbx_restraint_function 
r_bond_refined_d         1881 0.012  0.022  ? 'X-RAY DIFFRACTION' ? 
r_angle_refined_deg      2556 1.458  1.954  ? 'X-RAY DIFFRACTION' ? 
r_dihedral_angle_1_deg   226  7.379  5.000  ? 'X-RAY DIFFRACTION' ? 
r_dihedral_angle_2_deg   98   43.853 25.102 ? 'X-RAY DIFFRACTION' ? 
r_dihedral_angle_3_deg   321  20.589 15.000 ? 'X-RAY DIFFRACTION' ? 
r_dihedral_angle_4_deg   9    22.824 15.000 ? 'X-RAY DIFFRACTION' ? 
r_chiral_restr           281  0.101  0.200  ? 'X-RAY DIFFRACTION' ? 
r_gen_planes_refined     1449 0.004  0.020  ? 'X-RAY DIFFRACTION' ? 
r_nbd_refined            886  0.231  0.200  ? 'X-RAY DIFFRACTION' ? 
r_nbtor_refined          1316 0.321  0.200  ? 'X-RAY DIFFRACTION' ? 
r_xyhbond_nbd_refined    70   0.134  0.200  ? 'X-RAY DIFFRACTION' ? 
r_symmetry_vdw_refined   30   0.203  0.200  ? 'X-RAY DIFFRACTION' ? 
r_symmetry_hbond_refined 3    0.153  0.200  ? 'X-RAY DIFFRACTION' ? 
r_mcbond_it              1144 0.672  1.500  ? 'X-RAY DIFFRACTION' ? 
r_mcangle_it             1830 1.202  2.000  ? 'X-RAY DIFFRACTION' ? 
r_scbond_it              826  1.150  3.000  ? 'X-RAY DIFFRACTION' ? 
r_scangle_it             726  1.995  4.500  ? 'X-RAY DIFFRACTION' ? 
# 
_refine_ls_shell.d_res_high                       2.9 
_refine_ls_shell.d_res_low                        2.974 
_refine_ls_shell.pdbx_total_number_of_bins_used   20 
_refine_ls_shell.percent_reflns_obs               99.300 
_refine_ls_shell.number_reflns_R_work             822 
_refine_ls_shell.R_factor_all                     ? 
_refine_ls_shell.R_factor_R_work                  0.350 
_refine_ls_shell.R_factor_R_free                  0.429 
_refine_ls_shell.percent_reflns_R_free            ? 
_refine_ls_shell.number_reflns_R_free             28 
_refine_ls_shell.R_factor_R_free_error            ? 
_refine_ls_shell.number_reflns_all                850 
_refine_ls_shell.number_reflns_obs                ? 
_refine_ls_shell.redundancy_reflns_obs            ? 
_refine_ls_shell.pdbx_refine_id                   'X-RAY DIFFRACTION' 
# 
_struct.entry_id                  2QST 
_struct.title                     'Crystal structure of the V39C mutant of the N-terminal domain of carcinoembryonic antigen (CEA)' 
_struct.pdbx_model_details        ? 
_struct.pdbx_CASP_flag            ? 
_struct.pdbx_model_type_details   ? 
# 
_struct_keywords.entry_id        2QST 
_struct_keywords.text            
'cell adhesion, Glycoprotein, GPI-anchor, Immunoglobulin domain, Lipoprotein, Membrane, Polymorphism' 
_struct_keywords.pdbx_keywords   'CELL ADHESION' 
# 
loop_
_struct_asym.id 
_struct_asym.pdbx_blank_PDB_chainid_flag 
_struct_asym.pdbx_modified 
_struct_asym.entity_id 
_struct_asym.details 
A N N 1 ? 
B N N 1 ? 
C N N 2 ? 
D N N 2 ? 
# 
_struct_ref.id                         1 
_struct_ref.db_name                    UNP 
_struct_ref.db_code                    CEAM5_HUMAN 
_struct_ref.pdbx_db_accession          P06731 
_struct_ref.entity_id                  1 
_struct_ref.pdbx_seq_one_letter_code   
;AKLTIESTPFNVAEGKEVLLLVHNLPQHLFGYSWYKGERVDGNRQIIGYVIGTQQATPGPAYSGREIIYPNASLLIQNII
QNDTGFYTLHVIKSDLVNEEATGQFRVYPEL
;
_struct_ref.pdbx_align_begin           34 
_struct_ref.pdbx_db_isoform            ? 
# 
loop_
_struct_ref_seq.align_id 
_struct_ref_seq.ref_id 
_struct_ref_seq.pdbx_PDB_id_code 
_struct_ref_seq.pdbx_strand_id 
_struct_ref_seq.seq_align_beg 
_struct_ref_seq.pdbx_seq_align_beg_ins_code 
_struct_ref_seq.seq_align_end 
_struct_ref_seq.pdbx_seq_align_end_ins_code 
_struct_ref_seq.pdbx_db_accession 
_struct_ref_seq.db_align_beg 
_struct_ref_seq.pdbx_db_align_beg_ins_code 
_struct_ref_seq.db_align_end 
_struct_ref_seq.pdbx_db_align_end_ins_code 
_struct_ref_seq.pdbx_auth_seq_align_beg 
_struct_ref_seq.pdbx_auth_seq_align_end 
1 1 2QST A 1 ? 111 ? P06731 34 ? 144 ? 0 110 
2 1 2QST B 1 ? 111 ? P06731 34 ? 144 ? 0 110 
# 
loop_
_struct_ref_seq_dif.align_id 
_struct_ref_seq_dif.pdbx_pdb_id_code 
_struct_ref_seq_dif.mon_id 
_struct_ref_seq_dif.pdbx_pdb_strand_id 
_struct_ref_seq_dif.seq_num 
_struct_ref_seq_dif.pdbx_pdb_ins_code 
_struct_ref_seq_dif.pdbx_seq_db_name 
_struct_ref_seq_dif.pdbx_seq_db_accession_code 
_struct_ref_seq_dif.db_mon_id 
_struct_ref_seq_dif.pdbx_seq_db_seq_num 
_struct_ref_seq_dif.details 
_struct_ref_seq_dif.pdbx_auth_seq_num 
_struct_ref_seq_dif.pdbx_ordinal 
1 2QST CYS A 40 ? UNP P06731 VAL 73  'engineered mutation' 39 1 
1 2QST ALA A 84 ? UNP P06731 THR 117 'SEE REMARK 999'      83 2 
2 2QST CYS B 40 ? UNP P06731 VAL 73  'engineered mutation' 39 3 
2 2QST ALA B 84 ? UNP P06731 THR 117 'SEE REMARK 999'      83 4 
# 
loop_
_pdbx_struct_assembly.id 
_pdbx_struct_assembly.details 
_pdbx_struct_assembly.method_details 
_pdbx_struct_assembly.oligomeric_details 
_pdbx_struct_assembly.oligomeric_count 
1 author_and_software_defined_assembly PISA dimeric 2 
2 author_and_software_defined_assembly PISA dimeric 2 
# 
loop_
_pdbx_struct_assembly_prop.biol_id 
_pdbx_struct_assembly_prop.type 
_pdbx_struct_assembly_prop.value 
_pdbx_struct_assembly_prop.details 
1 'ABSA (A^2)' 1830 ? 
2 'ABSA (A^2)' 1260 ? 
# 
loop_
_pdbx_struct_assembly_gen.assembly_id 
_pdbx_struct_assembly_gen.oper_expression 
_pdbx_struct_assembly_gen.asym_id_list 
1 1,2 A,C 
2 1,3 B,D 
# 
loop_
_pdbx_struct_oper_list.id 
_pdbx_struct_oper_list.type 
_pdbx_struct_oper_list.name 
_pdbx_struct_oper_list.symmetry_operation 
_pdbx_struct_oper_list.matrix[1][1] 
_pdbx_struct_oper_list.matrix[1][2] 
_pdbx_struct_oper_list.matrix[1][3] 
_pdbx_struct_oper_list.vector[1] 
_pdbx_struct_oper_list.matrix[2][1] 
_pdbx_struct_oper_list.matrix[2][2] 
_pdbx_struct_oper_list.matrix[2][3] 
_pdbx_struct_oper_list.vector[2] 
_pdbx_struct_oper_list.matrix[3][1] 
_pdbx_struct_oper_list.matrix[3][2] 
_pdbx_struct_oper_list.matrix[3][3] 
_pdbx_struct_oper_list.vector[3] 
1 'identity operation'         1_555  x,y,z                  1.0000000000  0.0000000000  0.0000000000 0.0000000000  0.0000000000  1.0000000000  0.0000000000  0.0000000000   0.0000000000 0.0000000000  1.0000000000  0.0000000000  
2 'crystal symmetry operation' 5_555  x-y,-y,-z              0.1058108485  -0.9874503385 0.1172428822 28.9600313970 -0.9874503385 -0.1182414495 -0.1046937854 31.3193023165  0.1172428822 -0.1046937854 -0.9875693990 -9.3656962260 
3 'crystal symmetry operation' 12_555 -x+2/3,-x+y+1/3,-z+1/3 -0.9854438450 0.1534677640  0.0731305256 15.9557343237 0.1534677640  0.6180340606  0.7710262936  -15.9764989492 0.0731305256 0.7710262936  -0.6325902156 30.3515311940 
# 
_struct_biol.id        1 
_struct_biol.details   
;The two chains in the asymmetric unit (A,B) are parts of two biological units.  A (x,y,z) and its crystallographically related partner, A'(x-y,-y,-z) form one dimer.  B (x,y,z) and its crystallographically related partner, B' (2/3-x,1/3+y-x,1/3-z) form a similar, but slightly different, dimer.
;
# 
loop_
_struct_conf.conf_type_id 
_struct_conf.id 
_struct_conf.pdbx_PDB_helix_id 
_struct_conf.beg_label_comp_id 
_struct_conf.beg_label_asym_id 
_struct_conf.beg_label_seq_id 
_struct_conf.pdbx_beg_PDB_ins_code 
_struct_conf.end_label_comp_id 
_struct_conf.end_label_asym_id 
_struct_conf.end_label_seq_id 
_struct_conf.pdbx_end_PDB_ins_code 
_struct_conf.beg_auth_comp_id 
_struct_conf.beg_auth_asym_id 
_struct_conf.beg_auth_seq_id 
_struct_conf.end_auth_comp_id 
_struct_conf.end_auth_asym_id 
_struct_conf.end_auth_seq_id 
_struct_conf.pdbx_PDB_helix_class 
_struct_conf.details 
_struct_conf.pdbx_PDB_helix_length 
HELX_P HELX_P1 1 ASP A 41 ? ASN A 43 ? ASP A 40 ASN A 42 5 ? 3 
HELX_P HELX_P2 2 ILE A 80 ? ALA A 84 ? ILE A 79 ALA A 83 5 ? 5 
HELX_P HELX_P3 3 ILE B 80 ? ALA B 84 ? ILE B 79 ALA B 83 5 ? 5 
# 
_struct_conf_type.id          HELX_P 
_struct_conf_type.criteria    ? 
_struct_conf_type.reference   ? 
# 
loop_
_struct_mon_prot_cis.pdbx_id 
_struct_mon_prot_cis.label_comp_id 
_struct_mon_prot_cis.label_seq_id 
_struct_mon_prot_cis.label_asym_id 
_struct_mon_prot_cis.label_alt_id 
_struct_mon_prot_cis.pdbx_PDB_ins_code 
_struct_mon_prot_cis.auth_comp_id 
_struct_mon_prot_cis.auth_seq_id 
_struct_mon_prot_cis.auth_asym_id 
_struct_mon_prot_cis.pdbx_label_comp_id_2 
_struct_mon_prot_cis.pdbx_label_seq_id_2 
_struct_mon_prot_cis.pdbx_label_asym_id_2 
_struct_mon_prot_cis.pdbx_PDB_ins_code_2 
_struct_mon_prot_cis.pdbx_auth_comp_id_2 
_struct_mon_prot_cis.pdbx_auth_seq_id_2 
_struct_mon_prot_cis.pdbx_auth_asym_id_2 
_struct_mon_prot_cis.pdbx_PDB_model_num 
_struct_mon_prot_cis.pdbx_omega_angle 
1 THR 8 A . ? THR 7 A PRO 9 A ? PRO 8 A 1 2.87  
2 THR 8 B . ? THR 7 B PRO 9 B ? PRO 8 B 1 -2.25 
# 
loop_
_struct_sheet.id 
_struct_sheet.type 
_struct_sheet.number_strands 
_struct_sheet.details 
A ? 4 ? 
B ? 6 ? 
C ? 4 ? 
D ? 6 ? 
# 
loop_
_struct_sheet_order.sheet_id 
_struct_sheet_order.range_id_1 
_struct_sheet_order.range_id_2 
_struct_sheet_order.offset 
_struct_sheet_order.sense 
A 1 2 ? anti-parallel 
A 2 3 ? anti-parallel 
A 3 4 ? anti-parallel 
B 1 2 ? parallel      
B 2 3 ? anti-parallel 
B 3 4 ? anti-parallel 
B 4 5 ? anti-parallel 
B 5 6 ? anti-parallel 
C 1 2 ? anti-parallel 
C 2 3 ? anti-parallel 
C 3 4 ? anti-parallel 
D 1 2 ? parallel      
D 2 3 ? anti-parallel 
D 3 4 ? anti-parallel 
D 4 5 ? anti-parallel 
D 5 6 ? anti-parallel 
# 
loop_
_struct_sheet_range.sheet_id 
_struct_sheet_range.id 
_struct_sheet_range.beg_label_comp_id 
_struct_sheet_range.beg_label_asym_id 
_struct_sheet_range.beg_label_seq_id 
_struct_sheet_range.pdbx_beg_PDB_ins_code 
_struct_sheet_range.end_label_comp_id 
_struct_sheet_range.end_label_asym_id 
_struct_sheet_range.end_label_seq_id 
_struct_sheet_range.pdbx_end_PDB_ins_code 
_struct_sheet_range.beg_auth_comp_id 
_struct_sheet_range.beg_auth_asym_id 
_struct_sheet_range.beg_auth_seq_id 
_struct_sheet_range.end_auth_comp_id 
_struct_sheet_range.end_auth_asym_id 
_struct_sheet_range.end_auth_seq_id 
A 1 THR A 4  ? THR A 8   ? THR A 3  THR A 7   
A 2 VAL A 18 ? HIS A 23  ? VAL A 17 HIS A 22  
A 3 LEU A 74 ? ILE A 76  ? LEU A 73 ILE A 75  
A 4 GLU A 66 ? ILE A 68  ? GLU A 65 ILE A 67  
B 1 ASN A 11 ? ALA A 13  ? ASN A 10 ALA A 12  
B 2 GLU A 99 ? TYR A 108 ? GLU A 98 TYR A 107 
B 3 GLY A 85 ? LYS A 93  ? GLY A 84 LYS A 92  
B 4 LEU A 29 ? LYS A 36  ? LEU A 28 LYS A 35  
B 5 GLN A 45 ? VAL A 50  ? GLN A 44 VAL A 49  
B 6 GLN A 55 ? PRO A 58  ? GLN A 54 PRO A 57  
C 1 THR B 4  ? THR B 8   ? THR B 3  THR B 7   
C 2 VAL B 18 ? HIS B 23  ? VAL B 17 HIS B 22  
C 3 LEU B 74 ? ILE B 76  ? LEU B 73 ILE B 75  
C 4 GLU B 66 ? ILE B 68  ? GLU B 65 ILE B 67  
D 1 ASN B 11 ? ALA B 13  ? ASN B 10 ALA B 12  
D 2 ASN B 98 ? TYR B 108 ? ASN B 97 TYR B 107 
D 3 GLY B 85 ? LYS B 93  ? GLY B 84 LYS B 92  
D 4 LEU B 29 ? LYS B 36  ? LEU B 28 LYS B 35  
D 5 GLN B 45 ? VAL B 50  ? GLN B 44 VAL B 49  
D 6 ALA B 56 ? PRO B 58  ? ALA B 55 PRO B 57  
# 
loop_
_pdbx_struct_sheet_hbond.sheet_id 
_pdbx_struct_sheet_hbond.range_id_1 
_pdbx_struct_sheet_hbond.range_id_2 
_pdbx_struct_sheet_hbond.range_1_label_atom_id 
_pdbx_struct_sheet_hbond.range_1_label_comp_id 
_pdbx_struct_sheet_hbond.range_1_label_asym_id 
_pdbx_struct_sheet_hbond.range_1_label_seq_id 
_pdbx_struct_sheet_hbond.range_1_PDB_ins_code 
_pdbx_struct_sheet_hbond.range_1_auth_atom_id 
_pdbx_struct_sheet_hbond.range_1_auth_comp_id 
_pdbx_struct_sheet_hbond.range_1_auth_asym_id 
_pdbx_struct_sheet_hbond.range_1_auth_seq_id 
_pdbx_struct_sheet_hbond.range_2_label_atom_id 
_pdbx_struct_sheet_hbond.range_2_label_comp_id 
_pdbx_struct_sheet_hbond.range_2_label_asym_id 
_pdbx_struct_sheet_hbond.range_2_label_seq_id 
_pdbx_struct_sheet_hbond.range_2_PDB_ins_code 
_pdbx_struct_sheet_hbond.range_2_auth_atom_id 
_pdbx_struct_sheet_hbond.range_2_auth_comp_id 
_pdbx_struct_sheet_hbond.range_2_auth_asym_id 
_pdbx_struct_sheet_hbond.range_2_auth_seq_id 
A 1 2 N THR A 4   ? N THR A 3   O HIS A 23  ? O HIS A 22  
A 2 3 N LEU A 20  ? N LEU A 19  O LEU A 74  ? O LEU A 73  
A 3 4 O LEU A 75  ? O LEU A 74  N ILE A 67  ? N ILE A 66  
B 1 2 N VAL A 12  ? N VAL A 11  O ARG A 106 ? O ARG A 105 
B 2 3 O ALA A 101 ? O ALA A 100 N LEU A 89  ? N LEU A 88  
B 3 4 O THR A 88  ? O THR A 87  N TYR A 35  ? N TYR A 34  
B 4 5 N TRP A 34  ? N TRP A 33  O ILE A 46  ? O ILE A 45  
B 5 6 N GLY A 48  ? N GLY A 47  O THR A 57  ? O THR A 56  
C 1 2 N THR B 4   ? N THR B 3   O HIS B 23  ? O HIS B 22  
C 2 3 N LEU B 20  ? N LEU B 19  O LEU B 74  ? O LEU B 73  
C 3 4 O LEU B 75  ? O LEU B 74  N ILE B 67  ? N ILE B 66  
D 1 2 N VAL B 12  ? N VAL B 11  O ARG B 106 ? O ARG B 105 
D 2 3 O GLY B 103 ? O GLY B 102 N TYR B 87  ? N TYR B 86  
D 3 4 O THR B 88  ? O THR B 87  N TYR B 35  ? N TYR B 34  
D 4 5 N TRP B 34  ? N TRP B 33  O ILE B 46  ? O ILE B 45  
D 5 6 N GLY B 48  ? N GLY B 47  O THR B 57  ? O THR B 56  
# 
_pdbx_validate_close_contact.id               1 
_pdbx_validate_close_contact.PDB_model_num    1 
_pdbx_validate_close_contact.auth_atom_id_1   NE2 
_pdbx_validate_close_contact.auth_asym_id_1   B 
_pdbx_validate_close_contact.auth_comp_id_1   GLN 
_pdbx_validate_close_contact.auth_seq_id_1    80 
_pdbx_validate_close_contact.PDB_ins_code_1   ? 
_pdbx_validate_close_contact.label_alt_id_1   ? 
_pdbx_validate_close_contact.auth_atom_id_2   O 
_pdbx_validate_close_contact.auth_asym_id_2   B 
_pdbx_validate_close_contact.auth_comp_id_2   VAL 
_pdbx_validate_close_contact.auth_seq_id_2    106 
_pdbx_validate_close_contact.PDB_ins_code_2   ? 
_pdbx_validate_close_contact.label_alt_id_2   ? 
_pdbx_validate_close_contact.dist             2.19 
# 
_pdbx_validate_rmsd_angle.id                         1 
_pdbx_validate_rmsd_angle.PDB_model_num              1 
_pdbx_validate_rmsd_angle.auth_atom_id_1             CB 
_pdbx_validate_rmsd_angle.auth_asym_id_1             A 
_pdbx_validate_rmsd_angle.auth_comp_id_1             GLN 
_pdbx_validate_rmsd_angle.auth_seq_id_1              76 
_pdbx_validate_rmsd_angle.PDB_ins_code_1             ? 
_pdbx_validate_rmsd_angle.label_alt_id_1             ? 
_pdbx_validate_rmsd_angle.auth_atom_id_2             CA 
_pdbx_validate_rmsd_angle.auth_asym_id_2             A 
_pdbx_validate_rmsd_angle.auth_comp_id_2             GLN 
_pdbx_validate_rmsd_angle.auth_seq_id_2              76 
_pdbx_validate_rmsd_angle.PDB_ins_code_2             ? 
_pdbx_validate_rmsd_angle.label_alt_id_2             ? 
_pdbx_validate_rmsd_angle.auth_atom_id_3             C 
_pdbx_validate_rmsd_angle.auth_asym_id_3             A 
_pdbx_validate_rmsd_angle.auth_comp_id_3             GLN 
_pdbx_validate_rmsd_angle.auth_seq_id_3              76 
_pdbx_validate_rmsd_angle.PDB_ins_code_3             ? 
_pdbx_validate_rmsd_angle.label_alt_id_3             ? 
_pdbx_validate_rmsd_angle.angle_value                97.49 
_pdbx_validate_rmsd_angle.angle_target_value         110.40 
_pdbx_validate_rmsd_angle.angle_deviation            -12.91 
_pdbx_validate_rmsd_angle.angle_standard_deviation   2.00 
_pdbx_validate_rmsd_angle.linker_flag                N 
# 
loop_
_pdbx_validate_torsion.id 
_pdbx_validate_torsion.PDB_model_num 
_pdbx_validate_torsion.auth_comp_id 
_pdbx_validate_torsion.auth_asym_id 
_pdbx_validate_torsion.auth_seq_id 
_pdbx_validate_torsion.PDB_ins_code 
_pdbx_validate_torsion.label_alt_id 
_pdbx_validate_torsion.phi 
_pdbx_validate_torsion.psi 
1  1 PHE A 29 ? ? -141.85 -45.96  
2  1 PHE A 29 ? ? -137.10 -45.96  
3  1 ASP A 40 ? ? -54.71  101.15  
4  1 ASN A 70 ? A -101.53 59.70   
5  1 ALA A 71 ? ? 62.82   -17.83  
6  1 ALA A 71 ? ? 88.32   -17.83  
7  1 ASN A 77 ? ? 31.98   62.93   
8  1 GLU B 13 ? ? -39.05  150.05  
9  1 LYS B 15 ? ? -83.79  -153.42 
10 1 ASN B 23 ? ? 75.01   47.04   
11 1 HIS B 27 ? ? 76.05   44.26   
12 1 ARG B 38 ? ? 172.19  -57.46  
13 1 CYS B 39 ? ? -107.56 50.67   
14 1 ARG B 43 ? ? 60.78   119.06  
15 1 ALA B 71 ? ? 95.49   -16.15  
# 
_pdbx_validate_peptide_omega.id               1 
_pdbx_validate_peptide_omega.PDB_model_num    1 
_pdbx_validate_peptide_omega.auth_comp_id_1   GLY 
_pdbx_validate_peptide_omega.auth_asym_id_1   B 
_pdbx_validate_peptide_omega.auth_seq_id_1    36 
_pdbx_validate_peptide_omega.PDB_ins_code_1   ? 
_pdbx_validate_peptide_omega.label_alt_id_1   ? 
_pdbx_validate_peptide_omega.auth_comp_id_2   GLU 
_pdbx_validate_peptide_omega.auth_asym_id_2   B 
_pdbx_validate_peptide_omega.auth_seq_id_2    37 
_pdbx_validate_peptide_omega.PDB_ins_code_2   ? 
_pdbx_validate_peptide_omega.label_alt_id_2   ? 
_pdbx_validate_peptide_omega.omega            -147.27 
# 
_pdbx_database_remark.id     999 
_pdbx_database_remark.text   
;Sequence 
 
The sequence was obtained from human cDNA  
and the authors confirmed that ALA is the 
correct sequence. However, the authors do 
not know if it is a mutation introduced by  
PCR or whether it is an SNP that results in 
the different amino acid. 
;
# 
loop_
_chem_comp_atom.comp_id 
_chem_comp_atom.atom_id 
_chem_comp_atom.type_symbol 
_chem_comp_atom.pdbx_aromatic_flag 
_chem_comp_atom.pdbx_stereo_config 
_chem_comp_atom.pdbx_ordinal 
ALA N    N N N 1   
ALA CA   C N S 2   
ALA C    C N N 3   
ALA O    O N N 4   
ALA CB   C N N 5   
ALA OXT  O N N 6   
ALA H    H N N 7   
ALA H2   H N N 8   
ALA HA   H N N 9   
ALA HB1  H N N 10  
ALA HB2  H N N 11  
ALA HB3  H N N 12  
ALA HXT  H N N 13  
ARG N    N N N 14  
ARG CA   C N S 15  
ARG C    C N N 16  
ARG O    O N N 17  
ARG CB   C N N 18  
ARG CG   C N N 19  
ARG CD   C N N 20  
ARG NE   N N N 21  
ARG CZ   C N N 22  
ARG NH1  N N N 23  
ARG NH2  N N N 24  
ARG OXT  O N N 25  
ARG H    H N N 26  
ARG H2   H N N 27  
ARG HA   H N N 28  
ARG HB2  H N N 29  
ARG HB3  H N N 30  
ARG HG2  H N N 31  
ARG HG3  H N N 32  
ARG HD2  H N N 33  
ARG HD3  H N N 34  
ARG HE   H N N 35  
ARG HH11 H N N 36  
ARG HH12 H N N 37  
ARG HH21 H N N 38  
ARG HH22 H N N 39  
ARG HXT  H N N 40  
ASN N    N N N 41  
ASN CA   C N S 42  
ASN C    C N N 43  
ASN O    O N N 44  
ASN CB   C N N 45  
ASN CG   C N N 46  
ASN OD1  O N N 47  
ASN ND2  N N N 48  
ASN OXT  O N N 49  
ASN H    H N N 50  
ASN H2   H N N 51  
ASN HA   H N N 52  
ASN HB2  H N N 53  
ASN HB3  H N N 54  
ASN HD21 H N N 55  
ASN HD22 H N N 56  
ASN HXT  H N N 57  
ASP N    N N N 58  
ASP CA   C N S 59  
ASP C    C N N 60  
ASP O    O N N 61  
ASP CB   C N N 62  
ASP CG   C N N 63  
ASP OD1  O N N 64  
ASP OD2  O N N 65  
ASP OXT  O N N 66  
ASP H    H N N 67  
ASP H2   H N N 68  
ASP HA   H N N 69  
ASP HB2  H N N 70  
ASP HB3  H N N 71  
ASP HD2  H N N 72  
ASP HXT  H N N 73  
CYS N    N N N 74  
CYS CA   C N R 75  
CYS C    C N N 76  
CYS O    O N N 77  
CYS CB   C N N 78  
CYS SG   S N N 79  
CYS OXT  O N N 80  
CYS H    H N N 81  
CYS H2   H N N 82  
CYS HA   H N N 83  
CYS HB2  H N N 84  
CYS HB3  H N N 85  
CYS HG   H N N 86  
CYS HXT  H N N 87  
GLN N    N N N 88  
GLN CA   C N S 89  
GLN C    C N N 90  
GLN O    O N N 91  
GLN CB   C N N 92  
GLN CG   C N N 93  
GLN CD   C N N 94  
GLN OE1  O N N 95  
GLN NE2  N N N 96  
GLN OXT  O N N 97  
GLN H    H N N 98  
GLN H2   H N N 99  
GLN HA   H N N 100 
GLN HB2  H N N 101 
GLN HB3  H N N 102 
GLN HG2  H N N 103 
GLN HG3  H N N 104 
GLN HE21 H N N 105 
GLN HE22 H N N 106 
GLN HXT  H N N 107 
GLU N    N N N 108 
GLU CA   C N S 109 
GLU C    C N N 110 
GLU O    O N N 111 
GLU CB   C N N 112 
GLU CG   C N N 113 
GLU CD   C N N 114 
GLU OE1  O N N 115 
GLU OE2  O N N 116 
GLU OXT  O N N 117 
GLU H    H N N 118 
GLU H2   H N N 119 
GLU HA   H N N 120 
GLU HB2  H N N 121 
GLU HB3  H N N 122 
GLU HG2  H N N 123 
GLU HG3  H N N 124 
GLU HE2  H N N 125 
GLU HXT  H N N 126 
GLY N    N N N 127 
GLY CA   C N N 128 
GLY C    C N N 129 
GLY O    O N N 130 
GLY OXT  O N N 131 
GLY H    H N N 132 
GLY H2   H N N 133 
GLY HA2  H N N 134 
GLY HA3  H N N 135 
GLY HXT  H N N 136 
HIS N    N N N 137 
HIS CA   C N S 138 
HIS C    C N N 139 
HIS O    O N N 140 
HIS CB   C N N 141 
HIS CG   C Y N 142 
HIS ND1  N Y N 143 
HIS CD2  C Y N 144 
HIS CE1  C Y N 145 
HIS NE2  N Y N 146 
HIS OXT  O N N 147 
HIS H    H N N 148 
HIS H2   H N N 149 
HIS HA   H N N 150 
HIS HB2  H N N 151 
HIS HB3  H N N 152 
HIS HD1  H N N 153 
HIS HD2  H N N 154 
HIS HE1  H N N 155 
HIS HE2  H N N 156 
HIS HXT  H N N 157 
HOH O    O N N 158 
HOH H1   H N N 159 
HOH H2   H N N 160 
ILE N    N N N 161 
ILE CA   C N S 162 
ILE C    C N N 163 
ILE O    O N N 164 
ILE CB   C N S 165 
ILE CG1  C N N 166 
ILE CG2  C N N 167 
ILE CD1  C N N 168 
ILE OXT  O N N 169 
ILE H    H N N 170 
ILE H2   H N N 171 
ILE HA   H N N 172 
ILE HB   H N N 173 
ILE HG12 H N N 174 
ILE HG13 H N N 175 
ILE HG21 H N N 176 
ILE HG22 H N N 177 
ILE HG23 H N N 178 
ILE HD11 H N N 179 
ILE HD12 H N N 180 
ILE HD13 H N N 181 
ILE HXT  H N N 182 
LEU N    N N N 183 
LEU CA   C N S 184 
LEU C    C N N 185 
LEU O    O N N 186 
LEU CB   C N N 187 
LEU CG   C N N 188 
LEU CD1  C N N 189 
LEU CD2  C N N 190 
LEU OXT  O N N 191 
LEU H    H N N 192 
LEU H2   H N N 193 
LEU HA   H N N 194 
LEU HB2  H N N 195 
LEU HB3  H N N 196 
LEU HG   H N N 197 
LEU HD11 H N N 198 
LEU HD12 H N N 199 
LEU HD13 H N N 200 
LEU HD21 H N N 201 
LEU HD22 H N N 202 
LEU HD23 H N N 203 
LEU HXT  H N N 204 
LYS N    N N N 205 
LYS CA   C N S 206 
LYS C    C N N 207 
LYS O    O N N 208 
LYS CB   C N N 209 
LYS CG   C N N 210 
LYS CD   C N N 211 
LYS CE   C N N 212 
LYS NZ   N N N 213 
LYS OXT  O N N 214 
LYS H    H N N 215 
LYS H2   H N N 216 
LYS HA   H N N 217 
LYS HB2  H N N 218 
LYS HB3  H N N 219 
LYS HG2  H N N 220 
LYS HG3  H N N 221 
LYS HD2  H N N 222 
LYS HD3  H N N 223 
LYS HE2  H N N 224 
LYS HE3  H N N 225 
LYS HZ1  H N N 226 
LYS HZ2  H N N 227 
LYS HZ3  H N N 228 
LYS HXT  H N N 229 
PHE N    N N N 230 
PHE CA   C N S 231 
PHE C    C N N 232 
PHE O    O N N 233 
PHE CB   C N N 234 
PHE CG   C Y N 235 
PHE CD1  C Y N 236 
PHE CD2  C Y N 237 
PHE CE1  C Y N 238 
PHE CE2  C Y N 239 
PHE CZ   C Y N 240 
PHE OXT  O N N 241 
PHE H    H N N 242 
PHE H2   H N N 243 
PHE HA   H N N 244 
PHE HB2  H N N 245 
PHE HB3  H N N 246 
PHE HD1  H N N 247 
PHE HD2  H N N 248 
PHE HE1  H N N 249 
PHE HE2  H N N 250 
PHE HZ   H N N 251 
PHE HXT  H N N 252 
PRO N    N N N 253 
PRO CA   C N S 254 
PRO C    C N N 255 
PRO O    O N N 256 
PRO CB   C N N 257 
PRO CG   C N N 258 
PRO CD   C N N 259 
PRO OXT  O N N 260 
PRO H    H N N 261 
PRO HA   H N N 262 
PRO HB2  H N N 263 
PRO HB3  H N N 264 
PRO HG2  H N N 265 
PRO HG3  H N N 266 
PRO HD2  H N N 267 
PRO HD3  H N N 268 
PRO HXT  H N N 269 
SER N    N N N 270 
SER CA   C N S 271 
SER C    C N N 272 
SER O    O N N 273 
SER CB   C N N 274 
SER OG   O N N 275 
SER OXT  O N N 276 
SER H    H N N 277 
SER H2   H N N 278 
SER HA   H N N 279 
SER HB2  H N N 280 
SER HB3  H N N 281 
SER HG   H N N 282 
SER HXT  H N N 283 
THR N    N N N 284 
THR CA   C N S 285 
THR C    C N N 286 
THR O    O N N 287 
THR CB   C N R 288 
THR OG1  O N N 289 
THR CG2  C N N 290 
THR OXT  O N N 291 
THR H    H N N 292 
THR H2   H N N 293 
THR HA   H N N 294 
THR HB   H N N 295 
THR HG1  H N N 296 
THR HG21 H N N 297 
THR HG22 H N N 298 
THR HG23 H N N 299 
THR HXT  H N N 300 
TRP N    N N N 301 
TRP CA   C N S 302 
TRP C    C N N 303 
TRP O    O N N 304 
TRP CB   C N N 305 
TRP CG   C Y N 306 
TRP CD1  C Y N 307 
TRP CD2  C Y N 308 
TRP NE1  N Y N 309 
TRP CE2  C Y N 310 
TRP CE3  C Y N 311 
TRP CZ2  C Y N 312 
TRP CZ3  C Y N 313 
TRP CH2  C Y N 314 
TRP OXT  O N N 315 
TRP H    H N N 316 
TRP H2   H N N 317 
TRP HA   H N N 318 
TRP HB2  H N N 319 
TRP HB3  H N N 320 
TRP HD1  H N N 321 
TRP HE1  H N N 322 
TRP HE3  H N N 323 
TRP HZ2  H N N 324 
TRP HZ3  H N N 325 
TRP HH2  H N N 326 
TRP HXT  H N N 327 
TYR N    N N N 328 
TYR CA   C N S 329 
TYR C    C N N 330 
TYR O    O N N 331 
TYR CB   C N N 332 
TYR CG   C Y N 333 
TYR CD1  C Y N 334 
TYR CD2  C Y N 335 
TYR CE1  C Y N 336 
TYR CE2  C Y N 337 
TYR CZ   C Y N 338 
TYR OH   O N N 339 
TYR OXT  O N N 340 
TYR H    H N N 341 
TYR H2   H N N 342 
TYR HA   H N N 343 
TYR HB2  H N N 344 
TYR HB3  H N N 345 
TYR HD1  H N N 346 
TYR HD2  H N N 347 
TYR HE1  H N N 348 
TYR HE2  H N N 349 
TYR HH   H N N 350 
TYR HXT  H N N 351 
VAL N    N N N 352 
VAL CA   C N S 353 
VAL C    C N N 354 
VAL O    O N N 355 
VAL CB   C N N 356 
VAL CG1  C N N 357 
VAL CG2  C N N 358 
VAL OXT  O N N 359 
VAL H    H N N 360 
VAL H2   H N N 361 
VAL HA   H N N 362 
VAL HB   H N N 363 
VAL HG11 H N N 364 
VAL HG12 H N N 365 
VAL HG13 H N N 366 
VAL HG21 H N N 367 
VAL HG22 H N N 368 
VAL HG23 H N N 369 
VAL HXT  H N N 370 
# 
loop_
_chem_comp_bond.comp_id 
_chem_comp_bond.atom_id_1 
_chem_comp_bond.atom_id_2 
_chem_comp_bond.value_order 
_chem_comp_bond.pdbx_aromatic_flag 
_chem_comp_bond.pdbx_stereo_config 
_chem_comp_bond.pdbx_ordinal 
ALA N   CA   sing N N 1   
ALA N   H    sing N N 2   
ALA N   H2   sing N N 3   
ALA CA  C    sing N N 4   
ALA CA  CB   sing N N 5   
ALA CA  HA   sing N N 6   
ALA C   O    doub N N 7   
ALA C   OXT  sing N N 8   
ALA CB  HB1  sing N N 9   
ALA CB  HB2  sing N N 10  
ALA CB  HB3  sing N N 11  
ALA OXT HXT  sing N N 12  
ARG N   CA   sing N N 13  
ARG N   H    sing N N 14  
ARG N   H2   sing N N 15  
ARG CA  C    sing N N 16  
ARG CA  CB   sing N N 17  
ARG CA  HA   sing N N 18  
ARG C   O    doub N N 19  
ARG C   OXT  sing N N 20  
ARG CB  CG   sing N N 21  
ARG CB  HB2  sing N N 22  
ARG CB  HB3  sing N N 23  
ARG CG  CD   sing N N 24  
ARG CG  HG2  sing N N 25  
ARG CG  HG3  sing N N 26  
ARG CD  NE   sing N N 27  
ARG CD  HD2  sing N N 28  
ARG CD  HD3  sing N N 29  
ARG NE  CZ   sing N N 30  
ARG NE  HE   sing N N 31  
ARG CZ  NH1  sing N N 32  
ARG CZ  NH2  doub N N 33  
ARG NH1 HH11 sing N N 34  
ARG NH1 HH12 sing N N 35  
ARG NH2 HH21 sing N N 36  
ARG NH2 HH22 sing N N 37  
ARG OXT HXT  sing N N 38  
ASN N   CA   sing N N 39  
ASN N   H    sing N N 40  
ASN N   H2   sing N N 41  
ASN CA  C    sing N N 42  
ASN CA  CB   sing N N 43  
ASN CA  HA   sing N N 44  
ASN C   O    doub N N 45  
ASN C   OXT  sing N N 46  
ASN CB  CG   sing N N 47  
ASN CB  HB2  sing N N 48  
ASN CB  HB3  sing N N 49  
ASN CG  OD1  doub N N 50  
ASN CG  ND2  sing N N 51  
ASN ND2 HD21 sing N N 52  
ASN ND2 HD22 sing N N 53  
ASN OXT HXT  sing N N 54  
ASP N   CA   sing N N 55  
ASP N   H    sing N N 56  
ASP N   H2   sing N N 57  
ASP CA  C    sing N N 58  
ASP CA  CB   sing N N 59  
ASP CA  HA   sing N N 60  
ASP C   O    doub N N 61  
ASP C   OXT  sing N N 62  
ASP CB  CG   sing N N 63  
ASP CB  HB2  sing N N 64  
ASP CB  HB3  sing N N 65  
ASP CG  OD1  doub N N 66  
ASP CG  OD2  sing N N 67  
ASP OD2 HD2  sing N N 68  
ASP OXT HXT  sing N N 69  
CYS N   CA   sing N N 70  
CYS N   H    sing N N 71  
CYS N   H2   sing N N 72  
CYS CA  C    sing N N 73  
CYS CA  CB   sing N N 74  
CYS CA  HA   sing N N 75  
CYS C   O    doub N N 76  
CYS C   OXT  sing N N 77  
CYS CB  SG   sing N N 78  
CYS CB  HB2  sing N N 79  
CYS CB  HB3  sing N N 80  
CYS SG  HG   sing N N 81  
CYS OXT HXT  sing N N 82  
GLN N   CA   sing N N 83  
GLN N   H    sing N N 84  
GLN N   H2   sing N N 85  
GLN CA  C    sing N N 86  
GLN CA  CB   sing N N 87  
GLN CA  HA   sing N N 88  
GLN C   O    doub N N 89  
GLN C   OXT  sing N N 90  
GLN CB  CG   sing N N 91  
GLN CB  HB2  sing N N 92  
GLN CB  HB3  sing N N 93  
GLN CG  CD   sing N N 94  
GLN CG  HG2  sing N N 95  
GLN CG  HG3  sing N N 96  
GLN CD  OE1  doub N N 97  
GLN CD  NE2  sing N N 98  
GLN NE2 HE21 sing N N 99  
GLN NE2 HE22 sing N N 100 
GLN OXT HXT  sing N N 101 
GLU N   CA   sing N N 102 
GLU N   H    sing N N 103 
GLU N   H2   sing N N 104 
GLU CA  C    sing N N 105 
GLU CA  CB   sing N N 106 
GLU CA  HA   sing N N 107 
GLU C   O    doub N N 108 
GLU C   OXT  sing N N 109 
GLU CB  CG   sing N N 110 
GLU CB  HB2  sing N N 111 
GLU CB  HB3  sing N N 112 
GLU CG  CD   sing N N 113 
GLU CG  HG2  sing N N 114 
GLU CG  HG3  sing N N 115 
GLU CD  OE1  doub N N 116 
GLU CD  OE2  sing N N 117 
GLU OE2 HE2  sing N N 118 
GLU OXT HXT  sing N N 119 
GLY N   CA   sing N N 120 
GLY N   H    sing N N 121 
GLY N   H2   sing N N 122 
GLY CA  C    sing N N 123 
GLY CA  HA2  sing N N 124 
GLY CA  HA3  sing N N 125 
GLY C   O    doub N N 126 
GLY C   OXT  sing N N 127 
GLY OXT HXT  sing N N 128 
HIS N   CA   sing N N 129 
HIS N   H    sing N N 130 
HIS N   H2   sing N N 131 
HIS CA  C    sing N N 132 
HIS CA  CB   sing N N 133 
HIS CA  HA   sing N N 134 
HIS C   O    doub N N 135 
HIS C   OXT  sing N N 136 
HIS CB  CG   sing N N 137 
HIS CB  HB2  sing N N 138 
HIS CB  HB3  sing N N 139 
HIS CG  ND1  sing Y N 140 
HIS CG  CD2  doub Y N 141 
HIS ND1 CE1  doub Y N 142 
HIS ND1 HD1  sing N N 143 
HIS CD2 NE2  sing Y N 144 
HIS CD2 HD2  sing N N 145 
HIS CE1 NE2  sing Y N 146 
HIS CE1 HE1  sing N N 147 
HIS NE2 HE2  sing N N 148 
HIS OXT HXT  sing N N 149 
HOH O   H1   sing N N 150 
HOH O   H2   sing N N 151 
ILE N   CA   sing N N 152 
ILE N   H    sing N N 153 
ILE N   H2   sing N N 154 
ILE CA  C    sing N N 155 
ILE CA  CB   sing N N 156 
ILE CA  HA   sing N N 157 
ILE C   O    doub N N 158 
ILE C   OXT  sing N N 159 
ILE CB  CG1  sing N N 160 
ILE CB  CG2  sing N N 161 
ILE CB  HB   sing N N 162 
ILE CG1 CD1  sing N N 163 
ILE CG1 HG12 sing N N 164 
ILE CG1 HG13 sing N N 165 
ILE CG2 HG21 sing N N 166 
ILE CG2 HG22 sing N N 167 
ILE CG2 HG23 sing N N 168 
ILE CD1 HD11 sing N N 169 
ILE CD1 HD12 sing N N 170 
ILE CD1 HD13 sing N N 171 
ILE OXT HXT  sing N N 172 
LEU N   CA   sing N N 173 
LEU N   H    sing N N 174 
LEU N   H2   sing N N 175 
LEU CA  C    sing N N 176 
LEU CA  CB   sing N N 177 
LEU CA  HA   sing N N 178 
LEU C   O    doub N N 179 
LEU C   OXT  sing N N 180 
LEU CB  CG   sing N N 181 
LEU CB  HB2  sing N N 182 
LEU CB  HB3  sing N N 183 
LEU CG  CD1  sing N N 184 
LEU CG  CD2  sing N N 185 
LEU CG  HG   sing N N 186 
LEU CD1 HD11 sing N N 187 
LEU CD1 HD12 sing N N 188 
LEU CD1 HD13 sing N N 189 
LEU CD2 HD21 sing N N 190 
LEU CD2 HD22 sing N N 191 
LEU CD2 HD23 sing N N 192 
LEU OXT HXT  sing N N 193 
LYS N   CA   sing N N 194 
LYS N   H    sing N N 195 
LYS N   H2   sing N N 196 
LYS CA  C    sing N N 197 
LYS CA  CB   sing N N 198 
LYS CA  HA   sing N N 199 
LYS C   O    doub N N 200 
LYS C   OXT  sing N N 201 
LYS CB  CG   sing N N 202 
LYS CB  HB2  sing N N 203 
LYS CB  HB3  sing N N 204 
LYS CG  CD   sing N N 205 
LYS CG  HG2  sing N N 206 
LYS CG  HG3  sing N N 207 
LYS CD  CE   sing N N 208 
LYS CD  HD2  sing N N 209 
LYS CD  HD3  sing N N 210 
LYS CE  NZ   sing N N 211 
LYS CE  HE2  sing N N 212 
LYS CE  HE3  sing N N 213 
LYS NZ  HZ1  sing N N 214 
LYS NZ  HZ2  sing N N 215 
LYS NZ  HZ3  sing N N 216 
LYS OXT HXT  sing N N 217 
PHE N   CA   sing N N 218 
PHE N   H    sing N N 219 
PHE N   H2   sing N N 220 
PHE CA  C    sing N N 221 
PHE CA  CB   sing N N 222 
PHE CA  HA   sing N N 223 
PHE C   O    doub N N 224 
PHE C   OXT  sing N N 225 
PHE CB  CG   sing N N 226 
PHE CB  HB2  sing N N 227 
PHE CB  HB3  sing N N 228 
PHE CG  CD1  doub Y N 229 
PHE CG  CD2  sing Y N 230 
PHE CD1 CE1  sing Y N 231 
PHE CD1 HD1  sing N N 232 
PHE CD2 CE2  doub Y N 233 
PHE CD2 HD2  sing N N 234 
PHE CE1 CZ   doub Y N 235 
PHE CE1 HE1  sing N N 236 
PHE CE2 CZ   sing Y N 237 
PHE CE2 HE2  sing N N 238 
PHE CZ  HZ   sing N N 239 
PHE OXT HXT  sing N N 240 
PRO N   CA   sing N N 241 
PRO N   CD   sing N N 242 
PRO N   H    sing N N 243 
PRO CA  C    sing N N 244 
PRO CA  CB   sing N N 245 
PRO CA  HA   sing N N 246 
PRO C   O    doub N N 247 
PRO C   OXT  sing N N 248 
PRO CB  CG   sing N N 249 
PRO CB  HB2  sing N N 250 
PRO CB  HB3  sing N N 251 
PRO CG  CD   sing N N 252 
PRO CG  HG2  sing N N 253 
PRO CG  HG3  sing N N 254 
PRO CD  HD2  sing N N 255 
PRO CD  HD3  sing N N 256 
PRO OXT HXT  sing N N 257 
SER N   CA   sing N N 258 
SER N   H    sing N N 259 
SER N   H2   sing N N 260 
SER CA  C    sing N N 261 
SER CA  CB   sing N N 262 
SER CA  HA   sing N N 263 
SER C   O    doub N N 264 
SER C   OXT  sing N N 265 
SER CB  OG   sing N N 266 
SER CB  HB2  sing N N 267 
SER CB  HB3  sing N N 268 
SER OG  HG   sing N N 269 
SER OXT HXT  sing N N 270 
THR N   CA   sing N N 271 
THR N   H    sing N N 272 
THR N   H2   sing N N 273 
THR CA  C    sing N N 274 
THR CA  CB   sing N N 275 
THR CA  HA   sing N N 276 
THR C   O    doub N N 277 
THR C   OXT  sing N N 278 
THR CB  OG1  sing N N 279 
THR CB  CG2  sing N N 280 
THR CB  HB   sing N N 281 
THR OG1 HG1  sing N N 282 
THR CG2 HG21 sing N N 283 
THR CG2 HG22 sing N N 284 
THR CG2 HG23 sing N N 285 
THR OXT HXT  sing N N 286 
TRP N   CA   sing N N 287 
TRP N   H    sing N N 288 
TRP N   H2   sing N N 289 
TRP CA  C    sing N N 290 
TRP CA  CB   sing N N 291 
TRP CA  HA   sing N N 292 
TRP C   O    doub N N 293 
TRP C   OXT  sing N N 294 
TRP CB  CG   sing N N 295 
TRP CB  HB2  sing N N 296 
TRP CB  HB3  sing N N 297 
TRP CG  CD1  doub Y N 298 
TRP CG  CD2  sing Y N 299 
TRP CD1 NE1  sing Y N 300 
TRP CD1 HD1  sing N N 301 
TRP CD2 CE2  doub Y N 302 
TRP CD2 CE3  sing Y N 303 
TRP NE1 CE2  sing Y N 304 
TRP NE1 HE1  sing N N 305 
TRP CE2 CZ2  sing Y N 306 
TRP CE3 CZ3  doub Y N 307 
TRP CE3 HE3  sing N N 308 
TRP CZ2 CH2  doub Y N 309 
TRP CZ2 HZ2  sing N N 310 
TRP CZ3 CH2  sing Y N 311 
TRP CZ3 HZ3  sing N N 312 
TRP CH2 HH2  sing N N 313 
TRP OXT HXT  sing N N 314 
TYR N   CA   sing N N 315 
TYR N   H    sing N N 316 
TYR N   H2   sing N N 317 
TYR CA  C    sing N N 318 
TYR CA  CB   sing N N 319 
TYR CA  HA   sing N N 320 
TYR C   O    doub N N 321 
TYR C   OXT  sing N N 322 
TYR CB  CG   sing N N 323 
TYR CB  HB2  sing N N 324 
TYR CB  HB3  sing N N 325 
TYR CG  CD1  doub Y N 326 
TYR CG  CD2  sing Y N 327 
TYR CD1 CE1  sing Y N 328 
TYR CD1 HD1  sing N N 329 
TYR CD2 CE2  doub Y N 330 
TYR CD2 HD2  sing N N 331 
TYR CE1 CZ   doub Y N 332 
TYR CE1 HE1  sing N N 333 
TYR CE2 CZ   sing Y N 334 
TYR CE2 HE2  sing N N 335 
TYR CZ  OH   sing N N 336 
TYR OH  HH   sing N N 337 
TYR OXT HXT  sing N N 338 
VAL N   CA   sing N N 339 
VAL N   H    sing N N 340 
VAL N   H2   sing N N 341 
VAL CA  C    sing N N 342 
VAL CA  CB   sing N N 343 
VAL CA  HA   sing N N 344 
VAL C   O    doub N N 345 
VAL C   OXT  sing N N 346 
VAL CB  CG1  sing N N 347 
VAL CB  CG2  sing N N 348 
VAL CB  HB   sing N N 349 
VAL CG1 HG11 sing N N 350 
VAL CG1 HG12 sing N N 351 
VAL CG1 HG13 sing N N 352 
VAL CG2 HG21 sing N N 353 
VAL CG2 HG22 sing N N 354 
VAL CG2 HG23 sing N N 355 
VAL OXT HXT  sing N N 356 
# 
_atom_sites.entry_id                    2QST 
_atom_sites.fract_transf_matrix[1][1]   -0.00823972 
_atom_sites.fract_transf_matrix[1][2]   0.00224543 
_atom_sites.fract_transf_matrix[1][3]   -0.00307213 
_atom_sites.fract_transf_matrix[2][1]   -0.00479043 
_atom_sites.fract_transf_matrix[2][2]   -0.00594702 
_atom_sites.fract_transf_matrix[2][3]   -0.00490495 
_atom_sites.fract_transf_matrix[3][1]   -0.00245888 
_atom_sites.fract_transf_matrix[3][2]   -0.00215784 
_atom_sites.fract_transf_matrix[3][3]   0.00501774 
_atom_sites.fract_transf_vector[1]      0.463632 
_atom_sites.fract_transf_vector[2]      0.139525 
_atom_sites.fract_transf_vector[3]      0.092893 
# 
loop_
_atom_type.symbol 
C 
N 
O 
S 
# 
loop_
_atom_site.group_PDB 
_atom_site.id 
_atom_site.type_symbol 
_atom_site.label_atom_id 
_atom_site.label_alt_id 
_atom_site.label_comp_id 
_atom_site.label_asym_id 
_atom_site.label_entity_id 
_atom_site.label_seq_id 
_atom_site.pdbx_PDB_ins_code 
_atom_site.Cartn_x 
_atom_site.Cartn_y 
_atom_site.Cartn_z 
_atom_site.occupancy 
_atom_site.B_iso_or_equiv 
_atom_site.pdbx_formal_charge 
_atom_site.auth_seq_id 
_atom_site.auth_comp_id 
_atom_site.auth_asym_id 
_atom_site.auth_atom_id 
_atom_site.pdbx_PDB_model_num 
ATOM   1    N N   . ALA A 1 1   ? 2.793   6.227   -19.221 1.00 63.77 ? 0   ALA A N   1 
ATOM   2    C CA  . ALA A 1 1   ? 3.724   7.329   -19.588 1.00 63.66 ? 0   ALA A CA  1 
ATOM   3    C C   . ALA A 1 1   ? 3.679   8.446   -18.533 1.00 63.40 ? 0   ALA A C   1 
ATOM   4    O O   . ALA A 1 1   ? 4.643   8.597   -17.739 1.00 63.90 ? 0   ALA A O   1 
ATOM   5    C CB  . ALA A 1 1   ? 3.416   7.884   -20.998 1.00 63.63 ? 0   ALA A CB  1 
ATOM   6    N N   . LYS A 1 2   ? 2.583   9.220   -18.514 1.00 61.91 ? 1   LYS A N   1 
ATOM   7    C CA  . LYS A 1 2   ? 2.534   10.367  -17.606 1.00 60.46 ? 1   LYS A CA  1 
ATOM   8    C C   . LYS A 1 2   ? 2.254   9.916   -16.191 1.00 58.74 ? 1   LYS A C   1 
ATOM   9    O O   . LYS A 1 2   ? 1.357   9.112   -15.946 1.00 58.72 ? 1   LYS A O   1 
ATOM   10   C CB  . LYS A 1 2   ? 1.546   11.460  -18.042 1.00 60.70 ? 1   LYS A CB  1 
ATOM   11   C CG  . LYS A 1 2   ? 1.960   12.867  -17.518 1.00 61.36 ? 1   LYS A CG  1 
ATOM   12   C CD  . LYS A 1 2   ? 0.790   13.875  -17.373 1.00 61.22 ? 1   LYS A CD  1 
ATOM   13   C CE  . LYS A 1 2   ? 0.536   14.623  -18.680 0.10 61.25 ? 1   LYS A CE  1 
ATOM   14   N NZ  . LYS A 1 2   ? -0.445  15.731  -18.522 0.10 60.98 ? 1   LYS A NZ  1 
ATOM   15   N N   . LEU A 1 3   ? 3.059   10.438  -15.277 1.00 56.67 ? 2   LEU A N   1 
ATOM   16   C CA  . LEU A 1 3   ? 2.921   10.187  -13.862 1.00 54.67 ? 2   LEU A CA  1 
ATOM   17   C C   . LEU A 1 3   ? 1.585   10.729  -13.370 1.00 53.87 ? 2   LEU A C   1 
ATOM   18   O O   . LEU A 1 3   ? 1.252   11.883  -13.650 1.00 53.89 ? 2   LEU A O   1 
ATOM   19   C CB  . LEU A 1 3   ? 4.060   10.877  -13.140 1.00 54.24 ? 2   LEU A CB  1 
ATOM   20   C CG  . LEU A 1 3   ? 4.172   10.601  -11.656 1.00 53.24 ? 2   LEU A CG  1 
ATOM   21   C CD1 . LEU A 1 3   ? 4.732   9.217   -11.462 1.00 54.04 ? 2   LEU A CD1 1 
ATOM   22   C CD2 . LEU A 1 3   ? 5.063   11.625  -11.015 1.00 52.11 ? 2   LEU A CD2 1 
ATOM   23   N N   . THR A 1 4   ? 0.828   9.891   -12.651 1.00 52.75 ? 3   THR A N   1 
ATOM   24   C CA  . THR A 1 4   ? -0.532  10.213  -12.191 1.00 51.67 ? 3   THR A CA  1 
ATOM   25   C C   . THR A 1 4   ? -0.805  9.600   -10.822 1.00 50.75 ? 3   THR A C   1 
ATOM   26   O O   . THR A 1 4   ? -0.370  8.475   -10.540 1.00 50.49 ? 3   THR A O   1 
ATOM   27   C CB  . THR A 1 4   ? -1.624  9.682   -13.168 1.00 51.91 ? 3   THR A CB  1 
ATOM   28   O OG1 A THR A 1 4   ? -1.394  8.297   -13.442 0.50 51.99 ? 3   THR A OG1 1 
ATOM   29   O OG1 B THR A 1 4   ? -1.269  9.995   -14.525 0.50 51.91 ? 3   THR A OG1 1 
ATOM   30   C CG2 A THR A 1 4   ? -1.629  10.469  -14.484 0.50 51.96 ? 3   THR A CG2 1 
ATOM   31   C CG2 B THR A 1 4   ? -3.012  10.272  -12.840 0.50 52.15 ? 3   THR A CG2 1 
ATOM   32   N N   . ILE A 1 5   ? -1.534  10.344  -9.990  1.00 49.57 ? 4   ILE A N   1 
ATOM   33   C CA  . ILE A 1 5   ? -1.997  9.868   -8.697  1.00 48.65 ? 4   ILE A CA  1 
ATOM   34   C C   . ILE A 1 5   ? -3.484  9.650   -8.780  1.00 48.77 ? 4   ILE A C   1 
ATOM   35   O O   . ILE A 1 5   ? -4.207  10.563  -9.143  1.00 49.16 ? 4   ILE A O   1 
ATOM   36   C CB  . ILE A 1 5   ? -1.779  10.908  -7.593  1.00 48.32 ? 4   ILE A CB  1 
ATOM   37   C CG1 . ILE A 1 5   ? -0.321  11.348  -7.532  1.00 47.64 ? 4   ILE A CG1 1 
ATOM   38   C CG2 . ILE A 1 5   ? -2.284  10.394  -6.236  1.00 48.11 ? 4   ILE A CG2 1 
ATOM   39   C CD1 A ILE A 1 5   ? 0.670   10.235  -7.407  0.50 48.43 ? 4   ILE A CD1 1 
ATOM   40   C CD1 B ILE A 1 5   ? -0.064  12.490  -6.591  0.50 46.96 ? 4   ILE A CD1 1 
ATOM   41   N N   . GLU A 1 6   ? -3.962  8.458   -8.453  1.00 48.60 ? 5   GLU A N   1 
ATOM   42   C CA  . GLU A 1 6   ? -5.396  8.293   -8.345  1.00 49.31 ? 5   GLU A CA  1 
ATOM   43   C C   . GLU A 1 6   ? -5.757  7.908   -6.913  1.00 48.53 ? 5   GLU A C   1 
ATOM   44   O O   . GLU A 1 6   ? -5.245  6.936   -6.379  1.00 48.70 ? 5   GLU A O   1 
ATOM   45   C CB  . GLU A 1 6   ? -5.965  7.308   -9.389  1.00 49.05 ? 5   GLU A CB  1 
ATOM   46   C CG  . GLU A 1 6   ? -5.965  5.838   -8.949  1.00 51.18 ? 5   GLU A CG  1 
ATOM   47   C CD  . GLU A 1 6   ? -7.030  4.949   -9.627  1.00 51.31 ? 5   GLU A CD  1 
ATOM   48   O OE1 . GLU A 1 6   ? -8.188  4.883   -9.124  1.00 53.42 ? 5   GLU A OE1 1 
ATOM   49   O OE2 . GLU A 1 6   ? -6.679  4.269   -10.629 1.00 52.00 ? 5   GLU A OE2 1 
ATOM   50   N N   . SER A 1 7   ? -6.618  8.701   -6.292  1.00 48.04 ? 6   SER A N   1 
ATOM   51   C CA  . SER A 1 7   ? -7.045  8.438   -4.931  1.00 47.56 ? 6   SER A CA  1 
ATOM   52   C C   . SER A 1 7   ? -8.133  7.379   -4.974  1.00 47.60 ? 6   SER A C   1 
ATOM   53   O O   . SER A 1 7   ? -8.862  7.283   -5.960  1.00 47.83 ? 6   SER A O   1 
ATOM   54   C CB  . SER A 1 7   ? -7.579  9.712   -4.290  1.00 47.38 ? 6   SER A CB  1 
ATOM   55   O OG  . SER A 1 7   ? -8.731  10.158  -4.975  1.00 47.02 ? 6   SER A OG  1 
ATOM   56   N N   . THR A 1 8   ? -8.251  6.594   -3.906  1.00 47.06 ? 7   THR A N   1 
ATOM   57   C CA  . THR A 1 8   ? -9.195  5.517   -3.894  1.00 46.76 ? 7   THR A CA  1 
ATOM   58   C C   . THR A 1 8   ? -9.581  5.127   -2.447  1.00 47.02 ? 7   THR A C   1 
ATOM   59   O O   . THR A 1 8   ? -8.789  4.507   -1.712  1.00 46.84 ? 7   THR A O   1 
ATOM   60   C CB  . THR A 1 8   ? -8.681  4.334   -4.781  1.00 46.69 ? 7   THR A CB  1 
ATOM   61   O OG1 . THR A 1 8   ? -9.767  3.487   -5.179  1.00 46.67 ? 7   THR A OG1 1 
ATOM   62   C CG2 . THR A 1 8   ? -7.625  3.522   -4.081  1.00 46.53 ? 7   THR A CG2 1 
ATOM   63   N N   . PRO A 1 9   ? -10.815 5.492   -2.030  1.00 47.01 ? 8   PRO A N   1 
ATOM   64   C CA  . PRO A 1 9   ? -11.844 6.164   -2.819  1.00 46.97 ? 8   PRO A CA  1 
ATOM   65   C C   . PRO A 1 9   ? -11.511 7.632   -3.057  1.00 47.16 ? 8   PRO A C   1 
ATOM   66   O O   . PRO A 1 9   ? -10.746 8.214   -2.299  1.00 47.73 ? 8   PRO A O   1 
ATOM   67   C CB  . PRO A 1 9   ? -13.063 6.088   -1.903  1.00 46.79 ? 8   PRO A CB  1 
ATOM   68   C CG  . PRO A 1 9   ? -12.484 6.133   -0.537  1.00 46.55 ? 8   PRO A CG  1 
ATOM   69   C CD  . PRO A 1 9   ? -11.285 5.249   -0.650  1.00 47.15 ? 8   PRO A CD  1 
ATOM   70   N N   . PHE A 1 10  ? -12.084 8.229   -4.095  1.00 46.82 ? 9   PHE A N   1 
ATOM   71   C CA  . PHE A 1 10  ? -11.957 9.654   -4.295  1.00 46.43 ? 9   PHE A CA  1 
ATOM   72   C C   . PHE A 1 10  ? -12.717 10.313  -3.177  1.00 46.30 ? 9   PHE A C   1 
ATOM   73   O O   . PHE A 1 10  ? -12.390 11.417  -2.764  1.00 46.61 ? 9   PHE A O   1 
ATOM   74   C CB  . PHE A 1 10  ? -12.558 10.043  -5.628  1.00 46.71 ? 9   PHE A CB  1 
ATOM   75   C CG  . PHE A 1 10  ? -12.260 11.450  -6.055  1.00 46.64 ? 9   PHE A CG  1 
ATOM   76   C CD1 . PHE A 1 10  ? -11.051 11.769  -6.654  1.00 48.27 ? 9   PHE A CD1 1 
ATOM   77   C CD2 . PHE A 1 10  ? -13.208 12.442  -5.915  1.00 47.43 ? 9   PHE A CD2 1 
ATOM   78   C CE1 . PHE A 1 10  ? -10.775 13.074  -7.082  1.00 48.75 ? 9   PHE A CE1 1 
ATOM   79   C CE2 . PHE A 1 10  ? -12.945 13.749  -6.333  1.00 48.27 ? 9   PHE A CE2 1 
ATOM   80   C CZ  . PHE A 1 10  ? -11.728 14.064  -6.921  1.00 48.07 ? 9   PHE A CZ  1 
ATOM   81   N N   . ASN A 1 11  ? -13.734 9.628   -2.678  1.00 46.00 ? 10  ASN A N   1 
ATOM   82   C CA  . ASN A 1 11  ? -14.523 10.174  -1.595  1.00 46.21 ? 10  ASN A CA  1 
ATOM   83   C C   . ASN A 1 11  ? -14.450 9.295   -0.377  1.00 46.25 ? 10  ASN A C   1 
ATOM   84   O O   . ASN A 1 11  ? -15.028 8.201   -0.336  1.00 46.45 ? 10  ASN A O   1 
ATOM   85   C CB  . ASN A 1 11  ? -15.969 10.403  -2.028  1.00 46.17 ? 10  ASN A CB  1 
ATOM   86   C CG  . ASN A 1 11  ? -16.113 11.593  -2.964  1.00 46.48 ? 10  ASN A CG  1 
ATOM   87   O OD1 . ASN A 1 11  ? -16.155 11.428  -4.180  1.00 45.62 ? 10  ASN A OD1 1 
ATOM   88   N ND2 . ASN A 1 11  ? -16.182 12.803  -2.396  1.00 46.14 ? 10  ASN A ND2 1 
ATOM   89   N N   . VAL A 1 12  ? -13.726 9.792   0.616   1.00 46.06 ? 11  VAL A N   1 
ATOM   90   C CA  . VAL A 1 12  ? -13.448 9.053   1.824   1.00 45.82 ? 11  VAL A CA  1 
ATOM   91   C C   . VAL A 1 12  ? -14.366 9.563   2.892   1.00 46.15 ? 11  VAL A C   1 
ATOM   92   O O   . VAL A 1 12  ? -14.419 10.772  3.124   1.00 46.22 ? 11  VAL A O   1 
ATOM   93   C CB  . VAL A 1 12  ? -12.039 9.338   2.307   1.00 45.76 ? 11  VAL A CB  1 
ATOM   94   C CG1 . VAL A 1 12  ? -11.669 8.446   3.510   1.00 44.98 ? 11  VAL A CG1 1 
ATOM   95   C CG2 . VAL A 1 12  ? -11.063 9.190   1.163   1.00 46.11 ? 11  VAL A CG2 1 
ATOM   96   N N   . ALA A 1 13  ? -15.082 8.643   3.538   1.00 46.34 ? 12  ALA A N   1 
ATOM   97   C CA  . ALA A 1 13  ? -15.863 8.958   4.719   1.00 46.70 ? 12  ALA A CA  1 
ATOM   98   C C   . ALA A 1 13  ? -14.937 9.233   5.887   1.00 47.19 ? 12  ALA A C   1 
ATOM   99   O O   . ALA A 1 13  ? -13.912 8.573   6.026   1.00 47.39 ? 12  ALA A O   1 
ATOM   100  C CB  . ALA A 1 13  ? -16.750 7.793   5.054   1.00 46.94 ? 12  ALA A CB  1 
ATOM   101  N N   . GLU A 1 14  ? -15.310 10.190  6.734   1.00 48.06 ? 13  GLU A N   1 
ATOM   102  C CA  . GLU A 1 14  ? -14.628 10.444  8.020   1.00 49.18 ? 13  GLU A CA  1 
ATOM   103  C C   . GLU A 1 14  ? -14.298 9.175   8.825   1.00 50.04 ? 13  GLU A C   1 
ATOM   104  O O   . GLU A 1 14  ? -15.180 8.338   9.064   1.00 49.78 ? 13  GLU A O   1 
ATOM   105  C CB  . GLU A 1 14  ? -15.478 11.350  8.902   1.00 48.95 ? 13  GLU A CB  1 
ATOM   106  C CG  . GLU A 1 14  ? -15.905 12.625  8.236   1.00 50.05 ? 13  GLU A CG  1 
ATOM   107  C CD  . GLU A 1 14  ? -16.587 13.601  9.187   1.00 52.31 ? 13  GLU A CD  1 
ATOM   108  O OE1 . GLU A 1 14  ? -16.491 14.832  8.918   1.00 51.43 ? 13  GLU A OE1 1 
ATOM   109  O OE2 . GLU A 1 14  ? -17.210 13.140  10.191  1.00 52.82 ? 13  GLU A OE2 1 
ATOM   110  N N   . GLY A 1 15  ? -13.027 9.050   9.235   1.00 51.04 ? 14  GLY A N   1 
ATOM   111  C CA  . GLY A 1 15  ? -12.554 7.937   10.074  1.00 51.87 ? 14  GLY A CA  1 
ATOM   112  C C   . GLY A 1 15  ? -12.018 6.737   9.303   1.00 52.45 ? 14  GLY A C   1 
ATOM   113  O O   . GLY A 1 15  ? -11.277 5.908   9.850   1.00 52.75 ? 14  GLY A O   1 
ATOM   114  N N   . LYS A 1 16  ? -12.408 6.640   8.035   1.00 52.65 ? 15  LYS A N   1 
ATOM   115  C CA  . LYS A 1 16  ? -11.907 5.613   7.140   1.00 52.95 ? 15  LYS A CA  1 
ATOM   116  C C   . LYS A 1 16  ? -10.576 6.083   6.538   1.00 52.60 ? 15  LYS A C   1 
ATOM   117  O O   . LYS A 1 16  ? -9.955  7.036   7.048   1.00 52.47 ? 15  LYS A O   1 
ATOM   118  C CB  . LYS A 1 16  ? -12.936 5.332   6.036   1.00 53.48 ? 15  LYS A CB  1 
ATOM   119  C CG  . LYS A 1 16  ? -14.351 5.039   6.526   1.00 55.48 ? 15  LYS A CG  1 
ATOM   120  C CD  . LYS A 1 16  ? -14.378 3.848   7.492   1.00 59.89 ? 15  LYS A CD  1 
ATOM   121  C CE  . LYS A 1 16  ? -15.757 3.171   7.516   1.00 63.23 ? 15  LYS A CE  1 
ATOM   122  N NZ  . LYS A 1 16  ? -15.940 2.215   6.366   1.00 64.88 ? 15  LYS A NZ  1 
ATOM   123  N N   . GLU A 1 17  ? -10.139 5.439   5.455   1.00 51.73 ? 16  GLU A N   1 
ATOM   124  C CA  . GLU A 1 17  ? -8.858  5.788   4.882   1.00 51.20 ? 16  GLU A CA  1 
ATOM   125  C C   . GLU A 1 17  ? -8.822  5.920   3.374   1.00 50.19 ? 16  GLU A C   1 
ATOM   126  O O   . GLU A 1 17  ? -9.572  5.274   2.667   1.00 50.33 ? 16  GLU A O   1 
ATOM   127  C CB  . GLU A 1 17  ? -7.811  4.786   5.321   1.00 51.57 ? 16  GLU A CB  1 
ATOM   128  C CG  . GLU A 1 17  ? -7.678  3.625   4.387   1.00 54.02 ? 16  GLU A CG  1 
ATOM   129  C CD  . GLU A 1 17  ? -8.707  2.560   4.650   1.00 57.31 ? 16  GLU A CD  1 
ATOM   130  O OE1 . GLU A 1 17  ? -9.066  2.379   5.840   1.00 58.55 ? 16  GLU A OE1 1 
ATOM   131  O OE2 . GLU A 1 17  ? -9.143  1.905   3.668   1.00 58.62 ? 16  GLU A OE2 1 
ATOM   132  N N   . VAL A 1 18  ? -7.913  6.752   2.891   1.00 49.24 ? 17  VAL A N   1 
ATOM   133  C CA  . VAL A 1 18  ? -7.681  6.881   1.475   1.00 48.40 ? 17  VAL A CA  1 
ATOM   134  C C   . VAL A 1 18  ? -6.324  6.270   1.092   1.00 48.35 ? 17  VAL A C   1 
ATOM   135  O O   . VAL A 1 18  ? -5.381  6.255   1.900   1.00 48.68 ? 17  VAL A O   1 
ATOM   136  C CB  . VAL A 1 18  ? -7.725  8.348   1.055   1.00 47.97 ? 17  VAL A CB  1 
ATOM   137  C CG1 . VAL A 1 18  ? -6.429  9.039   1.390   1.00 48.04 ? 17  VAL A CG1 1 
ATOM   138  C CG2 . VAL A 1 18  ? -7.983  8.455   -0.407  1.00 48.11 ? 17  VAL A CG2 1 
ATOM   139  N N   . LEU A 1 19  ? -6.248  5.758   -0.136  1.00 47.59 ? 18  LEU A N   1 
ATOM   140  C CA  . LEU A 1 19  ? -5.002  5.340   -0.735  1.00 46.76 ? 18  LEU A CA  1 
ATOM   141  C C   . LEU A 1 19  ? -4.765  6.098   -2.027  1.00 46.60 ? 18  LEU A C   1 
ATOM   142  O O   . LEU A 1 19  ? -5.590  6.076   -2.938  1.00 46.41 ? 18  LEU A O   1 
ATOM   143  C CB  . LEU A 1 19  ? -5.010  3.848   -1.028  1.00 46.58 ? 18  LEU A CB  1 
ATOM   144  C CG  . LEU A 1 19  ? -3.790  3.378   -1.837  1.00 46.74 ? 18  LEU A CG  1 
ATOM   145  C CD1 . LEU A 1 19  ? -2.489  3.429   -1.015  1.00 46.52 ? 18  LEU A CD1 1 
ATOM   146  C CD2 . LEU A 1 19  ? -4.014  1.995   -2.435  1.00 45.27 ? 18  LEU A CD2 1 
ATOM   147  N N   . LEU A 1 20  ? -3.615  6.751   -2.102  1.00 46.50 ? 19  LEU A N   1 
ATOM   148  C CA  . LEU A 1 20  ? -3.234  7.499   -3.271  1.00 46.19 ? 19  LEU A CA  1 
ATOM   149  C C   . LEU A 1 20  ? -2.320  6.640   -4.112  1.00 46.39 ? 19  LEU A C   1 
ATOM   150  O O   . LEU A 1 20  ? -1.142  6.509   -3.825  1.00 46.24 ? 19  LEU A O   1 
ATOM   151  C CB  . LEU A 1 20  ? -2.532  8.771   -2.846  1.00 46.18 ? 19  LEU A CB  1 
ATOM   152  C CG  . LEU A 1 20  ? -3.298  9.687   -1.888  1.00 46.26 ? 19  LEU A CG  1 
ATOM   153  C CD1 . LEU A 1 20  ? -2.379  10.717  -1.270  1.00 46.68 ? 19  LEU A CD1 1 
ATOM   154  C CD2 . LEU A 1 20  ? -4.408  10.388  -2.627  1.00 47.77 ? 19  LEU A CD2 1 
ATOM   155  N N   . LEU A 1 21  ? -2.891  6.023   -5.138  1.00 46.83 ? 20  LEU A N   1 
ATOM   156  C CA  . LEU A 1 21  ? -2.148  5.147   -6.030  1.00 47.27 ? 20  LEU A CA  1 
ATOM   157  C C   . LEU A 1 21  ? -1.332  5.965   -6.998  1.00 47.73 ? 20  LEU A C   1 
ATOM   158  O O   . LEU A 1 21  ? -1.827  6.953   -7.533  1.00 48.43 ? 20  LEU A O   1 
ATOM   159  C CB  . LEU A 1 21  ? -3.104  4.297   -6.845  1.00 47.14 ? 20  LEU A CB  1 
ATOM   160  C CG  . LEU A 1 21  ? -3.968  3.293   -6.101  1.00 47.67 ? 20  LEU A CG  1 
ATOM   161  C CD1 . LEU A 1 21  ? -5.263  3.025   -6.897  1.00 47.51 ? 20  LEU A CD1 1 
ATOM   162  C CD2 . LEU A 1 21  ? -3.174  2.019   -5.850  1.00 47.56 ? 20  LEU A CD2 1 
ATOM   163  N N   . VAL A 1 22  ? -0.099  5.529   -7.248  1.00 47.78 ? 21  VAL A N   1 
ATOM   164  C CA  . VAL A 1 22  ? 0.798   6.209   -8.171  1.00 47.69 ? 21  VAL A CA  1 
ATOM   165  C C   . VAL A 1 22  ? 0.992   5.361   -9.414  1.00 47.83 ? 21  VAL A C   1 
ATOM   166  O O   . VAL A 1 22  ? 1.319   4.191   -9.314  1.00 47.29 ? 21  VAL A O   1 
ATOM   167  C CB  . VAL A 1 22  ? 2.164   6.487   -7.510  1.00 47.68 ? 21  VAL A CB  1 
ATOM   168  C CG1 . VAL A 1 22  ? 3.082   7.241   -8.464  1.00 47.33 ? 21  VAL A CG1 1 
ATOM   169  C CG2 . VAL A 1 22  ? 1.976   7.275   -6.216  1.00 47.45 ? 21  VAL A CG2 1 
ATOM   170  N N   . HIS A 1 23  ? 0.784   5.966   -10.579 1.00 48.46 ? 22  HIS A N   1 
ATOM   171  C CA  . HIS A 1 23  ? 0.864   5.246   -11.842 1.00 49.46 ? 22  HIS A CA  1 
ATOM   172  C C   . HIS A 1 23  ? 1.943   5.826   -12.714 1.00 49.99 ? 22  HIS A C   1 
ATOM   173  O O   . HIS A 1 23  ? 2.108   7.042   -12.766 1.00 50.07 ? 22  HIS A O   1 
ATOM   174  C CB  . HIS A 1 23  ? -0.449  5.331   -12.641 1.00 49.59 ? 22  HIS A CB  1 
ATOM   175  C CG  . HIS A 1 23  ? -1.658  4.850   -11.902 1.00 50.26 ? 22  HIS A CG  1 
ATOM   176  N ND1 . HIS A 1 23  ? -1.686  3.655   -11.209 1.00 50.77 ? 22  HIS A ND1 1 
ATOM   177  C CD2 . HIS A 1 23  ? -2.889  5.397   -11.769 1.00 50.17 ? 22  HIS A CD2 1 
ATOM   178  C CE1 . HIS A 1 23  ? -2.881  3.496   -10.666 1.00 50.85 ? 22  HIS A CE1 1 
ATOM   179  N NE2 . HIS A 1 23  ? -3.629  4.538   -10.990 1.00 51.48 ? 22  HIS A NE2 1 
ATOM   180  N N   . ASN A 1 24  ? 2.631   4.953   -13.445 1.00 50.72 ? 23  ASN A N   1 
ATOM   181  C CA  . ASN A 1 24  ? 3.651   5.356   -14.412 1.00 51.75 ? 23  ASN A CA  1 
ATOM   182  C C   . ASN A 1 24  ? 4.804   6.135   -13.772 1.00 51.80 ? 23  ASN A C   1 
ATOM   183  O O   . ASN A 1 24  ? 5.165   7.240   -14.201 1.00 51.89 ? 23  ASN A O   1 
ATOM   184  C CB  . ASN A 1 24  ? 3.045   6.119   -15.607 1.00 52.35 ? 23  ASN A CB  1 
ATOM   185  C CG  . ASN A 1 24  ? 1.596   5.719   -15.890 1.00 54.21 ? 23  ASN A CG  1 
ATOM   186  O OD1 . ASN A 1 24  ? 0.682   6.552   -15.805 1.00 55.36 ? 23  ASN A OD1 1 
ATOM   187  N ND2 . ASN A 1 24  ? 1.376   4.438   -16.199 1.00 55.41 ? 23  ASN A ND2 1 
ATOM   188  N N   . LEU A 1 25  ? 5.360   5.541   -12.723 1.00 51.93 ? 24  LEU A N   1 
ATOM   189  C CA  . LEU A 1 25  ? 6.676   5.895   -12.235 1.00 52.15 ? 24  LEU A CA  1 
ATOM   190  C C   . LEU A 1 25  ? 7.677   5.915   -13.398 1.00 52.57 ? 24  LEU A C   1 
ATOM   191  O O   . LEU A 1 25  ? 7.655   5.012   -14.229 1.00 52.56 ? 24  LEU A O   1 
ATOM   192  C CB  . LEU A 1 25  ? 7.104   4.876   -11.177 1.00 51.74 ? 24  LEU A CB  1 
ATOM   193  C CG  . LEU A 1 25  ? 7.245   5.372   -9.735  1.00 50.80 ? 24  LEU A CG  1 
ATOM   194  C CD1 . LEU A 1 25  ? 6.595   6.713   -9.498  1.00 48.79 ? 24  LEU A CD1 1 
ATOM   195  C CD2 . LEU A 1 25  ? 6.718   4.350   -8.753  1.00 50.62 ? 24  LEU A CD2 1 
ATOM   196  N N   . PRO A 1 26  ? 8.517   6.965   -13.492 1.00 53.07 ? 25  PRO A N   1 
ATOM   197  C CA  . PRO A 1 26  ? 9.587   6.988   -14.492 1.00 53.48 ? 25  PRO A CA  1 
ATOM   198  C C   . PRO A 1 26  ? 10.735  6.074   -14.128 1.00 54.01 ? 25  PRO A C   1 
ATOM   199  O O   . PRO A 1 26  ? 10.702  5.426   -13.085 1.00 53.85 ? 25  PRO A O   1 
ATOM   200  C CB  . PRO A 1 26  ? 10.072  8.431   -14.465 1.00 53.47 ? 25  PRO A CB  1 
ATOM   201  C CG  . PRO A 1 26  ? 9.721   8.919   -13.127 1.00 53.49 ? 25  PRO A CG  1 
ATOM   202  C CD  . PRO A 1 26  ? 8.474   8.213   -12.711 1.00 53.14 ? 25  PRO A CD  1 
ATOM   203  N N   . GLN A 1 27  ? 11.742  6.029   -15.003 1.00 54.78 ? 26  GLN A N   1 
ATOM   204  C CA  . GLN A 1 27  ? 12.905  5.159   -14.805 1.00 54.90 ? 26  GLN A CA  1 
ATOM   205  C C   . GLN A 1 27  ? 13.946  5.885   -13.963 1.00 54.72 ? 26  GLN A C   1 
ATOM   206  O O   . GLN A 1 27  ? 13.746  7.049   -13.621 1.00 55.00 ? 26  GLN A O   1 
ATOM   207  C CB  . GLN A 1 27  ? 13.514  4.708   -16.154 1.00 54.99 ? 26  GLN A CB  1 
ATOM   208  C CG  A GLN A 1 27  ? 12.730  3.536   -16.816 0.50 54.98 ? 26  GLN A CG  1 
ATOM   209  C CG  B GLN A 1 27  ? 12.648  3.868   -17.108 0.50 54.96 ? 26  GLN A CG  1 
ATOM   210  C CD  A GLN A 1 27  ? 12.812  2.191   -16.046 0.50 54.90 ? 26  GLN A CD  1 
ATOM   211  C CD  B GLN A 1 27  ? 13.499  3.113   -18.150 0.50 55.07 ? 26  GLN A CD  1 
ATOM   212  O OE1 A GLN A 1 27  ? 13.111  2.150   -14.850 0.50 54.55 ? 26  GLN A OE1 1 
ATOM   213  O OE1 B GLN A 1 27  ? 14.716  3.303   -18.237 0.50 55.04 ? 26  GLN A OE1 1 
ATOM   214  N NE2 A GLN A 1 27  ? 12.541  1.094   -16.747 0.50 54.38 ? 26  GLN A NE2 1 
ATOM   215  N NE2 B GLN A 1 27  ? 12.857  2.247   -18.930 0.50 55.42 ? 26  GLN A NE2 1 
ATOM   216  N N   . HIS A 1 28  ? 15.043  5.198   -13.629 1.00 54.41 ? 27  HIS A N   1 
ATOM   217  C CA  . HIS A 1 28  ? 16.206  5.817   -12.955 1.00 53.69 ? 27  HIS A CA  1 
ATOM   218  C C   . HIS A 1 28  ? 15.823  6.570   -11.682 1.00 53.22 ? 27  HIS A C   1 
ATOM   219  O O   . HIS A 1 28  ? 16.229  7.711   -11.489 1.00 53.72 ? 27  HIS A O   1 
ATOM   220  C CB  . HIS A 1 28  ? 16.953  6.760   -13.914 1.00 53.38 ? 27  HIS A CB  1 
ATOM   221  C CG  . HIS A 1 28  ? 17.405  6.102   -15.177 0.50 52.52 ? 27  HIS A CG  1 
ATOM   222  N ND1 . HIS A 1 28  ? 16.947  6.486   -16.418 0.50 51.28 ? 27  HIS A ND1 1 
ATOM   223  C CD2 . HIS A 1 28  ? 18.265  5.079   -15.388 0.50 51.54 ? 27  HIS A CD2 1 
ATOM   224  C CE1 . HIS A 1 28  ? 17.507  5.729   -17.343 0.50 51.61 ? 27  HIS A CE1 1 
ATOM   225  N NE2 . HIS A 1 28  ? 18.311  4.867   -16.744 0.50 51.89 ? 27  HIS A NE2 1 
ATOM   226  N N   . LEU A 1 29  ? 15.046  5.922   -10.823 1.00 52.73 ? 28  LEU A N   1 
ATOM   227  C CA  A LEU A 1 29  ? 14.543  6.560   -9.610  0.50 52.36 ? 28  LEU A CA  1 
ATOM   228  C CA  B LEU A 1 29  ? 14.517  6.554   -9.613  0.50 52.53 ? 28  LEU A CA  1 
ATOM   229  C C   A LEU A 1 29  ? 15.569  6.640   -8.487  0.50 52.00 ? 28  LEU A C   1 
ATOM   230  C C   B LEU A 1 29  ? 15.518  6.567   -8.457  0.50 52.09 ? 28  LEU A C   1 
ATOM   231  O O   A LEU A 1 29  ? 16.671  6.103   -8.594  0.50 52.13 ? 28  LEU A O   1 
ATOM   232  O O   B LEU A 1 29  ? 16.553  5.905   -8.511  0.50 52.21 ? 28  LEU A O   1 
ATOM   233  C CB  A LEU A 1 29  ? 13.296  5.833   -9.119  0.50 52.32 ? 28  LEU A CB  1 
ATOM   234  C CB  B LEU A 1 29  ? 13.240  5.843   -9.179  0.50 52.60 ? 28  LEU A CB  1 
ATOM   235  C CG  A LEU A 1 29  ? 11.948  6.499   -9.379  0.50 52.38 ? 28  LEU A CG  1 
ATOM   236  C CG  B LEU A 1 29  ? 12.177  5.664   -10.261 0.50 53.25 ? 28  LEU A CG  1 
ATOM   237  C CD1 A LEU A 1 29  ? 11.846  7.075   -10.786 0.50 52.14 ? 28  LEU A CD1 1 
ATOM   238  C CD1 B LEU A 1 29  ? 11.395  4.360   -10.048 0.50 54.02 ? 28  LEU A CD1 1 
ATOM   239  C CD2 A LEU A 1 29  ? 10.829  5.499   -9.111  0.50 52.75 ? 28  LEU A CD2 1 
ATOM   240  C CD2 B LEU A 1 29  ? 11.251  6.881   -10.331 0.50 53.32 ? 28  LEU A CD2 1 
ATOM   241  N N   . PHE A 1 30  ? 15.193  7.321   -7.411  1.00 51.61 ? 29  PHE A N   1 
ATOM   242  C CA  . PHE A 1 30  ? 16.049  7.452   -6.246  1.00 50.69 ? 29  PHE A CA  1 
ATOM   243  C C   . PHE A 1 30  ? 15.230  7.382   -4.966  1.00 49.99 ? 29  PHE A C   1 
ATOM   244  O O   . PHE A 1 30  ? 15.595  6.673   -4.009  1.00 49.86 ? 29  PHE A O   1 
ATOM   245  C CB  . PHE A 1 30  ? 16.803  8.774   -6.313  1.00 50.85 ? 29  PHE A CB  1 
ATOM   246  C CG  . PHE A 1 30  ? 17.723  9.002   -5.157  1.00 50.86 ? 29  PHE A CG  1 
ATOM   247  C CD1 . PHE A 1 30  ? 18.875  8.238   -5.008  1.00 50.44 ? 29  PHE A CD1 1 
ATOM   248  C CD2 . PHE A 1 30  ? 17.442  9.991   -4.219  1.00 50.76 ? 29  PHE A CD2 1 
ATOM   249  C CE1 . PHE A 1 30  ? 19.724  8.457   -3.928  1.00 51.44 ? 29  PHE A CE1 1 
ATOM   250  C CE2 . PHE A 1 30  ? 18.289  10.217  -3.135  1.00 51.01 ? 29  PHE A CE2 1 
ATOM   251  C CZ  . PHE A 1 30  ? 19.428  9.450   -2.985  1.00 50.80 ? 29  PHE A CZ  1 
ATOM   252  N N   . GLY A 1 31  ? 14.119  8.122   -4.960  1.00 49.06 ? 30  GLY A N   1 
ATOM   253  C CA  . GLY A 1 31  ? 13.194  8.148   -3.830  1.00 47.62 ? 30  GLY A CA  1 
ATOM   254  C C   . GLY A 1 31  ? 12.019  9.058   -4.109  1.00 46.91 ? 30  GLY A C   1 
ATOM   255  O O   . GLY A 1 31  ? 11.896  9.597   -5.215  1.00 46.92 ? 30  GLY A O   1 
ATOM   256  N N   . TYR A 1 32  ? 11.177  9.259   -3.102  1.00 45.98 ? 31  TYR A N   1 
ATOM   257  C CA  . TYR A 1 32  ? 9.937   9.986   -3.288  1.00 45.79 ? 31  TYR A CA  1 
ATOM   258  C C   . TYR A 1 32  ? 9.741   11.027  -2.207  1.00 46.56 ? 31  TYR A C   1 
ATOM   259  O O   . TYR A 1 32  ? 10.112  10.806  -1.058  1.00 47.30 ? 31  TYR A O   1 
ATOM   260  C CB  . TYR A 1 32  ? 8.756   9.024   -3.187  1.00 45.54 ? 31  TYR A CB  1 
ATOM   261  C CG  . TYR A 1 32  ? 8.881   7.698   -3.911  1.00 44.50 ? 31  TYR A CG  1 
ATOM   262  C CD1 . TYR A 1 32  ? 8.805   6.497   -3.217  1.00 43.73 ? 31  TYR A CD1 1 
ATOM   263  C CD2 . TYR A 1 32  ? 9.051   7.650   -5.294  1.00 42.85 ? 31  TYR A CD2 1 
ATOM   264  C CE1 . TYR A 1 32  ? 8.921   5.274   -3.893  1.00 44.55 ? 31  TYR A CE1 1 
ATOM   265  C CE2 . TYR A 1 32  ? 9.163   6.457   -5.968  1.00 43.17 ? 31  TYR A CE2 1 
ATOM   266  C CZ  . TYR A 1 32  ? 9.093   5.266   -5.274  1.00 44.37 ? 31  TYR A CZ  1 
ATOM   267  O OH  . TYR A 1 32  ? 9.192   4.087   -5.983  1.00 44.72 ? 31  TYR A OH  1 
ATOM   268  N N   . SER A 1 33  ? 9.119   12.149  -2.544  1.00 47.10 ? 32  SER A N   1 
ATOM   269  C CA  . SER A 1 33  ? 8.754   13.121  -1.525  1.00 47.62 ? 32  SER A CA  1 
ATOM   270  C C   . SER A 1 33  ? 7.287   13.464  -1.641  1.00 48.04 ? 32  SER A C   1 
ATOM   271  O O   . SER A 1 33  ? 6.832   13.873  -2.711  1.00 48.39 ? 32  SER A O   1 
ATOM   272  C CB  . SER A 1 33  ? 9.597   14.371  -1.662  1.00 47.74 ? 32  SER A CB  1 
ATOM   273  O OG  . SER A 1 33  ? 10.893  14.154  -1.123  1.00 49.21 ? 32  SER A OG  1 
ATOM   274  N N   . TRP A 1 34  ? 6.554   13.288  -0.542  1.00 48.11 ? 33  TRP A N   1 
ATOM   275  C CA  . TRP A 1 34  ? 5.110   13.452  -0.516  1.00 48.18 ? 33  TRP A CA  1 
ATOM   276  C C   . TRP A 1 34  ? 4.721   14.649  0.318   1.00 48.49 ? 33  TRP A C   1 
ATOM   277  O O   . TRP A 1 34  ? 5.016   14.690  1.519   1.00 48.32 ? 33  TRP A O   1 
ATOM   278  C CB  . TRP A 1 34  ? 4.461   12.221  0.100   1.00 48.28 ? 33  TRP A CB  1 
ATOM   279  C CG  . TRP A 1 34  ? 3.954   11.215  -0.873  1.00 48.69 ? 33  TRP A CG  1 
ATOM   280  C CD1 . TRP A 1 34  ? 4.435   9.960   -1.073  1.00 48.16 ? 33  TRP A CD1 1 
ATOM   281  C CD2 . TRP A 1 34  ? 2.850   11.372  -1.774  1.00 49.00 ? 33  TRP A CD2 1 
ATOM   282  N NE1 . TRP A 1 34  ? 3.705   9.321   -2.043  1.00 47.79 ? 33  TRP A NE1 1 
ATOM   283  C CE2 . TRP A 1 34  ? 2.725   10.164  -2.491  1.00 48.42 ? 33  TRP A CE2 1 
ATOM   284  C CE3 . TRP A 1 34  ? 1.952   12.414  -2.043  1.00 48.87 ? 33  TRP A CE3 1 
ATOM   285  C CZ2 . TRP A 1 34  ? 1.744   9.969   -3.465  1.00 48.48 ? 33  TRP A CZ2 1 
ATOM   286  C CZ3 . TRP A 1 34  ? 0.973   12.218  -3.012  1.00 48.38 ? 33  TRP A CZ3 1 
ATOM   287  C CH2 . TRP A 1 34  ? 0.877   11.002  -3.706  1.00 48.32 ? 33  TRP A CH2 1 
ATOM   288  N N   . TYR A 1 35  ? 4.026   15.595  -0.318  1.00 49.07 ? 34  TYR A N   1 
ATOM   289  C CA  . TYR A 1 35  ? 3.544   16.832  0.325   1.00 49.30 ? 34  TYR A CA  1 
ATOM   290  C C   . TYR A 1 35  ? 2.021   16.982  0.343   1.00 49.54 ? 34  TYR A C   1 
ATOM   291  O O   . TYR A 1 35  ? 1.353   16.808  -0.690  1.00 49.10 ? 34  TYR A O   1 
ATOM   292  C CB  . TYR A 1 35  ? 4.097   18.050  -0.401  1.00 49.39 ? 34  TYR A CB  1 
ATOM   293  C CG  . TYR A 1 35  ? 5.580   18.051  -0.612  1.00 49.92 ? 34  TYR A CG  1 
ATOM   294  C CD1 . TYR A 1 35  ? 6.127   17.513  -1.763  1.00 49.63 ? 34  TYR A CD1 1 
ATOM   295  C CD2 . TYR A 1 35  ? 6.440   18.622  0.333   1.00 50.42 ? 34  TYR A CD2 1 
ATOM   296  C CE1 . TYR A 1 35  ? 7.495   17.517  -1.969  1.00 51.28 ? 34  TYR A CE1 1 
ATOM   297  C CE2 . TYR A 1 35  ? 7.812   18.642  0.138   1.00 50.15 ? 34  TYR A CE2 1 
ATOM   298  C CZ  . TYR A 1 35  ? 8.339   18.085  -1.013  1.00 51.16 ? 34  TYR A CZ  1 
ATOM   299  O OH  . TYR A 1 35  ? 9.711   18.083  -1.230  1.00 51.54 ? 34  TYR A OH  1 
ATOM   300  N N   . LYS A 1 36  ? 1.479   17.335  1.509   1.00 50.13 ? 35  LYS A N   1 
ATOM   301  C CA  . LYS A 1 36  ? 0.111   17.845  1.583   1.00 51.17 ? 35  LYS A CA  1 
ATOM   302  C C   . LYS A 1 36  ? 0.092   19.191  0.880   1.00 51.66 ? 35  LYS A C   1 
ATOM   303  O O   . LYS A 1 36  ? 0.880   20.070  1.208   1.00 51.83 ? 35  LYS A O   1 
ATOM   304  C CB  . LYS A 1 36  ? -0.351  18.002  3.028   1.00 51.20 ? 35  LYS A CB  1 
ATOM   305  C CG  . LYS A 1 36  ? -1.842  18.260  3.178   1.00 52.09 ? 35  LYS A CG  1 
ATOM   306  C CD  . LYS A 1 36  ? -2.317  17.998  4.622   1.00 54.24 ? 35  LYS A CD  1 
ATOM   307  C CE  . LYS A 1 36  ? -3.805  18.393  4.892   1.00 54.31 ? 35  LYS A CE  1 
ATOM   308  N NZ  A LYS A 1 36  ? -4.672  18.285  3.669   0.50 55.23 ? 35  LYS A NZ  1 
ATOM   309  N NZ  B LYS A 1 36  ? -4.052  19.861  5.039   0.50 54.16 ? 35  LYS A NZ  1 
ATOM   310  N N   . GLY A 1 37  ? -0.778  19.349  -0.107  1.00 52.45 ? 36  GLY A N   1 
ATOM   311  C CA  . GLY A 1 37  ? -0.852  20.607  -0.831  1.00 53.90 ? 36  GLY A CA  1 
ATOM   312  C C   . GLY A 1 37  ? -0.536  20.476  -2.300  1.00 55.03 ? 36  GLY A C   1 
ATOM   313  O O   . GLY A 1 37  ? -0.572  19.388  -2.857  1.00 55.38 ? 36  GLY A O   1 
ATOM   314  N N   . GLU A 1 38  ? -0.212  21.594  -2.926  1.00 56.16 ? 37  GLU A N   1 
ATOM   315  C CA  . GLU A 1 38  ? -0.127  21.658  -4.370  1.00 57.50 ? 37  GLU A CA  1 
ATOM   316  C C   . GLU A 1 38  ? 1.272   22.021  -4.832  1.00 58.49 ? 37  GLU A C   1 
ATOM   317  O O   . GLU A 1 38  ? 1.646   21.818  -5.999  1.00 58.43 ? 37  GLU A O   1 
ATOM   318  C CB  . GLU A 1 38  ? -1.096  22.715  -4.872  1.00 57.50 ? 37  GLU A CB  1 
ATOM   319  C CG  . GLU A 1 38  ? -2.498  22.225  -5.074  1.00 57.59 ? 37  GLU A CG  1 
ATOM   320  C CD  . GLU A 1 38  ? -3.344  23.242  -5.802  1.00 57.82 ? 37  GLU A CD  1 
ATOM   321  O OE1 . GLU A 1 38  ? -4.003  24.047  -5.102  1.00 57.84 ? 37  GLU A OE1 1 
ATOM   322  O OE2 . GLU A 1 38  ? -3.322  23.251  -7.059  1.00 56.35 ? 37  GLU A OE2 1 
ATOM   323  N N   . ARG A 1 39  ? 2.026   22.607  -3.912  1.00 59.79 ? 38  ARG A N   1 
ATOM   324  C CA  . ARG A 1 39  ? 3.416   22.933  -4.164  1.00 60.95 ? 38  ARG A CA  1 
ATOM   325  C C   . ARG A 1 39  ? 4.263   22.119  -3.193  1.00 61.60 ? 38  ARG A C   1 
ATOM   326  O O   . ARG A 1 39  ? 3.739   21.384  -2.349  1.00 61.41 ? 38  ARG A O   1 
ATOM   327  C CB  . ARG A 1 39  ? 3.684   24.465  -4.078  1.00 61.06 ? 38  ARG A CB  1 
ATOM   328  C CG  . ARG A 1 39  ? 3.645   25.123  -2.655  1.00 61.31 ? 38  ARG A CG  1 
ATOM   329  C CD  B ARG A 1 39  ? 3.069   26.551  -2.697  0.50 61.09 ? 38  ARG A CD  1 
ATOM   330  C CD  C ARG A 1 39  ? 4.044   26.635  -2.649  0.50 61.16 ? 38  ARG A CD  1 
ATOM   331  N NE  B ARG A 1 39  ? 1.752   26.578  -3.333  0.50 60.51 ? 38  ARG A NE  1 
ATOM   332  N NE  C ARG A 1 39  ? 5.471   26.898  -2.898  0.50 60.74 ? 38  ARG A NE  1 
ATOM   333  C CZ  B ARG A 1 39  ? 1.492   27.147  -4.504  0.50 60.06 ? 38  ARG A CZ  1 
ATOM   334  C CZ  C ARG A 1 39  ? 6.393   27.101  -1.957  0.50 59.86 ? 38  ARG A CZ  1 
ATOM   335  N NH1 B ARG A 1 39  ? 2.453   27.771  -5.177  0.50 59.57 ? 38  ARG A NH1 1 
ATOM   336  N NH1 C ARG A 1 39  ? 6.068   27.067  -0.669  0.50 59.46 ? 38  ARG A NH1 1 
ATOM   337  N NH2 B ARG A 1 39  ? 0.260   27.101  -4.996  0.50 59.64 ? 38  ARG A NH2 1 
ATOM   338  N NH2 C ARG A 1 39  ? 7.654   27.333  -2.306  0.50 59.34 ? 38  ARG A NH2 1 
ATOM   339  N N   . CYS A 1 40  ? 5.568   22.297  -3.322  1.00 61.88 ? 39  CYS A N   1 
ATOM   340  C CA  . CYS A 1 40  ? 6.597   21.567  -2.615  1.00 62.44 ? 39  CYS A CA  1 
ATOM   341  C C   . CYS A 1 40  ? 6.934   22.138  -1.215  1.00 62.16 ? 39  CYS A C   1 
ATOM   342  O O   . CYS A 1 40  ? 8.043   21.973  -0.705  1.00 62.70 ? 39  CYS A O   1 
ATOM   343  C CB  A CYS A 1 40  ? 7.848   21.433  -3.485  0.50 62.46 ? 39  CYS A CB  1 
ATOM   344  C CB  B CYS A 1 40  ? 7.833   21.643  -3.502  0.50 62.37 ? 39  CYS A CB  1 
ATOM   345  S SG  A CYS A 1 40  ? 7.608   20.480  -5.035  0.50 63.49 ? 39  CYS A SG  1 
ATOM   346  S SG  B CYS A 1 40  ? 7.639   22.883  -4.860  0.50 62.73 ? 39  CYS A SG  1 
ATOM   347  N N   . ASP A 1 41  ? 5.962   22.783  -0.582  1.00 61.57 ? 40  ASP A N   1 
ATOM   348  C CA  . ASP A 1 41  ? 6.166   23.409  0.720   1.00 60.86 ? 40  ASP A CA  1 
ATOM   349  C C   . ASP A 1 41  ? 6.714   22.409  1.741   1.00 59.72 ? 40  ASP A C   1 
ATOM   350  O O   . ASP A 1 41  ? 5.977   21.592  2.284   1.00 59.51 ? 40  ASP A O   1 
ATOM   351  C CB  . ASP A 1 41  ? 4.854   24.063  1.195   1.00 61.36 ? 40  ASP A CB  1 
ATOM   352  C CG  . ASP A 1 41  ? 5.039   25.002  2.395   1.00 62.95 ? 40  ASP A CG  1 
ATOM   353  O OD1 . ASP A 1 41  ? 6.164   25.127  2.932   1.00 65.05 ? 40  ASP A OD1 1 
ATOM   354  O OD2 . ASP A 1 41  ? 4.031   25.618  2.813   1.00 64.83 ? 40  ASP A OD2 1 
ATOM   355  N N   . GLY A 1 42  ? 8.021   22.485  1.976   1.00 58.73 ? 41  GLY A N   1 
ATOM   356  C CA  . GLY A 1 42  ? 8.702   21.656  2.962   1.00 57.86 ? 41  GLY A CA  1 
ATOM   357  C C   . GLY A 1 42  ? 8.056   21.659  4.334   1.00 57.44 ? 41  GLY A C   1 
ATOM   358  O O   . GLY A 1 42  ? 8.207   20.704  5.085   1.00 57.51 ? 41  GLY A O   1 
ATOM   359  N N   . ASN A 1 43  ? 7.327   22.719  4.664   1.00 57.15 ? 42  ASN A N   1 
ATOM   360  C CA  . ASN A 1 43  ? 6.650   22.823  5.957   1.00 57.49 ? 42  ASN A CA  1 
ATOM   361  C C   . ASN A 1 43  ? 5.412   21.973  6.060   1.00 56.70 ? 42  ASN A C   1 
ATOM   362  O O   . ASN A 1 43  ? 4.873   21.747  7.139   1.00 56.31 ? 42  ASN A O   1 
ATOM   363  C CB  . ASN A 1 43  ? 6.315   24.276  6.269   1.00 58.20 ? 42  ASN A CB  1 
ATOM   364  C CG  . ASN A 1 43  ? 7.542   25.055  6.654   1.00 61.35 ? 42  ASN A CG  1 
ATOM   365  O OD1 . ASN A 1 43  ? 8.232   24.702  7.626   1.00 64.41 ? 42  ASN A OD1 1 
ATOM   366  N ND2 . ASN A 1 43  ? 7.870   26.086  5.866   1.00 63.21 ? 42  ASN A ND2 1 
ATOM   367  N N   . ARG A 1 44  ? 4.966   21.516  4.906   1.00 56.21 ? 43  ARG A N   1 
ATOM   368  C CA  . ARG A 1 44  ? 3.880   20.580  4.824   1.00 55.97 ? 43  ARG A CA  1 
ATOM   369  C C   . ARG A 1 44  ? 4.304   19.328  4.034   1.00 55.26 ? 43  ARG A C   1 
ATOM   370  O O   . ARG A 1 44  ? 3.522   18.764  3.265   1.00 55.39 ? 43  ARG A O   1 
ATOM   371  C CB  . ARG A 1 44  ? 2.620   21.253  4.250   1.00 56.21 ? 43  ARG A CB  1 
ATOM   372  C CG  . ARG A 1 44  ? 2.885   22.491  3.391   1.00 56.24 ? 43  ARG A CG  1 
ATOM   373  C CD  . ARG A 1 44  ? 1.599   23.150  2.872   1.00 56.86 ? 43  ARG A CD  1 
ATOM   374  N NE  . ARG A 1 44  ? 0.395   22.748  3.618   1.00 58.95 ? 43  ARG A NE  1 
ATOM   375  C CZ  . ARG A 1 44  ? -0.841  22.789  3.115   1.00 58.65 ? 43  ARG A CZ  1 
ATOM   376  N NH1 . ARG A 1 44  ? -1.048  23.205  1.865   1.00 58.23 ? 43  ARG A NH1 1 
ATOM   377  N NH2 . ARG A 1 44  ? -1.869  22.399  3.850   1.00 58.30 ? 43  ARG A NH2 1 
ATOM   378  N N   . GLN A 1 45  ? 5.548   18.892  4.232   1.00 54.31 ? 44  GLN A N   1 
ATOM   379  C CA  . GLN A 1 45  ? 5.962   17.593  3.723   1.00 52.98 ? 44  GLN A CA  1 
ATOM   380  C C   . GLN A 1 45  ? 5.577   16.528  4.723   1.00 51.86 ? 44  GLN A C   1 
ATOM   381  O O   . GLN A 1 45  ? 5.811   16.651  5.931   1.00 51.43 ? 44  GLN A O   1 
ATOM   382  C CB  . GLN A 1 45  ? 7.452   17.519  3.438   1.00 53.27 ? 44  GLN A CB  1 
ATOM   383  C CG  . GLN A 1 45  ? 7.876   16.162  2.886   1.00 54.65 ? 44  GLN A CG  1 
ATOM   384  C CD  . GLN A 1 45  ? 9.294   16.142  2.348   1.00 56.87 ? 44  GLN A CD  1 
ATOM   385  O OE1 . GLN A 1 45  ? 9.900   17.192  2.113   1.00 59.34 ? 44  GLN A OE1 1 
ATOM   386  N NE2 . GLN A 1 45  ? 9.830   14.944  2.140   1.00 57.28 ? 44  GLN A NE2 1 
ATOM   387  N N   . ILE A 1 46  ? 4.972   15.483  4.183   1.00 50.67 ? 45  ILE A N   1 
ATOM   388  C CA  . ILE A 1 46  ? 4.511   14.363  4.959   1.00 49.40 ? 45  ILE A CA  1 
ATOM   389  C C   . ILE A 1 46  ? 5.671   13.418  5.204   1.00 48.77 ? 45  ILE A C   1 
ATOM   390  O O   . ILE A 1 46  ? 5.874   12.981  6.343   1.00 48.56 ? 45  ILE A O   1 
ATOM   391  C CB  . ILE A 1 46  ? 3.386   13.618  4.220   1.00 49.14 ? 45  ILE A CB  1 
ATOM   392  C CG1 . ILE A 1 46  ? 2.100   14.419  4.298   1.00 48.80 ? 45  ILE A CG1 1 
ATOM   393  C CG2 . ILE A 1 46  ? 3.144   12.258  4.827   1.00 48.62 ? 45  ILE A CG2 1 
ATOM   394  C CD1 . ILE A 1 46  ? 1.323   14.409  3.011   1.00 48.84 ? 45  ILE A CD1 1 
ATOM   395  N N   . ILE A 1 47  ? 6.433   13.123  4.143   1.00 47.69 ? 46  ILE A N   1 
ATOM   396  C CA  . ILE A 1 47  ? 7.351   11.987  4.160   1.00 46.87 ? 46  ILE A CA  1 
ATOM   397  C C   . ILE A 1 47  ? 8.275   11.936  2.948   1.00 46.45 ? 46  ILE A C   1 
ATOM   398  O O   . ILE A 1 47  ? 7.972   12.484  1.881   1.00 46.50 ? 46  ILE A O   1 
ATOM   399  C CB  . ILE A 1 47  ? 6.542   10.668  4.265   1.00 46.86 ? 46  ILE A CB  1 
ATOM   400  C CG1 . ILE A 1 47  ? 7.372   9.516   4.818   1.00 46.76 ? 46  ILE A CG1 1 
ATOM   401  C CG2 . ILE A 1 47  ? 5.917   10.310  2.948   1.00 47.40 ? 46  ILE A CG2 1 
ATOM   402  C CD1 . ILE A 1 47  ? 6.511   8.399   5.429   1.00 45.32 ? 46  ILE A CD1 1 
ATOM   403  N N   . GLY A 1 48  ? 9.418   11.285  3.133   1.00 45.77 ? 47  GLY A N   1 
ATOM   404  C CA  . GLY A 1 48  ? 10.366  11.067  2.067   1.00 44.68 ? 47  GLY A CA  1 
ATOM   405  C C   . GLY A 1 48  ? 10.890  9.668   2.262   1.00 44.31 ? 47  GLY A C   1 
ATOM   406  O O   . GLY A 1 48  ? 10.972  9.195   3.399   1.00 44.32 ? 47  GLY A O   1 
ATOM   407  N N   . TYR A 1 49  ? 11.251  9.017   1.157   1.00 43.68 ? 48  TYR A N   1 
ATOM   408  C CA  . TYR A 1 49  ? 11.594  7.611   1.135   1.00 43.39 ? 48  TYR A CA  1 
ATOM   409  C C   . TYR A 1 49  ? 12.693  7.381   0.119   1.00 43.67 ? 48  TYR A C   1 
ATOM   410  O O   . TYR A 1 49  ? 12.581  7.839   -1.019  1.00 43.96 ? 48  TYR A O   1 
ATOM   411  C CB  . TYR A 1 49  ? 10.355  6.835   0.728   1.00 43.53 ? 48  TYR A CB  1 
ATOM   412  C CG  . TYR A 1 49  ? 10.524  5.339   0.570   1.00 43.62 ? 48  TYR A CG  1 
ATOM   413  C CD1 . TYR A 1 49  ? 10.392  4.481   1.668   1.00 43.18 ? 48  TYR A CD1 1 
ATOM   414  C CD2 . TYR A 1 49  ? 10.786  4.779   -0.684  1.00 42.16 ? 48  TYR A CD2 1 
ATOM   415  C CE1 . TYR A 1 49  ? 10.541  3.091   1.522   1.00 43.68 ? 48  TYR A CE1 1 
ATOM   416  C CE2 . TYR A 1 49  ? 10.938  3.418   -0.839  1.00 42.88 ? 48  TYR A CE2 1 
ATOM   417  C CZ  . TYR A 1 49  ? 10.810  2.569   0.258   1.00 44.00 ? 48  TYR A CZ  1 
ATOM   418  O OH  . TYR A 1 49  ? 10.959  1.201   0.086   1.00 44.47 ? 48  TYR A OH  1 
ATOM   419  N N   . VAL A 1 50  ? 13.756  6.685   0.519   1.00 43.77 ? 49  VAL A N   1 
ATOM   420  C CA  . VAL A 1 50  ? 14.837  6.369   -0.405  1.00 44.30 ? 49  VAL A CA  1 
ATOM   421  C C   . VAL A 1 50  ? 14.687  4.945   -0.887  1.00 45.08 ? 49  VAL A C   1 
ATOM   422  O O   . VAL A 1 50  ? 14.741  3.987   -0.102  1.00 45.39 ? 49  VAL A O   1 
ATOM   423  C CB  . VAL A 1 50  ? 16.225  6.512   0.216   1.00 44.10 ? 49  VAL A CB  1 
ATOM   424  C CG1 . VAL A 1 50  ? 17.286  6.475   -0.884  1.00 43.66 ? 49  VAL A CG1 1 
ATOM   425  C CG2 . VAL A 1 50  ? 16.318  7.789   1.014   1.00 44.29 ? 49  VAL A CG2 1 
ATOM   426  N N   . ILE A 1 51  ? 14.510  4.810   -2.192  1.00 45.75 ? 50  ILE A N   1 
ATOM   427  C CA  . ILE A 1 51  ? 14.225  3.517   -2.776  1.00 46.76 ? 50  ILE A CA  1 
ATOM   428  C C   . ILE A 1 51  ? 15.362  2.559   -2.451  1.00 47.71 ? 50  ILE A C   1 
ATOM   429  O O   . ILE A 1 51  ? 15.134  1.446   -1.977  1.00 47.74 ? 50  ILE A O   1 
ATOM   430  C CB  . ILE A 1 51  ? 13.997  3.646   -4.298  1.00 46.58 ? 50  ILE A CB  1 
ATOM   431  C CG1 . ILE A 1 51  ? 12.645  4.304   -4.557  1.00 45.50 ? 50  ILE A CG1 1 
ATOM   432  C CG2 . ILE A 1 51  ? 14.078  2.299   -4.996  1.00 46.53 ? 50  ILE A CG2 1 
ATOM   433  C CD1 . ILE A 1 51  ? 12.556  4.956   -5.882  1.00 45.32 ? 50  ILE A CD1 1 
ATOM   434  N N   . GLY A 1 52  ? 16.587  3.031   -2.668  1.00 48.85 ? 51  GLY A N   1 
ATOM   435  C CA  . GLY A 1 52  ? 17.787  2.220   -2.495  1.00 49.90 ? 51  GLY A CA  1 
ATOM   436  C C   . GLY A 1 52  ? 17.940  1.558   -1.138  1.00 50.30 ? 51  GLY A C   1 
ATOM   437  O O   . GLY A 1 52  ? 18.341  0.409   -1.066  1.00 50.48 ? 51  GLY A O   1 
ATOM   438  N N   . THR A 1 53  ? 17.625  2.275   -0.068  1.00 50.76 ? 52  THR A N   1 
ATOM   439  C CA  . THR A 1 53  ? 17.826  1.743   1.262   1.00 51.45 ? 52  THR A CA  1 
ATOM   440  C C   . THR A 1 53  ? 16.528  1.533   2.013   1.00 52.12 ? 52  THR A C   1 
ATOM   441  O O   . THR A 1 53  ? 16.556  1.385   3.242   1.00 52.62 ? 52  THR A O   1 
ATOM   442  C CB  . THR A 1 53  ? 18.669  2.685   2.101   1.00 51.31 ? 52  THR A CB  1 
ATOM   443  O OG1 . THR A 1 53  ? 17.940  3.895   2.332   1.00 51.56 ? 52  THR A OG1 1 
ATOM   444  C CG2 . THR A 1 53  ? 19.954  3.013   1.391   1.00 52.88 ? 52  THR A CG2 1 
ATOM   445  N N   . GLN A 1 54  ? 15.397  1.539   1.300   1.00 52.60 ? 53  GLN A N   1 
ATOM   446  C CA  . GLN A 1 54  ? 14.071  1.369   1.922   1.00 53.38 ? 53  GLN A CA  1 
ATOM   447  C C   . GLN A 1 54  ? 13.940  2.263   3.172   1.00 53.90 ? 53  GLN A C   1 
ATOM   448  O O   . GLN A 1 54  ? 13.306  1.867   4.156   1.00 53.96 ? 53  GLN A O   1 
ATOM   449  C CB  . GLN A 1 54  ? 13.780  -0.112  2.324   1.00 53.11 ? 53  GLN A CB  1 
ATOM   450  C CG  . GLN A 1 54  ? 13.934  -1.230  1.237   1.00 53.43 ? 53  GLN A CG  1 
ATOM   451  C CD  . GLN A 1 54  ? 13.598  -2.650  1.776   1.00 53.64 ? 53  GLN A CD  1 
ATOM   452  O OE1 . GLN A 1 54  ? 13.286  -2.821  2.959   1.00 53.54 ? 53  GLN A OE1 1 
ATOM   453  N NE2 . GLN A 1 54  ? 13.659  -3.658  0.903   1.00 53.74 ? 53  GLN A NE2 1 
ATOM   454  N N   . GLN A 1 55  ? 14.552  3.445   3.158   1.00 54.40 ? 54  GLN A N   1 
ATOM   455  C CA  . GLN A 1 55  ? 14.537  4.285   4.360   1.00 55.25 ? 54  GLN A CA  1 
ATOM   456  C C   . GLN A 1 55  ? 13.520  5.402   4.270   1.00 55.10 ? 54  GLN A C   1 
ATOM   457  O O   . GLN A 1 55  ? 13.516  6.195   3.320   1.00 54.97 ? 54  GLN A O   1 
ATOM   458  C CB  . GLN A 1 55  ? 15.930  4.829   4.707   1.00 55.76 ? 54  GLN A CB  1 
ATOM   459  C CG  . GLN A 1 55  ? 16.726  3.900   5.633   1.00 58.18 ? 54  GLN A CG  1 
ATOM   460  C CD  . GLN A 1 55  ? 16.106  3.792   7.032   1.00 60.90 ? 54  GLN A CD  1 
ATOM   461  O OE1 . GLN A 1 55  ? 15.774  4.808   7.645   1.00 61.17 ? 54  GLN A OE1 1 
ATOM   462  N NE2 . GLN A 1 55  ? 15.959  2.557   7.542   1.00 61.04 ? 54  GLN A NE2 1 
ATOM   463  N N   . ALA A 1 56  ? 12.655  5.452   5.275   1.00 55.07 ? 55  ALA A N   1 
ATOM   464  C CA  . ALA A 1 56  ? 11.499  6.330   5.234   1.00 55.00 ? 55  ALA A CA  1 
ATOM   465  C C   . ALA A 1 56  ? 11.534  7.329   6.365   1.00 54.87 ? 55  ALA A C   1 
ATOM   466  O O   . ALA A 1 56  ? 11.386  6.966   7.532   1.00 54.82 ? 55  ALA A O   1 
ATOM   467  C CB  . ALA A 1 56  ? 10.222  5.515   5.290   1.00 55.01 ? 55  ALA A CB  1 
ATOM   468  N N   . THR A 1 57  ? 11.709  8.594   6.007   1.00 55.00 ? 56  THR A N   1 
ATOM   469  C CA  . THR A 1 57  ? 11.790  9.667   6.998   1.00 54.91 ? 56  THR A CA  1 
ATOM   470  C C   . THR A 1 57  ? 10.553  10.571  6.962   1.00 54.43 ? 56  THR A C   1 
ATOM   471  O O   . THR A 1 57  ? 10.153  11.034  5.882   1.00 54.37 ? 56  THR A O   1 
ATOM   472  C CB  . THR A 1 57  ? 13.092  10.510  6.839   1.00 55.13 ? 56  THR A CB  1 
ATOM   473  O OG1 . THR A 1 57  ? 14.039  9.834   5.983   1.00 54.72 ? 56  THR A OG1 1 
ATOM   474  C CG2 . THR A 1 57  ? 13.712  10.759  8.202   1.00 55.31 ? 56  THR A CG2 1 
ATOM   475  N N   . PRO A 1 58  ? 9.911   10.776  8.132   1.00 54.06 ? 57  PRO A N   1 
ATOM   476  C CA  . PRO A 1 58  ? 8.807   11.735  8.321   1.00 54.00 ? 57  PRO A CA  1 
ATOM   477  C C   . PRO A 1 58  ? 9.205   13.191  8.119   1.00 53.94 ? 57  PRO A C   1 
ATOM   478  O O   . PRO A 1 58  ? 10.368  13.551  8.296   1.00 54.60 ? 57  PRO A O   1 
ATOM   479  C CB  . PRO A 1 58  ? 8.401   11.526  9.776   1.00 53.85 ? 57  PRO A CB  1 
ATOM   480  C CG  . PRO A 1 58  ? 9.577   10.902  10.404  1.00 54.03 ? 57  PRO A CG  1 
ATOM   481  C CD  . PRO A 1 58  ? 10.167  10.019  9.364   1.00 53.77 ? 57  PRO A CD  1 
ATOM   482  N N   . GLY A 1 59  ? 8.234   14.015  7.746   1.00 53.62 ? 58  GLY A N   1 
ATOM   483  C CA  . GLY A 1 59  ? 8.453   15.437  7.521   1.00 52.64 ? 58  GLY A CA  1 
ATOM   484  C C   . GLY A 1 59  ? 7.587   16.217  8.476   1.00 52.27 ? 58  GLY A C   1 
ATOM   485  O O   . GLY A 1 59  ? 6.791   15.628  9.207   1.00 52.32 ? 58  GLY A O   1 
ATOM   486  N N   . PRO A 1 60  ? 7.718   17.550  8.472   1.00 52.09 ? 59  PRO A N   1 
ATOM   487  C CA  . PRO A 1 60  ? 6.990   18.372  9.438   1.00 51.72 ? 59  PRO A CA  1 
ATOM   488  C C   . PRO A 1 60  ? 5.515   18.004  9.531   1.00 51.69 ? 59  PRO A C   1 
ATOM   489  O O   . PRO A 1 60  ? 4.992   17.937  10.634  1.00 52.12 ? 59  PRO A O   1 
ATOM   490  C CB  . PRO A 1 60  ? 7.148   19.787  8.887   1.00 51.64 ? 59  PRO A CB  1 
ATOM   491  C CG  . PRO A 1 60  ? 8.415   19.742  8.082   1.00 51.72 ? 59  PRO A CG  1 
ATOM   492  C CD  . PRO A 1 60  ? 8.540   18.359  7.544   1.00 52.07 ? 59  PRO A CD  1 
ATOM   493  N N   . ALA A 1 61  ? 4.873   17.730  8.392   1.00 51.74 ? 60  ALA A N   1 
ATOM   494  C CA  . ALA A 1 61  ? 3.420   17.455  8.325   1.00 51.84 ? 60  ALA A CA  1 
ATOM   495  C C   . ALA A 1 61  ? 2.953   16.031  8.692   1.00 51.91 ? 60  ALA A C   1 
ATOM   496  O O   . ALA A 1 61  ? 1.756   15.811  8.889   1.00 51.75 ? 60  ALA A O   1 
ATOM   497  C CB  . ALA A 1 61  ? 2.874   17.831  6.955   1.00 51.93 ? 60  ALA A CB  1 
ATOM   498  N N   . TYR A 1 62  ? 3.875   15.071  8.762   1.00 52.21 ? 61  TYR A N   1 
ATOM   499  C CA  . TYR A 1 62  ? 3.540   13.710  9.189   1.00 52.47 ? 61  TYR A CA  1 
ATOM   500  C C   . TYR A 1 62  ? 2.791   13.779  10.501  1.00 52.63 ? 61  TYR A C   1 
ATOM   501  O O   . TYR A 1 62  ? 3.096   14.632  11.341  1.00 53.25 ? 61  TYR A O   1 
ATOM   502  C CB  . TYR A 1 62  ? 4.799   12.879  9.379   1.00 52.76 ? 61  TYR A CB  1 
ATOM   503  C CG  . TYR A 1 62  ? 4.542   11.483  9.882   1.00 52.96 ? 61  TYR A CG  1 
ATOM   504  C CD1 . TYR A 1 62  ? 4.242   10.454  9.004   1.00 53.40 ? 61  TYR A CD1 1 
ATOM   505  C CD2 . TYR A 1 62  ? 4.601   11.188  11.240  1.00 54.25 ? 61  TYR A CD2 1 
ATOM   506  C CE1 . TYR A 1 62  ? 3.999   9.157   9.463   1.00 53.69 ? 61  TYR A CE1 1 
ATOM   507  C CE2 . TYR A 1 62  ? 4.370   9.889   11.716  1.00 54.14 ? 61  TYR A CE2 1 
ATOM   508  C CZ  . TYR A 1 62  ? 4.068   8.886   10.816  1.00 53.48 ? 61  TYR A CZ  1 
ATOM   509  O OH  . TYR A 1 62  ? 3.832   7.617   11.266  1.00 53.06 ? 61  TYR A OH  1 
ATOM   510  N N   . SER A 1 63  ? 1.828   12.882  10.689  1.00 52.31 ? 62  SER A N   1 
ATOM   511  C CA  . SER A 1 63  ? 0.894   13.011  11.798  1.00 51.86 ? 62  SER A CA  1 
ATOM   512  C C   . SER A 1 63  ? 0.543   11.685  12.453  1.00 51.72 ? 62  SER A C   1 
ATOM   513  O O   . SER A 1 63  ? -0.389  11.623  13.268  1.00 51.70 ? 62  SER A O   1 
ATOM   514  C CB  . SER A 1 63  ? -0.385  13.670  11.300  1.00 51.90 ? 62  SER A CB  1 
ATOM   515  O OG  . SER A 1 63  ? -1.126  12.760  10.496  1.00 52.33 ? 62  SER A OG  1 
ATOM   516  N N   . GLY A 1 64  ? 1.253   10.620  12.082  1.00 51.25 ? 63  GLY A N   1 
ATOM   517  C CA  . GLY A 1 64  ? 1.059   9.310   12.722  1.00 50.60 ? 63  GLY A CA  1 
ATOM   518  C C   . GLY A 1 64  ? 0.178   8.332   11.961  1.00 50.09 ? 63  GLY A C   1 
ATOM   519  O O   . GLY A 1 64  ? 0.033   7.163   12.357  1.00 50.06 ? 63  GLY A O   1 
ATOM   520  N N   . ARG A 1 65  ? -0.365  8.807   10.841  1.00 49.25 ? 64  ARG A N   1 
ATOM   521  C CA  . ARG A 1 65  ? -1.445  8.127   10.127  1.00 47.89 ? 64  ARG A CA  1 
ATOM   522  C C   . ARG A 1 65  ? -1.098  7.724   8.690   1.00 47.07 ? 64  ARG A C   1 
ATOM   523  O O   . ARG A 1 65  ? -1.804  6.943   8.060   1.00 47.20 ? 64  ARG A O   1 
ATOM   524  C CB  . ARG A 1 65  ? -2.655  9.046   10.109  1.00 47.92 ? 64  ARG A CB  1 
ATOM   525  C CG  . ARG A 1 65  ? -3.133  9.479   11.474  1.00 47.23 ? 64  ARG A CG  1 
ATOM   526  C CD  . ARG A 1 65  ? -4.383  10.294  11.313  1.00 46.05 ? 64  ARG A CD  1 
ATOM   527  N NE  . ARG A 1 65  ? -4.089  11.564  10.658  1.00 46.73 ? 64  ARG A NE  1 
ATOM   528  C CZ  . ARG A 1 65  ? -4.926  12.192  9.842   1.00 46.65 ? 64  ARG A CZ  1 
ATOM   529  N NH1 . ARG A 1 65  ? -6.104  11.648  9.564   1.00 47.70 ? 64  ARG A NH1 1 
ATOM   530  N NH2 . ARG A 1 65  ? -4.588  13.359  9.301   1.00 44.86 ? 64  ARG A NH2 1 
ATOM   531  N N   . GLU A 1 66  ? -0.001  8.260   8.190   1.00 46.10 ? 65  GLU A N   1 
ATOM   532  C CA  . GLU A 1 66  ? 0.420   8.068   6.814   1.00 45.09 ? 65  GLU A CA  1 
ATOM   533  C C   . GLU A 1 66  ? 1.390   6.881   6.614   1.00 44.36 ? 65  GLU A C   1 
ATOM   534  O O   . GLU A 1 66  ? 2.337   6.705   7.368   1.00 44.77 ? 65  GLU A O   1 
ATOM   535  C CB  . GLU A 1 66  ? 1.018   9.373   6.269   1.00 44.90 ? 65  GLU A CB  1 
ATOM   536  C CG  A GLU A 1 66  ? 0.136   10.618  6.448   0.50 45.23 ? 65  GLU A CG  1 
ATOM   537  C CG  B GLU A 1 66  ? 1.453   10.371  7.319   0.50 45.48 ? 65  GLU A CG  1 
ATOM   538  C CD  A GLU A 1 66  ? 0.166   11.219  7.858   0.50 46.31 ? 65  GLU A CD  1 
ATOM   539  C CD  B GLU A 1 66  ? 0.323   11.251  7.811   0.50 46.38 ? 65  GLU A CD  1 
ATOM   540  O OE1 A GLU A 1 66  ? 0.973   10.773  8.709   0.50 47.35 ? 65  GLU A OE1 1 
ATOM   541  O OE1 B GLU A 1 66  ? -0.006  12.234  7.117   0.50 46.51 ? 65  GLU A OE1 1 
ATOM   542  O OE2 A GLU A 1 66  ? -0.632  12.151  8.116   0.50 46.03 ? 65  GLU A OE2 1 
ATOM   543  O OE2 B GLU A 1 66  ? -0.223  10.970  8.901   0.50 46.94 ? 65  GLU A OE2 1 
ATOM   544  N N   . ILE A 1 67  ? 1.138   6.066   5.598   1.00 43.29 ? 66  ILE A N   1 
ATOM   545  C CA  . ILE A 1 67  ? 2.029   4.976   5.230   1.00 42.03 ? 66  ILE A CA  1 
ATOM   546  C C   . ILE A 1 67  ? 2.486   5.152   3.776   1.00 41.96 ? 66  ILE A C   1 
ATOM   547  O O   . ILE A 1 67  ? 1.690   5.513   2.901   1.00 42.63 ? 66  ILE A O   1 
ATOM   548  C CB  . ILE A 1 67  ? 1.309   3.633   5.385   1.00 41.64 ? 66  ILE A CB  1 
ATOM   549  C CG1 . ILE A 1 67  ? 0.855   3.452   6.834   1.00 41.27 ? 66  ILE A CG1 1 
ATOM   550  C CG2 . ILE A 1 67  ? 2.209   2.497   4.952   1.00 41.40 ? 66  ILE A CG2 1 
ATOM   551  C CD1 . ILE A 1 67  ? -0.201  2.411   7.036   1.00 40.39 ? 66  ILE A CD1 1 
ATOM   552  N N   . ILE A 1 68  ? 3.759   4.896   3.507   1.00 41.02 ? 67  ILE A N   1 
ATOM   553  C CA  . ILE A 1 68  ? 4.279   4.984   2.138   1.00 40.16 ? 67  ILE A CA  1 
ATOM   554  C C   . ILE A 1 68  ? 4.658   3.594   1.644   1.00 39.06 ? 67  ILE A C   1 
ATOM   555  O O   . ILE A 1 68  ? 5.060   2.761   2.437   1.00 39.27 ? 67  ILE A O   1 
ATOM   556  C CB  . ILE A 1 68  ? 5.527   5.888   2.086   1.00 40.61 ? 67  ILE A CB  1 
ATOM   557  C CG1 . ILE A 1 68  ? 6.184   5.856   0.701   1.00 40.40 ? 67  ILE A CG1 1 
ATOM   558  C CG2 . ILE A 1 68  ? 6.547   5.448   3.158   1.00 40.37 ? 67  ILE A CG2 1 
ATOM   559  C CD1 A ILE A 1 68  ? 5.469   6.655   -0.350  0.50 40.76 ? 67  ILE A CD1 1 
ATOM   560  C CD1 B ILE A 1 68  ? 6.551   7.227   0.183   0.50 40.38 ? 67  ILE A CD1 1 
ATOM   561  N N   . TYR A 1 69  ? 4.542   3.360   0.344   1.00 37.78 ? 68  TYR A N   1 
ATOM   562  C CA  . TYR A 1 69  ? 4.758   2.039   -0.245  1.00 36.87 ? 68  TYR A CA  1 
ATOM   563  C C   . TYR A 1 69  ? 5.867   2.093   -1.296  1.00 36.79 ? 68  TYR A C   1 
ATOM   564  O O   . TYR A 1 69  ? 6.103   3.129   -1.903  1.00 36.97 ? 68  TYR A O   1 
ATOM   565  C CB  . TYR A 1 69  ? 3.444   1.500   -0.854  1.00 36.47 ? 68  TYR A CB  1 
ATOM   566  C CG  . TYR A 1 69  ? 2.375   1.284   0.176   1.00 34.84 ? 68  TYR A CG  1 
ATOM   567  C CD1 . TYR A 1 69  ? 2.161   0.027   0.733   1.00 34.24 ? 68  TYR A CD1 1 
ATOM   568  C CD2 . TYR A 1 69  ? 1.616   2.345   0.635   1.00 33.52 ? 68  TYR A CD2 1 
ATOM   569  C CE1 . TYR A 1 69  ? 1.204   -0.173  1.720   1.00 34.23 ? 68  TYR A CE1 1 
ATOM   570  C CE2 . TYR A 1 69  ? 0.665   2.171   1.607   1.00 34.38 ? 68  TYR A CE2 1 
ATOM   571  C CZ  . TYR A 1 69  ? 0.458   0.911   2.150   1.00 35.61 ? 68  TYR A CZ  1 
ATOM   572  O OH  . TYR A 1 69  ? -0.515  0.763   3.121   1.00 36.74 ? 68  TYR A OH  1 
ATOM   573  N N   . PRO A 1 70  ? 6.557   0.977   -1.513  1.00 36.53 ? 69  PRO A N   1 
ATOM   574  C CA  . PRO A 1 70  ? 7.700   0.973   -2.409  1.00 36.66 ? 69  PRO A CA  1 
ATOM   575  C C   . PRO A 1 70  ? 7.428   1.587   -3.787  1.00 37.01 ? 69  PRO A C   1 
ATOM   576  O O   . PRO A 1 70  ? 8.322   2.221   -4.380  1.00 37.00 ? 69  PRO A O   1 
ATOM   577  C CB  . PRO A 1 70  ? 8.046   -0.510  -2.522  1.00 36.73 ? 69  PRO A CB  1 
ATOM   578  C CG  . PRO A 1 70  ? 7.586   -1.085  -1.209  1.00 36.69 ? 69  PRO A CG  1 
ATOM   579  C CD  . PRO A 1 70  ? 6.326   -0.344  -0.897  1.00 36.78 ? 69  PRO A CD  1 
ATOM   580  N N   A ASN A 1 71  ? 6.251   1.362   -4.345  0.50 37.09 ? 70  ASN A N   1 
ATOM   581  N N   B ASN A 1 71  ? 6.184   1.447   -4.255  0.50 36.87 ? 70  ASN A N   1 
ATOM   582  C CA  A ASN A 1 71  ? 5.975   2.056   -5.585  0.50 37.07 ? 70  ASN A CA  1 
ATOM   583  C CA  B ASN A 1 71  ? 5.747   1.956   -5.569  0.50 36.70 ? 70  ASN A CA  1 
ATOM   584  C C   A ASN A 1 71  ? 5.067   3.265   -5.329  0.50 37.13 ? 70  ASN A C   1 
ATOM   585  C C   B ASN A 1 71  ? 5.404   3.457   -5.609  0.50 36.89 ? 70  ASN A C   1 
ATOM   586  O O   A ASN A 1 71  ? 3.927   3.350   -5.801  0.50 37.36 ? 70  ASN A O   1 
ATOM   587  O O   B ASN A 1 71  ? 4.971   3.969   -6.650  0.50 37.01 ? 70  ASN A O   1 
ATOM   588  C CB  A ASN A 1 71  ? 5.632   1.107   -6.743  0.50 36.93 ? 70  ASN A CB  1 
ATOM   589  C CB  B ASN A 1 71  ? 4.565   1.128   -6.110  0.50 36.34 ? 70  ASN A CB  1 
ATOM   590  C CG  A ASN A 1 71  ? 6.892   0.399   -7.313  0.50 36.59 ? 70  ASN A CG  1 
ATOM   591  C CG  B ASN A 1 71  ? 3.487   0.876   -5.071  0.50 35.37 ? 70  ASN A CG  1 
ATOM   592  O OD1 A ASN A 1 71  ? 7.755   -0.078  -6.567  0.50 34.75 ? 70  ASN A OD1 1 
ATOM   593  O OD1 B ASN A 1 71  ? 3.489   1.454   -3.998  0.50 35.00 ? 70  ASN A OD1 1 
ATOM   594  N ND2 A ASN A 1 71  ? 6.992   0.349   -8.639  0.50 36.68 ? 70  ASN A ND2 1 
ATOM   595  N ND2 B ASN A 1 71  ? 2.565   -0.003  -5.396  0.50 35.17 ? 70  ASN A ND2 1 
ATOM   596  N N   . ALA A 1 72  ? 5.622   4.138   -4.482  1.00 36.82 ? 71  ALA A N   1 
ATOM   597  C CA  . ALA A 1 72  ? 5.233   5.546   -4.249  1.00 36.47 ? 71  ALA A CA  1 
ATOM   598  C C   . ALA A 1 72  ? 3.848   5.812   -3.700  1.00 36.50 ? 71  ALA A C   1 
ATOM   599  O O   . ALA A 1 72  ? 3.597   6.889   -3.180  1.00 36.69 ? 71  ALA A O   1 
ATOM   600  C CB  . ALA A 1 72  ? 5.541   6.443   -5.439  1.00 36.05 ? 71  ALA A CB  1 
ATOM   601  N N   . SER A 1 73  ? 2.951   4.847   -3.794  1.00 36.59 ? 72  SER A N   1 
ATOM   602  C CA  . SER A 1 73  ? 1.610   5.035   -3.265  1.00 36.96 ? 72  SER A CA  1 
ATOM   603  C C   . SER A 1 73  ? 1.680   5.417   -1.798  1.00 36.81 ? 72  SER A C   1 
ATOM   604  O O   . SER A 1 73  ? 2.614   5.048   -1.100  1.00 37.02 ? 72  SER A O   1 
ATOM   605  C CB  . SER A 1 73  ? 0.786   3.759   -3.421  1.00 37.15 ? 72  SER A CB  1 
ATOM   606  O OG  . SER A 1 73  ? 0.711   3.366   -4.774  1.00 38.09 ? 72  SER A OG  1 
ATOM   607  N N   . LEU A 1 74  ? 0.686   6.147   -1.327  1.00 36.87 ? 73  LEU A N   1 
ATOM   608  C CA  . LEU A 1 74  ? 0.676   6.581   0.041   1.00 37.39 ? 73  LEU A CA  1 
ATOM   609  C C   . LEU A 1 74  ? -0.735  6.499   0.559   1.00 38.06 ? 73  LEU A C   1 
ATOM   610  O O   . LEU A 1 74  ? -1.648  7.088   -0.030  1.00 38.62 ? 73  LEU A O   1 
ATOM   611  C CB  . LEU A 1 74  ? 1.177   8.014   0.130   1.00 37.59 ? 73  LEU A CB  1 
ATOM   612  C CG  . LEU A 1 74  ? 0.898   8.810   1.404   1.00 37.82 ? 73  LEU A CG  1 
ATOM   613  C CD1 . LEU A 1 74  ? 1.946   8.533   2.436   1.00 38.51 ? 73  LEU A CD1 1 
ATOM   614  C CD2 . LEU A 1 74  ? 0.913   10.267  1.064   1.00 38.92 ? 73  LEU A CD2 1 
ATOM   615  N N   . LEU A 1 75  ? -0.910  5.769   1.661   1.00 38.22 ? 74  LEU A N   1 
ATOM   616  C CA  . LEU A 1 75  ? -2.201  5.634   2.312   1.00 38.14 ? 74  LEU A CA  1 
ATOM   617  C C   . LEU A 1 75  ? -2.218  6.544   3.525   1.00 38.88 ? 74  LEU A C   1 
ATOM   618  O O   . LEU A 1 75  ? -1.170  6.756   4.129   1.00 38.84 ? 74  LEU A O   1 
ATOM   619  C CB  . LEU A 1 75  ? -2.412  4.185   2.757   1.00 37.86 ? 74  LEU A CB  1 
ATOM   620  C CG  . LEU A 1 75  ? -3.621  3.936   3.661   1.00 36.22 ? 74  LEU A CG  1 
ATOM   621  C CD1 . LEU A 1 75  ? -4.205  2.626   3.347   1.00 36.14 ? 74  LEU A CD1 1 
ATOM   622  C CD2 . LEU A 1 75  ? -3.257  3.987   5.095   1.00 34.91 ? 74  LEU A CD2 1 
ATOM   623  N N   . ILE A 1 76  ? -3.402  7.063   3.872   1.00 39.55 ? 75  ILE A N   1 
ATOM   624  C CA  . ILE A 1 76  ? -3.622  7.902   5.057   1.00 40.02 ? 75  ILE A CA  1 
ATOM   625  C C   . ILE A 1 76  ? -4.836  7.359   5.802   1.00 40.98 ? 75  ILE A C   1 
ATOM   626  O O   . ILE A 1 76  ? -5.921  7.247   5.224   1.00 41.03 ? 75  ILE A O   1 
ATOM   627  C CB  . ILE A 1 76  ? -3.936  9.368   4.664   1.00 39.86 ? 75  ILE A CB  1 
ATOM   628  C CG1 . ILE A 1 76  ? -2.754  10.013  3.946   1.00 39.36 ? 75  ILE A CG1 1 
ATOM   629  C CG2 . ILE A 1 76  ? -4.318  10.195  5.885   1.00 39.41 ? 75  ILE A CG2 1 
ATOM   630  C CD1 . ILE A 1 76  ? -3.117  11.276  3.205   1.00 38.20 ? 75  ILE A CD1 1 
ATOM   631  N N   . GLN A 1 77  ? -4.687  7.091   7.103   1.00 15.00 ? 76  GLN A N   1 
ATOM   632  C CA  . GLN A 1 77  ? -5.689  6.441   7.940   1.00 15.00 ? 76  GLN A CA  1 
ATOM   633  C C   . GLN A 1 77  ? -6.491  7.471   8.730   1.00 15.00 ? 76  GLN A C   1 
ATOM   634  O O   . GLN A 1 77  ? -6.058  8.537   9.039   1.00 44.17 ? 76  GLN A O   1 
ATOM   635  C CB  . GLN A 1 77  ? -5.020  5.754   9.131   1.00 15.00 ? 76  GLN A CB  1 
ATOM   636  C CG  . GLN A 1 77  ? -4.069  4.631   8.747   1.00 15.00 ? 76  GLN A CG  1 
ATOM   637  C CD  . GLN A 1 77  ? -4.134  3.457   9.703   1.00 15.00 ? 76  GLN A CD  1 
ATOM   638  O OE1 . GLN A 1 77  ? -5.162  3.218   10.340  1.00 15.00 ? 76  GLN A OE1 1 
ATOM   639  N NE2 . GLN A 1 77  ? -3.037  2.719   9.809   1.00 15.00 ? 76  GLN A NE2 1 
ATOM   640  N N   . ASN A 1 78  ? -7.581  6.868   9.300   1.00 45.41 ? 77  ASN A N   1 
ATOM   641  C CA  . ASN A 1 78  ? -8.498  7.569   10.201  1.00 46.37 ? 77  ASN A CA  1 
ATOM   642  C C   . ASN A 1 78  ? -8.608  9.048   9.828   1.00 47.12 ? 77  ASN A C   1 
ATOM   643  O O   . ASN A 1 78  ? -8.250  9.960   10.577  1.00 47.09 ? 77  ASN A O   1 
ATOM   644  C CB  . ASN A 1 78  ? -8.181  7.231   11.670  1.00 46.32 ? 77  ASN A CB  1 
ATOM   645  C CG  A ASN A 1 78  ? -9.038  8.032   12.670  0.50 46.11 ? 77  ASN A CG  1 
ATOM   646  C CG  B ASN A 1 78  ? -8.146  5.705   11.906  0.50 46.65 ? 77  ASN A CG  1 
ATOM   647  O OD1 A ASN A 1 78  ? -10.231 7.767   12.844  0.50 46.24 ? 77  ASN A OD1 1 
ATOM   648  O OD1 B ASN A 1 78  ? -8.429  4.922   10.989  0.50 47.01 ? 77  ASN A OD1 1 
ATOM   649  N ND2 A ASN A 1 78  ? -8.419  9.006   13.332  0.50 44.59 ? 77  ASN A ND2 1 
ATOM   650  N ND2 B ASN A 1 78  ? -7.793  5.286   13.115  0.50 46.17 ? 77  ASN A ND2 1 
ATOM   651  N N   . ILE A 1 79  ? -9.121  9.217   8.610   1.00 48.30 ? 78  ILE A N   1 
ATOM   652  C CA  . ILE A 1 79  ? -9.227  10.486  7.906   1.00 49.18 ? 78  ILE A CA  1 
ATOM   653  C C   . ILE A 1 79  ? -10.157 11.473  8.615   1.00 50.17 ? 78  ILE A C   1 
ATOM   654  O O   . ILE A 1 79  ? -11.175 11.089  9.196   1.00 49.97 ? 78  ILE A O   1 
ATOM   655  C CB  . ILE A 1 79  ? -9.721  10.225  6.461   1.00 48.69 ? 78  ILE A CB  1 
ATOM   656  C CG1 . ILE A 1 79  ? -8.593  9.656   5.611   1.00 48.10 ? 78  ILE A CG1 1 
ATOM   657  C CG2 . ILE A 1 79  ? -10.252 11.472  5.833   1.00 48.38 ? 78  ILE A CG2 1 
ATOM   658  C CD1 . ILE A 1 79  ? -7.746  10.688  4.954   1.00 47.20 ? 78  ILE A CD1 1 
ATOM   659  N N   . ILE A 1 80  ? -9.780  12.743  8.564   1.00 51.27 ? 79  ILE A N   1 
ATOM   660  C CA  . ILE A 1 80  ? -10.631 13.821  9.037   1.00 52.60 ? 79  ILE A CA  1 
ATOM   661  C C   . ILE A 1 80  ? -10.777 14.876  7.943   1.00 53.40 ? 79  ILE A C   1 
ATOM   662  O O   . ILE A 1 80  ? -9.998  14.902  6.994   1.00 53.59 ? 79  ILE A O   1 
ATOM   663  C CB  . ILE A 1 80  ? -10.111 14.446  10.374  1.00 52.79 ? 79  ILE A CB  1 
ATOM   664  C CG1 . ILE A 1 80  ? -8.685  15.013  10.223  1.00 52.84 ? 79  ILE A CG1 1 
ATOM   665  C CG2 . ILE A 1 80  ? -10.233 13.429  11.534  1.00 53.29 ? 79  ILE A CG2 1 
ATOM   666  C CD1 . ILE A 1 80  ? -8.036  15.465  11.532  1.00 52.29 ? 79  ILE A CD1 1 
ATOM   667  N N   . GLN A 1 81  ? -11.780 15.738  8.089   1.00 54.45 ? 80  GLN A N   1 
ATOM   668  C CA  . GLN A 1 81  ? -12.129 16.746  7.085   1.00 55.35 ? 80  GLN A CA  1 
ATOM   669  C C   . GLN A 1 81  ? -10.943 17.539  6.559   1.00 55.08 ? 80  GLN A C   1 
ATOM   670  O O   . GLN A 1 81  ? -10.840 17.830  5.376   1.00 55.15 ? 80  GLN A O   1 
ATOM   671  C CB  . GLN A 1 81  ? -13.134 17.721  7.689   1.00 56.00 ? 80  GLN A CB  1 
ATOM   672  C CG  . GLN A 1 81  ? -14.570 17.245  7.595   1.00 59.19 ? 80  GLN A CG  1 
ATOM   673  C CD  . GLN A 1 81  ? -15.125 17.353  6.184   1.00 62.39 ? 80  GLN A CD  1 
ATOM   674  O OE1 . GLN A 1 81  ? -14.540 18.021  5.316   1.00 63.40 ? 80  GLN A OE1 1 
ATOM   675  N NE2 . GLN A 1 81  ? -16.269 16.705  5.947   1.00 63.76 ? 80  GLN A NE2 1 
ATOM   676  N N   . ASN A 1 82  ? -10.043 17.884  7.462   1.00 54.98 ? 81  ASN A N   1 
ATOM   677  C CA  . ASN A 1 82  ? -8.941  18.765  7.154   1.00 54.49 ? 81  ASN A CA  1 
ATOM   678  C C   . ASN A 1 82  ? -7.912  18.077  6.262   1.00 54.25 ? 81  ASN A C   1 
ATOM   679  O O   . ASN A 1 82  ? -6.996  18.735  5.751   1.00 54.45 ? 81  ASN A O   1 
ATOM   680  C CB  A ASN A 1 82  ? -8.265  19.305  8.418   0.50 54.41 ? 81  ASN A CB  1 
ATOM   681  C CB  B ASN A 1 82  ? -8.343  19.228  8.486   0.50 54.59 ? 81  ASN A CB  1 
ATOM   682  C CG  A ASN A 1 82  ? -7.366  20.498  8.131   0.50 53.90 ? 81  ASN A CG  1 
ATOM   683  C CG  B ASN A 1 82  ? -9.420  19.381  9.587   0.50 54.71 ? 81  ASN A CG  1 
ATOM   684  O OD1 A ASN A 1 82  ? -7.831  21.566  7.725   0.50 53.83 ? 81  ASN A OD1 1 
ATOM   685  O OD1 B ASN A 1 82  ? -9.976  18.395  10.089  0.50 53.52 ? 81  ASN A OD1 1 
ATOM   686  N ND2 A ASN A 1 82  ? -6.073  20.320  8.342   0.50 53.18 ? 81  ASN A ND2 1 
ATOM   687  N ND2 B ASN A 1 82  ? -9.721  20.623  9.944   0.50 55.31 ? 81  ASN A ND2 1 
ATOM   688  N N   . ASP A 1 83  ? -8.082  16.760  6.071   1.00 53.47 ? 82  ASP A N   1 
ATOM   689  C CA  . ASP A 1 83  ? -7.216  15.968  5.184   1.00 52.95 ? 82  ASP A CA  1 
ATOM   690  C C   . ASP A 1 83  ? -7.627  16.153  3.748   1.00 52.70 ? 82  ASP A C   1 
ATOM   691  O O   . ASP A 1 83  ? -6.820  15.980  2.846   1.00 52.67 ? 82  ASP A O   1 
ATOM   692  C CB  . ASP A 1 83  ? -7.254  14.464  5.491   1.00 52.73 ? 82  ASP A CB  1 
ATOM   693  C CG  . ASP A 1 83  ? -6.708  14.114  6.863   1.00 52.50 ? 82  ASP A CG  1 
ATOM   694  O OD1 . ASP A 1 83  ? -5.676  14.676  7.286   1.00 51.84 ? 82  ASP A OD1 1 
ATOM   695  O OD2 . ASP A 1 83  ? -7.321  13.249  7.521   1.00 52.53 ? 82  ASP A OD2 1 
ATOM   696  N N   . ALA A 1 84  ? -8.893  16.483  3.534   1.00 52.74 ? 83  ALA A N   1 
ATOM   697  C CA  . ALA A 1 84  ? -9.397  16.657  2.188   1.00 52.76 ? 83  ALA A CA  1 
ATOM   698  C C   . ALA A 1 84  ? -8.577  17.723  1.530   1.00 53.09 ? 83  ALA A C   1 
ATOM   699  O O   . ALA A 1 84  ? -8.199  18.701  2.166   1.00 53.46 ? 83  ALA A O   1 
ATOM   700  C CB  . ALA A 1 84  ? -10.839 17.060  2.203   1.00 52.72 ? 83  ALA A CB  1 
ATOM   701  N N   . GLY A 1 85  ? -8.290  17.524  0.254   1.00 53.45 ? 84  GLY A N   1 
ATOM   702  C CA  . GLY A 1 85  ? -7.596  18.522  -0.517  1.00 53.66 ? 84  GLY A CA  1 
ATOM   703  C C   . GLY A 1 85  ? -6.588  17.867  -1.405  1.00 53.82 ? 84  GLY A C   1 
ATOM   704  O O   . GLY A 1 85  ? -6.707  16.692  -1.724  1.00 54.01 ? 84  GLY A O   1 
ATOM   705  N N   . PHE A 1 86  ? -5.590  18.646  -1.802  1.00 54.07 ? 85  PHE A N   1 
ATOM   706  C CA  . PHE A 1 86  ? -4.563  18.180  -2.717  1.00 53.65 ? 85  PHE A CA  1 
ATOM   707  C C   . PHE A 1 86  ? -3.375  17.588  -1.992  1.00 53.24 ? 85  PHE A C   1 
ATOM   708  O O   . PHE A 1 86  ? -3.083  17.945  -0.838  1.00 53.76 ? 85  PHE A O   1 
ATOM   709  C CB  . PHE A 1 86  ? -4.110  19.324  -3.609  1.00 53.90 ? 85  PHE A CB  1 
ATOM   710  C CG  . PHE A 1 86  ? -5.157  19.771  -4.567  1.00 53.97 ? 85  PHE A CG  1 
ATOM   711  C CD1 . PHE A 1 86  ? -5.879  20.922  -4.325  1.00 53.97 ? 85  PHE A CD1 1 
ATOM   712  C CD2 . PHE A 1 86  ? -5.431  19.026  -5.708  1.00 54.53 ? 85  PHE A CD2 1 
ATOM   713  C CE1 . PHE A 1 86  ? -6.859  21.332  -5.210  1.00 54.76 ? 85  PHE A CE1 1 
ATOM   714  C CE2 . PHE A 1 86  ? -6.408  19.424  -6.598  1.00 54.79 ? 85  PHE A CE2 1 
ATOM   715  C CZ  . PHE A 1 86  ? -7.128  20.580  -6.347  1.00 54.96 ? 85  PHE A CZ  1 
ATOM   716  N N   . TYR A 1 87  ? -2.714  16.661  -2.680  1.00 52.26 ? 86  TYR A N   1 
ATOM   717  C CA  . TYR A 1 87  ? -1.492  16.030  -2.222  1.00 51.06 ? 86  TYR A CA  1 
ATOM   718  C C   . TYR A 1 87  ? -0.586  15.917  -3.428  1.00 50.55 ? 86  TYR A C   1 
ATOM   719  O O   . TYR A 1 87  ? -1.003  15.423  -4.477  1.00 50.37 ? 86  TYR A O   1 
ATOM   720  C CB  . TYR A 1 87  ? -1.810  14.667  -1.638  1.00 50.68 ? 86  TYR A CB  1 
ATOM   721  C CG  . TYR A 1 87  ? -2.540  14.775  -0.327  1.00 50.85 ? 86  TYR A CG  1 
ATOM   722  C CD1 . TYR A 1 87  ? -3.891  15.091  -0.270  1.00 50.86 ? 86  TYR A CD1 1 
ATOM   723  C CD2 . TYR A 1 87  ? -1.875  14.560  0.866   1.00 51.51 ? 86  TYR A CD2 1 
ATOM   724  C CE1 . TYR A 1 87  ? -4.556  15.202  0.954   1.00 51.32 ? 86  TYR A CE1 1 
ATOM   725  C CE2 . TYR A 1 87  ? -2.534  14.650  2.087   1.00 51.95 ? 86  TYR A CE2 1 
ATOM   726  C CZ  . TYR A 1 87  ? -3.870  14.973  2.133   1.00 51.20 ? 86  TYR A CZ  1 
ATOM   727  O OH  . TYR A 1 87  ? -4.487  15.073  3.371   1.00 50.54 ? 86  TYR A OH  1 
ATOM   728  N N   . THR A 1 88  ? 0.638   16.415  -3.295  1.00 49.86 ? 87  THR A N   1 
ATOM   729  C CA  . THR A 1 88  ? 1.591   16.384  -4.394  1.00 49.45 ? 87  THR A CA  1 
ATOM   730  C C   . THR A 1 88  ? 2.768   15.461  -4.087  1.00 48.95 ? 87  THR A C   1 
ATOM   731  O O   . THR A 1 88  ? 3.346   15.508  -3.007  1.00 48.78 ? 87  THR A O   1 
ATOM   732  C CB  . THR A 1 88  ? 2.103   17.792  -4.717  1.00 49.81 ? 87  THR A CB  1 
ATOM   733  O OG1 . THR A 1 88  ? 1.012   18.617  -5.161  1.00 50.55 ? 87  THR A OG1 1 
ATOM   734  C CG2 . THR A 1 88  ? 3.180   17.753  -5.799  1.00 50.10 ? 87  THR A CG2 1 
ATOM   735  N N   . LEU A 1 89  ? 3.096   14.612  -5.053  1.00 48.69 ? 88  LEU A N   1 
ATOM   736  C CA  . LEU A 1 89  ? 4.215   13.697  -4.958  1.00 48.34 ? 88  LEU A CA  1 
ATOM   737  C C   . LEU A 1 89  ? 5.309   14.208  -5.820  1.00 48.25 ? 88  LEU A C   1 
ATOM   738  O O   . LEU A 1 89  ? 5.076   14.739  -6.894  1.00 48.28 ? 88  LEU A O   1 
ATOM   739  C CB  . LEU A 1 89  ? 3.842   12.307  -5.461  1.00 48.36 ? 88  LEU A CB  1 
ATOM   740  C CG  . LEU A 1 89  ? 5.012   11.372  -5.787  1.00 48.17 ? 88  LEU A CG  1 
ATOM   741  C CD1 . LEU A 1 89  ? 5.664   10.866  -4.507  1.00 47.19 ? 88  LEU A CD1 1 
ATOM   742  C CD2 . LEU A 1 89  ? 4.532   10.213  -6.646  1.00 48.08 ? 88  LEU A CD2 1 
ATOM   743  N N   . HIS A 1 90  ? 6.521   14.005  -5.355  1.00 48.53 ? 89  HIS A N   1 
ATOM   744  C CA  . HIS A 1 90  ? 7.669   14.494  -6.047  1.00 48.92 ? 89  HIS A CA  1 
ATOM   745  C C   . HIS A 1 90  ? 8.590   13.328  -6.140  1.00 47.77 ? 89  HIS A C   1 
ATOM   746  O O   . HIS A 1 90  ? 9.072   12.833  -5.138  1.00 47.66 ? 89  HIS A O   1 
ATOM   747  C CB  . HIS A 1 90  ? 8.292   15.605  -5.223  1.00 49.98 ? 89  HIS A CB  1 
ATOM   748  C CG  . HIS A 1 90  ? 8.844   16.719  -6.047  1.00 53.84 ? 89  HIS A CG  1 
ATOM   749  N ND1 . HIS A 1 90  ? 8.274   17.472  -7.018  1.00 57.08 ? 89  HIS A ND1 1 
ATOM   750  C CD2 . HIS A 1 90  ? 10.141  17.176  -5.910  1.00 56.37 ? 89  HIS A CD2 1 
ATOM   751  C CE1 . HIS A 1 90  ? 9.231   18.355  -7.457  1.00 58.29 ? 89  HIS A CE1 1 
ATOM   752  N NE2 . HIS A 1 90  ? 10.348  18.160  -6.769  1.00 58.50 ? 89  HIS A NE2 1 
ATOM   753  N N   . VAL A 1 91  ? 8.790   12.843  -7.348  1.00 47.07 ? 90  VAL A N   1 
ATOM   754  C CA  . VAL A 1 91  ? 9.651   11.697  -7.530  1.00 46.45 ? 90  VAL A CA  1 
ATOM   755  C C   . VAL A 1 91  ? 11.006  12.200  -7.912  1.00 46.29 ? 90  VAL A C   1 
ATOM   756  O O   . VAL A 1 91  ? 11.202  12.781  -8.987  1.00 45.96 ? 90  VAL A O   1 
ATOM   757  C CB  . VAL A 1 91  ? 9.113   10.676  -8.562  1.00 46.49 ? 90  VAL A CB  1 
ATOM   758  C CG1 A VAL A 1 91  ? 10.107  9.531   -8.781  0.50 45.72 ? 90  VAL A CG1 1 
ATOM   759  C CG1 B VAL A 1 91  ? 7.971   9.886   -7.958  0.50 46.73 ? 90  VAL A CG1 1 
ATOM   760  C CG2 A VAL A 1 91  ? 7.765   10.139  -8.124  0.50 46.52 ? 90  VAL A CG2 1 
ATOM   761  C CG2 B VAL A 1 91  ? 8.662   11.358  -9.834  0.50 46.66 ? 90  VAL A CG2 1 
ATOM   762  N N   . ILE A 1 92  ? 11.939  11.974  -7.005  1.00 46.08 ? 91  ILE A N   1 
ATOM   763  C CA  . ILE A 1 92  ? 13.295  12.399  -7.203  1.00 46.05 ? 91  ILE A CA  1 
ATOM   764  C C   . ILE A 1 92  ? 14.045  11.360  -8.043  1.00 46.32 ? 91  ILE A C   1 
ATOM   765  O O   . ILE A 1 92  ? 14.390  10.281  -7.555  1.00 46.48 ? 91  ILE A O   1 
ATOM   766  C CB  . ILE A 1 92  ? 13.971  12.622  -5.854  1.00 45.69 ? 91  ILE A CB  1 
ATOM   767  C CG1 . ILE A 1 92  ? 13.082  13.466  -4.942  1.00 45.20 ? 91  ILE A CG1 1 
ATOM   768  C CG2 . ILE A 1 92  ? 15.296  13.312  -6.042  1.00 46.07 ? 91  ILE A CG2 1 
ATOM   769  C CD1 . ILE A 1 92  ? 12.737  14.850  -5.490  1.00 42.71 ? 91  ILE A CD1 1 
ATOM   770  N N   . LYS A 1 93  ? 14.258  11.686  -9.313  1.00 46.50 ? 92  LYS A N   1 
ATOM   771  C CA  . LYS A 1 93  ? 15.065  10.860  -10.197 1.00 47.23 ? 92  LYS A CA  1 
ATOM   772  C C   . LYS A 1 93  ? 16.534  10.983  -9.807  1.00 47.56 ? 92  LYS A C   1 
ATOM   773  O O   . LYS A 1 93  ? 16.939  11.945  -9.157  1.00 47.42 ? 92  LYS A O   1 
ATOM   774  C CB  . LYS A 1 93  ? 14.852  11.266  -11.658 1.00 46.96 ? 92  LYS A CB  1 
ATOM   775  C CG  . LYS A 1 93  ? 13.554  10.742  -12.253 1.00 47.09 ? 92  LYS A CG  1 
ATOM   776  C CD  . LYS A 1 93  ? 13.101  11.462  -13.536 1.00 48.18 ? 92  LYS A CD  1 
ATOM   777  C CE  . LYS A 1 93  ? 14.039  11.277  -14.750 1.00 50.26 ? 92  LYS A CE  1 
ATOM   778  N NZ  . LYS A 1 93  ? 15.075  12.361  -14.852 1.00 49.92 ? 92  LYS A NZ  1 
ATOM   779  N N   . SER A 1 94  ? 17.331  10.003  -10.210 1.00 48.23 ? 93  SER A N   1 
ATOM   780  C CA  . SER A 1 94  ? 18.724  9.910   -9.767  1.00 48.66 ? 93  SER A CA  1 
ATOM   781  C C   . SER A 1 94  ? 19.636  11.024  -10.296 1.00 49.07 ? 93  SER A C   1 
ATOM   782  O O   . SER A 1 94  ? 20.681  11.279  -9.702  1.00 49.21 ? 93  SER A O   1 
ATOM   783  C CB  . SER A 1 94  ? 19.312  8.518   -10.062 1.00 48.50 ? 93  SER A CB  1 
ATOM   784  O OG  A SER A 1 94  ? 19.334  7.713   -8.889  0.50 47.97 ? 93  SER A OG  1 
ATOM   785  O OG  B SER A 1 94  ? 19.157  8.196   -11.433 0.50 48.16 ? 93  SER A OG  1 
ATOM   786  N N   . ASP A 1 95  ? 19.245  11.675  -11.397 1.00 49.31 ? 94  ASP A N   1 
ATOM   787  C CA  . ASP A 1 95  ? 20.020  12.796  -11.968 1.00 49.48 ? 94  ASP A CA  1 
ATOM   788  C C   . ASP A 1 95  ? 19.420  14.149  -11.564 1.00 49.46 ? 94  ASP A C   1 
ATOM   789  O O   . ASP A 1 95  ? 19.902  15.211  -11.991 1.00 49.61 ? 94  ASP A O   1 
ATOM   790  C CB  . ASP A 1 95  ? 20.088  12.703  -13.492 1.00 49.53 ? 94  ASP A CB  1 
ATOM   791  C CG  . ASP A 1 95  ? 18.739  12.955  -14.156 1.00 50.43 ? 94  ASP A CG  1 
ATOM   792  O OD1 . ASP A 1 95  ? 18.698  13.022  -15.405 1.00 52.36 ? 94  ASP A OD1 1 
ATOM   793  O OD2 . ASP A 1 95  ? 17.717  13.079  -13.443 1.00 50.57 ? 94  ASP A OD2 1 
ATOM   794  N N   . LEU A 1 96  ? 18.350  14.080  -10.769 1.00 48.72 ? 95  LEU A N   1 
ATOM   795  C CA  . LEU A 1 96  ? 17.732  15.225  -10.127 1.00 47.93 ? 95  LEU A CA  1 
ATOM   796  C C   . LEU A 1 96  ? 17.044  16.192  -11.052 1.00 47.74 ? 95  LEU A C   1 
ATOM   797  O O   . LEU A 1 96  ? 16.793  17.330  -10.672 1.00 47.75 ? 95  LEU A O   1 
ATOM   798  C CB  . LEU A 1 96  ? 18.720  15.948  -9.223  1.00 47.86 ? 95  LEU A CB  1 
ATOM   799  C CG  . LEU A 1 96  ? 18.567  15.696  -7.723  1.00 48.44 ? 95  LEU A CG  1 
ATOM   800  C CD1 . LEU A 1 96  ? 18.266  14.270  -7.400  1.00 49.25 ? 95  LEU A CD1 1 
ATOM   801  C CD2 . LEU A 1 96  ? 19.840  16.068  -7.039  1.00 49.98 ? 95  LEU A CD2 1 
ATOM   802  N N   . VAL A 1 97  ? 16.748  15.753  -12.268 1.00 47.69 ? 96  VAL A N   1 
ATOM   803  C CA  . VAL A 1 97  ? 15.651  16.363  -13.017 1.00 47.72 ? 96  VAL A CA  1 
ATOM   804  C C   . VAL A 1 97  ? 14.419  15.524  -12.688 1.00 48.16 ? 96  VAL A C   1 
ATOM   805  O O   . VAL A 1 97  ? 14.117  14.544  -13.375 1.00 48.79 ? 96  VAL A O   1 
ATOM   806  C CB  . VAL A 1 97  ? 15.845  16.406  -14.544 1.00 47.16 ? 96  VAL A CB  1 
ATOM   807  C CG1 . VAL A 1 97  ? 14.699  17.167  -15.163 1.00 47.10 ? 96  VAL A CG1 1 
ATOM   808  C CG2 . VAL A 1 97  ? 17.135  17.073  -14.916 1.00 47.17 ? 96  VAL A CG2 1 
ATOM   809  N N   . ASN A 1 98  ? 13.713  15.908  -11.635 1.00 48.24 ? 97  ASN A N   1 
ATOM   810  C CA  . ASN A 1 98  ? 12.632  15.103  -11.107 1.00 48.59 ? 97  ASN A CA  1 
ATOM   811  C C   . ASN A 1 98  ? 11.311  15.319  -11.810 1.00 48.87 ? 97  ASN A C   1 
ATOM   812  O O   . ASN A 1 98  ? 11.196  16.204  -12.659 1.00 48.92 ? 97  ASN A O   1 
ATOM   813  C CB  . ASN A 1 98  ? 12.491  15.411  -9.630  1.00 48.62 ? 97  ASN A CB  1 
ATOM   814  C CG  . ASN A 1 98  ? 13.815  15.653  -8.983  1.00 48.50 ? 97  ASN A CG  1 
ATOM   815  O OD1 . ASN A 1 98  ? 14.722  14.824  -9.087  1.00 48.80 ? 97  ASN A OD1 1 
ATOM   816  N ND2 . ASN A 1 98  ? 13.962  16.814  -8.347  1.00 47.52 ? 97  ASN A ND2 1 
ATOM   817  N N   . GLU A 1 99  ? 10.325  14.496  -11.452 1.00 49.36 ? 98  GLU A N   1 
ATOM   818  C CA  . GLU A 1 99  ? 8.951   14.656  -11.914 1.00 50.26 ? 98  GLU A CA  1 
ATOM   819  C C   . GLU A 1 99  ? 8.036   14.876  -10.726 1.00 50.59 ? 98  GLU A C   1 
ATOM   820  O O   . GLU A 1 99  ? 8.350   14.459  -9.602  1.00 50.86 ? 98  GLU A O   1 
ATOM   821  C CB  . GLU A 1 99  ? 8.469   13.418  -12.657 1.00 50.38 ? 98  GLU A CB  1 
ATOM   822  C CG  . GLU A 1 99  ? 9.122   13.154  -13.982 1.00 52.32 ? 98  GLU A CG  1 
ATOM   823  C CD  . GLU A 1 99  ? 8.368   12.112  -14.794 1.00 55.78 ? 98  GLU A CD  1 
ATOM   824  O OE1 . GLU A 1 99  ? 9.032   11.236  -15.386 1.00 57.62 ? 98  GLU A OE1 1 
ATOM   825  O OE2 . GLU A 1 99  ? 7.111   12.167  -14.857 1.00 57.50 ? 98  GLU A OE2 1 
ATOM   826  N N   . GLU A 1 100 ? 6.897   15.519  -10.975 1.00 51.02 ? 99  GLU A N   1 
ATOM   827  C CA  . GLU A 1 100 ? 5.885   15.736  -9.928  1.00 51.29 ? 99  GLU A CA  1 
ATOM   828  C C   . GLU A 1 100 ? 4.470   15.473  -10.436 1.00 51.06 ? 99  GLU A C   1 
ATOM   829  O O   . GLU A 1 100 ? 4.189   15.524  -11.635 1.00 51.44 ? 99  GLU A O   1 
ATOM   830  C CB  . GLU A 1 100 ? 6.006   17.146  -9.311  1.00 51.32 ? 99  GLU A CB  1 
ATOM   831  C CG  . GLU A 1 100 ? 5.099   18.229  -9.901  1.00 53.14 ? 99  GLU A CG  1 
ATOM   832  C CD  . GLU A 1 100 ? 5.415   18.554  -11.360 1.00 56.25 ? 99  GLU A CD  1 
ATOM   833  O OE1 . GLU A 1 100 ? 6.598   18.420  -11.768 1.00 56.38 ? 99  GLU A OE1 1 
ATOM   834  O OE2 . GLU A 1 100 ? 4.471   18.948  -12.094 1.00 57.28 ? 99  GLU A OE2 1 
ATOM   835  N N   . ALA A 1 101 ? 3.572   15.181  -9.517  1.00 50.83 ? 100 ALA A N   1 
ATOM   836  C CA  . ALA A 1 101 ? 2.181   14.995  -9.873  1.00 50.69 ? 100 ALA A CA  1 
ATOM   837  C C   . ALA A 1 101 ? 1.376   15.268  -8.636  1.00 50.56 ? 100 ALA A C   1 
ATOM   838  O O   . ALA A 1 101 ? 1.869   15.127  -7.522  1.00 50.35 ? 100 ALA A O   1 
ATOM   839  C CB  . ALA A 1 101 ? 1.931   13.591  -10.377 1.00 50.63 ? 100 ALA A CB  1 
ATOM   840  N N   . THR A 1 102 ? 0.146   15.709  -8.820  1.00 50.63 ? 101 THR A N   1 
ATOM   841  C CA  . THR A 1 102 ? -0.700  15.910  -7.670  1.00 50.56 ? 101 THR A CA  1 
ATOM   842  C C   . THR A 1 102 ? -2.050  15.260  -7.845  1.00 50.69 ? 101 THR A C   1 
ATOM   843  O O   . THR A 1 102 ? -2.558  15.138  -8.955  1.00 50.85 ? 101 THR A O   1 
ATOM   844  C CB  . THR A 1 102 ? -0.844  17.380  -7.287  1.00 50.46 ? 101 THR A CB  1 
ATOM   845  O OG1 . THR A 1 102 ? -2.162  17.589  -6.744  1.00 50.59 ? 101 THR A OG1 1 
ATOM   846  C CG2 . THR A 1 102 ? -0.582  18.302  -8.497  1.00 49.53 ? 101 THR A CG2 1 
ATOM   847  N N   . GLY A 1 103 ? -2.611  14.803  -6.738  1.00 50.69 ? 102 GLY A N   1 
ATOM   848  C CA  . GLY A 1 103 ? -3.929  14.220  -6.762  1.00 50.92 ? 102 GLY A CA  1 
ATOM   849  C C   . GLY A 1 103 ? -4.692  14.876  -5.658  1.00 51.07 ? 102 GLY A C   1 
ATOM   850  O O   . GLY A 1 103 ? -4.127  15.633  -4.867  1.00 51.18 ? 102 GLY A O   1 
ATOM   851  N N   . GLN A 1 104 ? -5.986  14.599  -5.605  1.00 51.46 ? 103 GLN A N   1 
ATOM   852  C CA  . GLN A 1 104 ? -6.779  15.011  -4.452  1.00 51.54 ? 103 GLN A CA  1 
ATOM   853  C C   . GLN A 1 104 ? -7.699  13.901  -4.012  1.00 51.16 ? 103 GLN A C   1 
ATOM   854  O O   . GLN A 1 104 ? -7.789  12.856  -4.660  1.00 51.27 ? 103 GLN A O   1 
ATOM   855  C CB  . GLN A 1 104 ? -7.609  16.238  -4.783  1.00 51.80 ? 103 GLN A CB  1 
ATOM   856  C CG  . GLN A 1 104 ? -8.728  15.974  -5.783  1.00 52.85 ? 103 GLN A CG  1 
ATOM   857  C CD  . GLN A 1 104 ? -9.397  17.260  -6.245  1.00 53.78 ? 103 GLN A CD  1 
ATOM   858  O OE1 . GLN A 1 104 ? -9.146  17.716  -7.359  1.00 54.01 ? 103 GLN A OE1 1 
ATOM   859  N NE2 . GLN A 1 104 ? -10.234 17.861  -5.382  1.00 52.91 ? 103 GLN A NE2 1 
ATOM   860  N N   . PHE A 1 105 ? -8.355  14.133  -2.887  1.00 50.81 ? 104 PHE A N   1 
ATOM   861  C CA  . PHE A 1 105 ? -9.545  13.398  -2.536  1.00 50.83 ? 104 PHE A CA  1 
ATOM   862  C C   . PHE A 1 105 ? -10.410 14.322  -1.726  1.00 51.36 ? 104 PHE A C   1 
ATOM   863  O O   . PHE A 1 105 ? -9.992  15.432  -1.380  1.00 51.40 ? 104 PHE A O   1 
ATOM   864  C CB  . PHE A 1 105 ? -9.234  12.112  -1.774  1.00 50.31 ? 104 PHE A CB  1 
ATOM   865  C CG  . PHE A 1 105 ? -8.533  12.330  -0.482  1.00 49.69 ? 104 PHE A CG  1 
ATOM   866  C CD1 . PHE A 1 105 ? -7.152  12.438  -0.439  1.00 48.46 ? 104 PHE A CD1 1 
ATOM   867  C CD2 . PHE A 1 105 ? -9.247  12.401  0.703   1.00 49.82 ? 104 PHE A CD2 1 
ATOM   868  C CE1 . PHE A 1 105 ? -6.499  12.633  0.749   1.00 47.75 ? 104 PHE A CE1 1 
ATOM   869  C CE2 . PHE A 1 105 ? -8.590  12.599  1.912   1.00 49.13 ? 104 PHE A CE2 1 
ATOM   870  C CZ  . PHE A 1 105 ? -7.217  12.721  1.929   1.00 48.50 ? 104 PHE A CZ  1 
ATOM   871  N N   . ARG A 1 106 ? -11.631 13.870  -1.462  1.00 52.21 ? 105 ARG A N   1 
ATOM   872  C CA  . ARG A 1 106 ? -12.584 14.621  -0.669  1.00 52.84 ? 105 ARG A CA  1 
ATOM   873  C C   . ARG A 1 106 ? -13.023 13.772  0.495   1.00 53.24 ? 105 ARG A C   1 
ATOM   874  O O   . ARG A 1 106 ? -12.974 12.544  0.444   1.00 53.40 ? 105 ARG A O   1 
ATOM   875  C CB  . ARG A 1 106 ? -13.773 15.016  -1.524  1.00 53.00 ? 105 ARG A CB  1 
ATOM   876  C CG  . ARG A 1 106 ? -13.393 15.400  -2.946  1.00 53.52 ? 105 ARG A CG  1 
ATOM   877  C CD  . ARG A 1 106 ? -14.574 15.942  -3.693  1.00 55.63 ? 105 ARG A CD  1 
ATOM   878  N NE  . ARG A 1 106 ? -14.671 17.392  -3.563  1.00 57.48 ? 105 ARG A NE  1 
ATOM   879  C CZ  . ARG A 1 106 ? -14.362 18.254  -4.534  1.00 58.73 ? 105 ARG A CZ  1 
ATOM   880  N NH1 . ARG A 1 106 ? -13.945 17.820  -5.724  1.00 58.72 ? 105 ARG A NH1 1 
ATOM   881  N NH2 . ARG A 1 106 ? -14.481 19.560  -4.319  1.00 59.24 ? 105 ARG A NH2 1 
ATOM   882  N N   . VAL A 1 107 ? -13.415 14.440  1.561   1.00 54.01 ? 106 VAL A N   1 
ATOM   883  C CA  . VAL A 1 107 ? -13.842 13.771  2.771   1.00 55.05 ? 106 VAL A CA  1 
ATOM   884  C C   . VAL A 1 107 ? -15.288 14.196  3.004   1.00 56.12 ? 106 VAL A C   1 
ATOM   885  O O   . VAL A 1 107 ? -15.717 15.229  2.482   1.00 56.58 ? 106 VAL A O   1 
ATOM   886  C CB  . VAL A 1 107 ? -12.966 14.178  3.968   1.00 54.95 ? 106 VAL A CB  1 
ATOM   887  C CG1 . VAL A 1 107 ? -13.377 13.423  5.207   1.00 54.93 ? 106 VAL A CG1 1 
ATOM   888  C CG2 . VAL A 1 107 ? -11.504 13.930  3.670   1.00 54.08 ? 106 VAL A CG2 1 
ATOM   889  N N   . TYR A 1 108 ? -16.038 13.414  3.776   1.00 56.92 ? 107 TYR A N   1 
ATOM   890  C CA  . TYR A 1 108 ? -17.436 13.704  4.008   1.00 57.92 ? 107 TYR A CA  1 
ATOM   891  C C   . TYR A 1 108 ? -17.931 13.004  5.252   1.00 59.00 ? 107 TYR A C   1 
ATOM   892  O O   . TYR A 1 108 ? -17.472 11.901  5.552   1.00 59.08 ? 107 TYR A O   1 
ATOM   893  C CB  . TYR A 1 108 ? -18.270 13.258  2.802   1.00 57.85 ? 107 TYR A CB  1 
ATOM   894  C CG  . TYR A 1 108 ? -18.303 11.763  2.563   1.00 57.77 ? 107 TYR A CG  1 
ATOM   895  C CD1 . TYR A 1 108 ? -19.223 10.951  3.234   1.00 57.65 ? 107 TYR A CD1 1 
ATOM   896  C CD2 . TYR A 1 108 ? -17.436 11.162  1.651   1.00 57.68 ? 107 TYR A CD2 1 
ATOM   897  C CE1 . TYR A 1 108 ? -19.266 9.584   3.023   1.00 56.70 ? 107 TYR A CE1 1 
ATOM   898  C CE2 . TYR A 1 108 ? -17.484 9.786   1.422   1.00 56.99 ? 107 TYR A CE2 1 
ATOM   899  C CZ  . TYR A 1 108 ? -18.402 9.009   2.112   1.00 56.62 ? 107 TYR A CZ  1 
ATOM   900  O OH  . TYR A 1 108 ? -18.459 7.652   1.907   1.00 56.36 ? 107 TYR A OH  1 
ATOM   901  N N   . PRO A 1 109 ? -18.879 13.630  5.975   1.00 60.21 ? 108 PRO A N   1 
ATOM   902  C CA  . PRO A 1 109 ? -19.465 13.026  7.168   1.00 61.45 ? 108 PRO A CA  1 
ATOM   903  C C   . PRO A 1 109 ? -20.614 12.088  6.850   1.00 62.98 ? 108 PRO A C   1 
ATOM   904  O O   . PRO A 1 109 ? -21.405 12.363  5.956   1.00 63.08 ? 108 PRO A O   1 
ATOM   905  C CB  . PRO A 1 109 ? -19.999 14.229  7.931   1.00 61.22 ? 108 PRO A CB  1 
ATOM   906  C CG  . PRO A 1 109 ? -20.369 15.189  6.873   1.00 60.67 ? 108 PRO A CG  1 
ATOM   907  C CD  . PRO A 1 109 ? -19.432 14.973  5.720   1.00 60.16 ? 108 PRO A CD  1 
ATOM   908  N N   . GLU A 1 110 ? -20.703 10.988  7.583   1.00 64.76 ? 109 GLU A N   1 
ATOM   909  C CA  . GLU A 1 110 ? -21.867 10.115  7.517   1.00 66.85 ? 109 GLU A CA  1 
ATOM   910  C C   . GLU A 1 110 ? -22.973 10.638  8.452   1.00 68.10 ? 109 GLU A C   1 
ATOM   911  O O   . GLU A 1 110 ? -22.739 11.568  9.241   1.00 68.52 ? 109 GLU A O   1 
ATOM   912  C CB  . GLU A 1 110 ? -21.466 8.683   7.867   1.00 66.84 ? 109 GLU A CB  1 
ATOM   913  C CG  . GLU A 1 110 ? -20.480 8.084   6.863   1.00 68.63 ? 109 GLU A CG  1 
ATOM   914  C CD  . GLU A 1 110 ? -20.349 6.574   6.981   1.00 70.74 ? 109 GLU A CD  1 
ATOM   915  O OE1 . GLU A 1 110 ? -20.931 5.861   6.127   1.00 71.89 ? 109 GLU A OE1 1 
ATOM   916  O OE2 . GLU A 1 110 ? -19.671 6.098   7.922   1.00 71.52 ? 109 GLU A OE2 1 
ATOM   917  N N   . LEU A 1 111 ? -24.179 10.074  8.354   1.00 69.36 ? 110 LEU A N   1 
ATOM   918  C CA  . LEU A 1 111 ? -25.256 10.468  9.265   1.00 70.61 ? 110 LEU A CA  1 
ATOM   919  C C   . LEU A 1 111 ? -26.307 9.376   9.422   1.00 70.60 ? 110 LEU A C   1 
ATOM   920  O O   . LEU A 1 111 ? -26.527 8.887   10.530  1.00 70.78 ? 110 LEU A O   1 
ATOM   921  C CB  . LEU A 1 111 ? -25.886 11.821  8.857   1.00 70.85 ? 110 LEU A CB  1 
ATOM   922  C CG  . LEU A 1 111 ? -26.490 12.717  9.974   1.00 72.25 ? 110 LEU A CG  1 
ATOM   923  C CD1 . LEU A 1 111 ? -25.513 13.024  11.148  1.00 72.81 ? 110 LEU A CD1 1 
ATOM   924  C CD2 . LEU A 1 111 ? -27.092 14.043  9.422   1.00 71.57 ? 110 LEU A CD2 1 
ATOM   925  N N   . ALA B 1 1   ? -14.598 -16.598 14.483  1.00 66.81 ? 0   ALA B N   1 
ATOM   926  C CA  . ALA B 1 1   ? -13.567 -17.082 15.441  1.00 66.81 ? 0   ALA B CA  1 
ATOM   927  C C   . ALA B 1 1   ? -12.178 -17.041 14.784  1.00 66.47 ? 0   ALA B C   1 
ATOM   928  O O   . ALA B 1 1   ? -11.349 -16.177 15.120  1.00 66.62 ? 0   ALA B O   1 
ATOM   929  C CB  . ALA B 1 1   ? -13.920 -18.521 15.951  1.00 67.03 ? 0   ALA B CB  1 
ATOM   930  N N   . LYS B 1 2   ? -11.965 -17.954 13.828  1.00 65.49 ? 1   LYS B N   1 
ATOM   931  C CA  . LYS B 1 2   ? -10.671 -18.182 13.175  1.00 64.44 ? 1   LYS B CA  1 
ATOM   932  C C   . LYS B 1 2   ? -10.270 -17.033 12.226  1.00 63.00 ? 1   LYS B C   1 
ATOM   933  O O   . LYS B 1 2   ? -11.125 -16.323 11.704  1.00 62.88 ? 1   LYS B O   1 
ATOM   934  C CB  . LYS B 1 2   ? -10.724 -19.537 12.435  1.00 64.76 ? 1   LYS B CB  1 
ATOM   935  C CG  . LYS B 1 2   ? -9.352  -20.121 11.994  1.00 65.71 ? 1   LYS B CG  1 
ATOM   936  C CD  . LYS B 1 2   ? -9.386  -21.655 11.806  1.00 65.06 ? 1   LYS B CD  1 
ATOM   937  C CE  . LYS B 1 2   ? -9.256  -22.382 13.145  0.10 64.88 ? 1   LYS B CE  1 
ATOM   938  N NZ  . LYS B 1 2   ? -9.367  -23.859 13.010  0.10 64.56 ? 1   LYS B NZ  1 
ATOM   939  N N   . LEU B 1 3   ? -8.970  -16.844 12.025  1.00 61.26 ? 2   LEU B N   1 
ATOM   940  C CA  . LEU B 1 3   ? -8.470  -15.910 11.022  1.00 59.51 ? 2   LEU B CA  1 
ATOM   941  C C   . LEU B 1 3   ? -8.654  -16.516 9.644   1.00 58.94 ? 2   LEU B C   1 
ATOM   942  O O   . LEU B 1 3   ? -8.173  -17.622 9.384   1.00 59.29 ? 2   LEU B O   1 
ATOM   943  C CB  . LEU B 1 3   ? -6.987  -15.655 11.254  1.00 59.58 ? 2   LEU B CB  1 
ATOM   944  C CG  . LEU B 1 3   ? -6.170  -14.778 10.301  1.00 58.93 ? 2   LEU B CG  1 
ATOM   945  C CD1 . LEU B 1 3   ? -6.555  -13.312 10.422  1.00 57.64 ? 2   LEU B CD1 1 
ATOM   946  C CD2 . LEU B 1 3   ? -4.694  -14.954 10.596  1.00 58.86 ? 2   LEU B CD2 1 
ATOM   947  N N   . THR B 1 4   ? -9.343  -15.799 8.759   1.00 57.74 ? 3   THR B N   1 
ATOM   948  C CA  . THR B 1 4   ? -9.637  -16.304 7.406   1.00 56.43 ? 3   THR B CA  1 
ATOM   949  C C   . THR B 1 4   ? -9.302  -15.275 6.340   1.00 55.37 ? 3   THR B C   1 
ATOM   950  O O   . THR B 1 4   ? -9.339  -14.072 6.589   1.00 55.52 ? 3   THR B O   1 
ATOM   951  C CB  . THR B 1 4   ? -11.133 -16.676 7.231   1.00 56.41 ? 3   THR B CB  1 
ATOM   952  O OG1 A THR B 1 4   ? -11.954 -15.567 7.612   0.50 56.35 ? 3   THR B OG1 1 
ATOM   953  O OG1 B THR B 1 4   ? -11.655 -17.185 8.466   0.50 56.64 ? 3   THR B OG1 1 
ATOM   954  C CG2 A THR B 1 4   ? -11.498 -17.895 8.079   0.50 56.82 ? 3   THR B CG2 1 
ATOM   955  C CG2 B THR B 1 4   ? -11.323 -17.717 6.115   0.50 56.51 ? 3   THR B CG2 1 
ATOM   956  N N   . ILE B 1 5   ? -8.992  -15.752 5.145   1.00 54.03 ? 4   ILE B N   1 
ATOM   957  C CA  . ILE B 1 5   ? -8.807  -14.865 4.017   1.00 52.55 ? 4   ILE B CA  1 
ATOM   958  C C   . ILE B 1 5   ? -10.039 -14.931 3.114   1.00 51.92 ? 4   ILE B C   1 
ATOM   959  O O   . ILE B 1 5   ? -10.852 -15.861 3.211   1.00 51.99 ? 4   ILE B O   1 
ATOM   960  C CB  . ILE B 1 5   ? -7.497  -15.204 3.290   1.00 52.64 ? 4   ILE B CB  1 
ATOM   961  C CG1 . ILE B 1 5   ? -6.328  -15.038 4.266   1.00 51.74 ? 4   ILE B CG1 1 
ATOM   962  C CG2 . ILE B 1 5   ? -7.314  -14.362 2.026   1.00 52.51 ? 4   ILE B CG2 1 
ATOM   963  C CD1 A ILE B 1 5   ? -6.216  -13.671 4.887   0.50 51.69 ? 4   ILE B CD1 1 
ATOM   964  C CD1 B ILE B 1 5   ? -5.013  -15.501 3.754   0.50 51.76 ? 4   ILE B CD1 1 
ATOM   965  N N   . GLU B 1 6   ? -10.214 -13.912 2.282   1.00 50.71 ? 5   GLU B N   1 
ATOM   966  C CA  . GLU B 1 6   ? -11.286 -13.917 1.316   1.00 49.89 ? 5   GLU B CA  1 
ATOM   967  C C   . GLU B 1 6   ? -10.969 -13.012 0.131   1.00 49.21 ? 5   GLU B C   1 
ATOM   968  O O   . GLU B 1 6   ? -11.075 -11.785 0.225   1.00 49.06 ? 5   GLU B O   1 
ATOM   969  C CB  . GLU B 1 6   ? -12.609 -13.517 1.959   1.00 49.70 ? 5   GLU B CB  1 
ATOM   970  C CG  . GLU B 1 6   ? -13.744 -13.535 0.952   1.00 51.64 ? 5   GLU B CG  1 
ATOM   971  C CD  . GLU B 1 6   ? -14.957 -12.757 1.383   1.00 52.75 ? 5   GLU B CD  1 
ATOM   972  O OE1 . GLU B 1 6   ? -15.791 -12.428 0.507   1.00 52.02 ? 5   GLU B OE1 1 
ATOM   973  O OE2 . GLU B 1 6   ? -15.077 -12.481 2.596   1.00 54.76 ? 5   GLU B OE2 1 
ATOM   974  N N   . SER B 1 7   ? -10.579 -13.631 -0.982  1.00 48.47 ? 6   SER B N   1 
ATOM   975  C CA  . SER B 1 7   ? -10.337 -12.904 -2.225  1.00 47.75 ? 6   SER B CA  1 
ATOM   976  C C   . SER B 1 7   ? -11.633 -12.403 -2.836  1.00 47.40 ? 6   SER B C   1 
ATOM   977  O O   . SER B 1 7   ? -12.671 -13.038 -2.735  1.00 47.31 ? 6   SER B O   1 
ATOM   978  C CB  . SER B 1 7   ? -9.573  -13.750 -3.219  1.00 47.25 ? 6   SER B CB  1 
ATOM   979  O OG  . SER B 1 7   ? -10.121 -15.036 -3.253  1.00 48.15 ? 6   SER B OG  1 
ATOM   980  N N   . THR B 1 8   ? -11.524 -11.257 -3.485  1.00 47.40 ? 7   THR B N   1 
ATOM   981  C CA  . THR B 1 8   ? -12.620 -10.378 -3.801  1.00 47.41 ? 7   THR B CA  1 
ATOM   982  C C   . THR B 1 8   ? -12.101 -9.601  -4.998  1.00 47.45 ? 7   THR B C   1 
ATOM   983  O O   . THR B 1 8   ? -11.378 -8.611  -4.834  1.00 47.86 ? 7   THR B O   1 
ATOM   984  C CB  . THR B 1 8   ? -12.908 -9.463  -2.580  1.00 47.34 ? 7   THR B CB  1 
ATOM   985  O OG1 . THR B 1 8   ? -13.915 -10.068 -1.768  1.00 48.04 ? 7   THR B OG1 1 
ATOM   986  C CG2 . THR B 1 8   ? -13.383 -8.078  -2.967  1.00 48.19 ? 7   THR B CG2 1 
ATOM   987  N N   . PRO B 1 9   ? -12.386 -10.094 -6.218  1.00 47.40 ? 8   PRO B N   1 
ATOM   988  C CA  . PRO B 1 9   ? -13.104 -11.327 -6.551  1.00 47.34 ? 8   PRO B CA  1 
ATOM   989  C C   . PRO B 1 9   ? -12.216 -12.560 -6.488  1.00 47.25 ? 8   PRO B C   1 
ATOM   990  O O   . PRO B 1 9   ? -11.006 -12.447 -6.390  1.00 47.27 ? 8   PRO B O   1 
ATOM   991  C CB  . PRO B 1 9   ? -13.498 -11.098 -8.000  1.00 47.43 ? 8   PRO B CB  1 
ATOM   992  C CG  . PRO B 1 9   ? -12.362 -10.303 -8.550  1.00 47.34 ? 8   PRO B CG  1 
ATOM   993  C CD  . PRO B 1 9   ? -11.944 -9.383  -7.434  1.00 47.26 ? 8   PRO B CD  1 
ATOM   994  N N   . PHE B 1 10  ? -12.830 -13.730 -6.558  1.00 47.48 ? 9   PHE B N   1 
ATOM   995  C CA  . PHE B 1 10  ? -12.112 -14.989 -6.548  1.00 47.58 ? 9   PHE B CA  1 
ATOM   996  C C   . PHE B 1 10  ? -11.613 -15.302 -7.968  1.00 47.98 ? 9   PHE B C   1 
ATOM   997  O O   . PHE B 1 10  ? -10.540 -15.905 -8.164  1.00 48.26 ? 9   PHE B O   1 
ATOM   998  C CB  . PHE B 1 10  ? -13.044 -16.074 -6.033  1.00 47.25 ? 9   PHE B CB  1 
ATOM   999  C CG  . PHE B 1 10  ? -12.389 -17.399 -5.858  1.00 47.58 ? 9   PHE B CG  1 
ATOM   1000 C CD1 . PHE B 1 10  ? -12.015 -17.835 -4.584  1.00 47.29 ? 9   PHE B CD1 1 
ATOM   1001 C CD2 . PHE B 1 10  ? -12.144 -18.221 -6.956  1.00 46.20 ? 9   PHE B CD2 1 
ATOM   1002 C CE1 . PHE B 1 10  ? -11.399 -19.065 -4.403  1.00 45.64 ? 9   PHE B CE1 1 
ATOM   1003 C CE2 . PHE B 1 10  ? -11.526 -19.436 -6.789  1.00 46.44 ? 9   PHE B CE2 1 
ATOM   1004 C CZ  . PHE B 1 10  ? -11.156 -19.864 -5.495  1.00 46.84 ? 9   PHE B CZ  1 
ATOM   1005 N N   . ASN B 1 11  ? -12.394 -14.880 -8.957  1.00 48.37 ? 10  ASN B N   1 
ATOM   1006 C CA  . ASN B 1 11  ? -12.035 -15.043 -10.358 1.00 48.46 ? 10  ASN B CA  1 
ATOM   1007 C C   . ASN B 1 11  ? -11.761 -13.670 -10.935 1.00 49.09 ? 10  ASN B C   1 
ATOM   1008 O O   . ASN B 1 11  ? -12.673 -12.878 -11.178 1.00 49.32 ? 10  ASN B O   1 
ATOM   1009 C CB  . ASN B 1 11  ? -13.138 -15.761 -11.126 1.00 48.16 ? 10  ASN B CB  1 
ATOM   1010 C CG  . ASN B 1 11  ? -13.477 -17.132 -10.529 1.00 47.55 ? 10  ASN B CG  1 
ATOM   1011 O OD1 . ASN B 1 11  ? -14.186 -17.240 -9.525  1.00 44.84 ? 10  ASN B OD1 1 
ATOM   1012 N ND2 . ASN B 1 11  ? -12.983 -18.184 -11.164 1.00 46.81 ? 10  ASN B ND2 1 
ATOM   1013 N N   . VAL B 1 12  ? -10.477 -13.394 -11.119 1.00 49.56 ? 11  VAL B N   1 
ATOM   1014 C CA  . VAL B 1 12  ? -9.997  -12.070 -11.447 1.00 49.71 ? 11  VAL B CA  1 
ATOM   1015 C C   . VAL B 1 12  ? -9.708  -12.089 -12.932 1.00 50.19 ? 11  VAL B C   1 
ATOM   1016 O O   . VAL B 1 12  ? -9.052  -13.018 -13.410 1.00 50.22 ? 11  VAL B O   1 
ATOM   1017 C CB  . VAL B 1 12  ? -8.695  -11.747 -10.652 1.00 49.45 ? 11  VAL B CB  1 
ATOM   1018 C CG1 . VAL B 1 12  ? -8.280  -10.301 -10.826 1.00 49.08 ? 11  VAL B CG1 1 
ATOM   1019 C CG2 . VAL B 1 12  ? -8.884  -12.041 -9.187  1.00 49.23 ? 11  VAL B CG2 1 
ATOM   1020 N N   . ALA B 1 13  ? -10.212 -11.085 -13.657 1.00 50.68 ? 12  ALA B N   1 
ATOM   1021 C CA  . ALA B 1 13  ? -9.900  -10.920 -15.080 1.00 51.26 ? 12  ALA B CA  1 
ATOM   1022 C C   . ALA B 1 13  ? -8.507  -10.342 -15.268 1.00 51.96 ? 12  ALA B C   1 
ATOM   1023 O O   . ALA B 1 13  ? -8.160  -9.374  -14.593 1.00 52.34 ? 12  ALA B O   1 
ATOM   1024 C CB  . ALA B 1 13  ? -10.903 -10.024 -15.718 1.00 51.19 ? 12  ALA B CB  1 
ATOM   1025 N N   . GLU B 1 14  ? -7.715  -10.915 -16.174 1.00 52.49 ? 13  GLU B N   1 
ATOM   1026 C CA  . GLU B 1 14  ? -6.395  -10.381 -16.489 1.00 54.03 ? 13  GLU B CA  1 
ATOM   1027 C C   . GLU B 1 14  ? -6.434  -8.864  -16.505 1.00 53.62 ? 13  GLU B C   1 
ATOM   1028 O O   . GLU B 1 14  ? -7.462  -8.270  -16.829 1.00 54.02 ? 13  GLU B O   1 
ATOM   1029 C CB  . GLU B 1 14  ? -5.944  -10.837 -17.865 1.00 53.95 ? 13  GLU B CB  1 
ATOM   1030 C CG  . GLU B 1 14  ? -5.296  -12.209 -17.935 1.00 56.67 ? 13  GLU B CG  1 
ATOM   1031 C CD  . GLU B 1 14  ? -4.797  -12.568 -19.361 1.00 57.45 ? 13  GLU B CD  1 
ATOM   1032 O OE1 . GLU B 1 14  ? -3.782  -13.327 -19.457 1.00 60.12 ? 13  GLU B OE1 1 
ATOM   1033 O OE2 . GLU B 1 14  ? -5.423  -12.095 -20.369 1.00 61.38 ? 13  GLU B OE2 1 
ATOM   1034 N N   . GLY B 1 15  ? -5.323  -8.222  -16.169 1.00 53.40 ? 14  GLY B N   1 
ATOM   1035 C CA  . GLY B 1 15  ? -5.264  -6.759  -16.229 1.00 53.06 ? 14  GLY B CA  1 
ATOM   1036 C C   . GLY B 1 15  ? -5.998  -5.998  -15.124 1.00 52.48 ? 14  GLY B C   1 
ATOM   1037 O O   . GLY B 1 15  ? -5.675  -4.833  -14.855 1.00 52.60 ? 14  GLY B O   1 
ATOM   1038 N N   . LYS B 1 16  ? -6.970  -6.644  -14.485 1.00 51.59 ? 15  LYS B N   1 
ATOM   1039 C CA  . LYS B 1 16  ? -7.695  -6.042  -13.373 1.00 51.45 ? 15  LYS B CA  1 
ATOM   1040 C C   . LYS B 1 16  ? -6.976  -6.188  -12.015 1.00 50.28 ? 15  LYS B C   1 
ATOM   1041 O O   . LYS B 1 16  ? -5.742  -6.286  -11.963 1.00 50.20 ? 15  LYS B O   1 
ATOM   1042 C CB  . LYS B 1 16  ? -9.108  -6.605  -13.306 1.00 51.47 ? 15  LYS B CB  1 
ATOM   1043 C CG  . LYS B 1 16  ? -10.054 -6.111  -14.420 1.00 52.88 ? 15  LYS B CG  1 
ATOM   1044 C CD  . LYS B 1 16  ? -11.490 -6.658  -14.161 1.00 53.62 ? 15  LYS B CD  1 
ATOM   1045 C CE  . LYS B 1 16  ? -12.600 -5.814  -14.825 1.00 56.29 ? 15  LYS B CE  1 
ATOM   1046 N NZ  . LYS B 1 16  ? -13.006 -6.366  -16.158 1.00 57.59 ? 15  LYS B NZ  1 
ATOM   1047 N N   . GLU B 1 17  ? -7.744  -6.183  -10.923 1.00 48.90 ? 16  GLU B N   1 
ATOM   1048 C CA  . GLU B 1 17  ? -7.179  -6.135  -9.564  1.00 47.75 ? 16  GLU B CA  1 
ATOM   1049 C C   . GLU B 1 17  ? -7.880  -7.141  -8.674  1.00 47.21 ? 16  GLU B C   1 
ATOM   1050 O O   . GLU B 1 17  ? -8.997  -7.555  -8.964  1.00 47.42 ? 16  GLU B O   1 
ATOM   1051 C CB  . GLU B 1 17  ? -7.309  -4.729  -8.920  1.00 47.55 ? 16  GLU B CB  1 
ATOM   1052 C CG  A GLU B 1 17  ? -8.741  -4.213  -8.715  0.50 47.08 ? 16  GLU B CG  1 
ATOM   1053 C CG  C GLU B 1 17  ? -6.948  -3.544  -9.803  0.50 48.00 ? 16  GLU B CG  1 
ATOM   1054 C CD  A GLU B 1 17  ? -8.826  -3.010  -7.785  0.50 47.22 ? 16  GLU B CD  1 
ATOM   1055 C CD  C GLU B 1 17  ? -7.359  -2.224  -9.177  0.50 48.29 ? 16  GLU B CD  1 
ATOM   1056 O OE1 A GLU B 1 17  ? -8.468  -1.885  -8.199  0.50 46.76 ? 16  GLU B OE1 1 
ATOM   1057 O OE1 C GLU B 1 17  ? -8.564  -2.056  -8.884  0.50 48.17 ? 16  GLU B OE1 1 
ATOM   1058 O OE2 A GLU B 1 17  ? -9.280  -3.179  -6.637  0.50 46.18 ? 16  GLU B OE2 1 
ATOM   1059 O OE2 C GLU B 1 17  ? -6.475  -1.358  -8.970  0.50 49.57 ? 16  GLU B OE2 1 
ATOM   1060 N N   . VAL B 1 18  ? -7.235  -7.513  -7.577  1.00 46.31 ? 17  VAL B N   1 
ATOM   1061 C CA  . VAL B 1 18  ? -7.879  -8.327  -6.562  1.00 45.64 ? 17  VAL B CA  1 
ATOM   1062 C C   . VAL B 1 18  ? -7.552  -7.819  -5.170  1.00 45.69 ? 17  VAL B C   1 
ATOM   1063 O O   . VAL B 1 18  ? -6.433  -7.366  -4.902  1.00 45.91 ? 17  VAL B O   1 
ATOM   1064 C CB  . VAL B 1 18  ? -7.461  -9.792  -6.683  1.00 45.34 ? 17  VAL B CB  1 
ATOM   1065 C CG1 . VAL B 1 18  ? -5.956  -9.935  -6.538  1.00 45.45 ? 17  VAL B CG1 1 
ATOM   1066 C CG2 . VAL B 1 18  ? -8.181  -10.629 -5.661  1.00 44.81 ? 17  VAL B CG2 1 
ATOM   1067 N N   . LEU B 1 19  ? -8.526  -7.892  -4.279  1.00 45.52 ? 18  LEU B N   1 
ATOM   1068 C CA  . LEU B 1 19  ? -8.282  -7.519  -2.900  1.00 45.89 ? 18  LEU B CA  1 
ATOM   1069 C C   . LEU B 1 19  ? -8.548  -8.711  -1.975  1.00 45.75 ? 18  LEU B C   1 
ATOM   1070 O O   . LEU B 1 19  ? -9.664  -9.225  -1.899  1.00 45.63 ? 18  LEU B O   1 
ATOM   1071 C CB  . LEU B 1 19  ? -9.124  -6.295  -2.512  1.00 46.02 ? 18  LEU B CB  1 
ATOM   1072 C CG  . LEU B 1 19  ? -9.212  -5.993  -1.010  1.00 46.58 ? 18  LEU B CG  1 
ATOM   1073 C CD1 . LEU B 1 19  ? -8.144  -5.007  -0.600  1.00 48.25 ? 18  LEU B CD1 1 
ATOM   1074 C CD2 . LEU B 1 19  ? -10.571 -5.460  -0.635  1.00 45.77 ? 18  LEU B CD2 1 
ATOM   1075 N N   . LEU B 1 20  ? -7.507  -9.151  -1.285  1.00 45.51 ? 19  LEU B N   1 
ATOM   1076 C CA  . LEU B 1 20  ? -7.624  -10.292 -0.397  1.00 45.37 ? 19  LEU B CA  1 
ATOM   1077 C C   . LEU B 1 20  ? -8.034  -9.793  0.979   1.00 46.13 ? 19  LEU B C   1 
ATOM   1078 O O   . LEU B 1 20  ? -7.198  -9.322  1.743   1.00 46.68 ? 19  LEU B O   1 
ATOM   1079 C CB  . LEU B 1 20  ? -6.296  -11.047 -0.343  1.00 44.71 ? 19  LEU B CB  1 
ATOM   1080 C CG  . LEU B 1 20  ? -5.885  -11.713 -1.661  1.00 43.13 ? 19  LEU B CG  1 
ATOM   1081 C CD1 . LEU B 1 20  ? -4.427  -11.913 -1.729  1.00 42.55 ? 19  LEU B CD1 1 
ATOM   1082 C CD2 . LEU B 1 20  ? -6.527  -13.036 -1.790  1.00 42.56 ? 19  LEU B CD2 1 
ATOM   1083 N N   . LEU B 1 21  ? -9.330  -9.856  1.283   1.00 46.68 ? 20  LEU B N   1 
ATOM   1084 C CA  . LEU B 1 21  ? -9.846  -9.357  2.557   1.00 46.81 ? 20  LEU B CA  1 
ATOM   1085 C C   . LEU B 1 21  ? -9.391  -10.267 3.658   1.00 47.16 ? 20  LEU B C   1 
ATOM   1086 O O   . LEU B 1 21  ? -9.233  -11.466 3.438   1.00 47.06 ? 20  LEU B O   1 
ATOM   1087 C CB  . LEU B 1 21  ? -11.358 -9.372  2.567   1.00 46.98 ? 20  LEU B CB  1 
ATOM   1088 C CG  . LEU B 1 21  ? -12.136 -8.398  1.717   1.00 46.74 ? 20  LEU B CG  1 
ATOM   1089 C CD1 . LEU B 1 21  ? -13.504 -9.001  1.477   1.00 47.41 ? 20  LEU B CD1 1 
ATOM   1090 C CD2 . LEU B 1 21  ? -12.251 -7.117  2.470   1.00 48.34 ? 20  LEU B CD2 1 
ATOM   1091 N N   . VAL B 1 22  ? -9.197  -9.694  4.844   1.00 48.00 ? 21  VAL B N   1 
ATOM   1092 C CA  . VAL B 1 22  ? -8.702  -10.428 6.013   1.00 48.44 ? 21  VAL B CA  1 
ATOM   1093 C C   . VAL B 1 22  ? -9.672  -10.325 7.184   1.00 49.42 ? 21  VAL B C   1 
ATOM   1094 O O   . VAL B 1 22  ? -9.913  -9.247  7.735   1.00 48.88 ? 21  VAL B O   1 
ATOM   1095 C CB  . VAL B 1 22  ? -7.303  -9.950  6.448   1.00 48.13 ? 21  VAL B CB  1 
ATOM   1096 C CG1 . VAL B 1 22  ? -6.781  -10.804 7.575   1.00 46.98 ? 21  VAL B CG1 1 
ATOM   1097 C CG2 . VAL B 1 22  ? -6.351  -9.986  5.273   1.00 47.52 ? 21  VAL B CG2 1 
ATOM   1098 N N   . HIS B 1 23  ? -10.220 -11.474 7.554   1.00 50.79 ? 22  HIS B N   1 
ATOM   1099 C CA  . HIS B 1 23  ? -11.226 -11.530 8.588   1.00 52.43 ? 22  HIS B CA  1 
ATOM   1100 C C   . HIS B 1 23  ? -10.619 -12.038 9.869   1.00 53.20 ? 22  HIS B C   1 
ATOM   1101 O O   . HIS B 1 23  ? -9.832  -12.993 9.856   1.00 53.39 ? 22  HIS B O   1 
ATOM   1102 C CB  . HIS B 1 23  ? -12.385 -12.447 8.173   1.00 52.68 ? 22  HIS B CB  1 
ATOM   1103 C CG  . HIS B 1 23  ? -13.070 -12.018 6.917   1.00 53.59 ? 22  HIS B CG  1 
ATOM   1104 N ND1 . HIS B 1 23  ? -13.436 -10.707 6.681   1.00 54.99 ? 22  HIS B ND1 1 
ATOM   1105 C CD2 . HIS B 1 23  ? -13.453 -12.721 5.826   1.00 54.39 ? 22  HIS B CD2 1 
ATOM   1106 C CE1 . HIS B 1 23  ? -14.009 -10.621 5.491   1.00 55.23 ? 22  HIS B CE1 1 
ATOM   1107 N NE2 . HIS B 1 23  ? -14.031 -11.828 4.952   1.00 55.30 ? 22  HIS B NE2 1 
ATOM   1108 N N   . ASN B 1 24  ? -10.983 -11.381 10.968  1.00 54.18 ? 23  ASN B N   1 
ATOM   1109 C CA  . ASN B 1 24  ? -10.695 -11.879 12.310  1.00 55.40 ? 23  ASN B CA  1 
ATOM   1110 C C   . ASN B 1 24  ? -9.262  -11.743 12.773  1.00 55.95 ? 23  ASN B C   1 
ATOM   1111 O O   . ASN B 1 24  ? -8.688  -12.695 13.319  1.00 55.72 ? 23  ASN B O   1 
ATOM   1112 C CB  . ASN B 1 24  ? -11.130 -13.342 12.447  1.00 55.41 ? 23  ASN B CB  1 
ATOM   1113 C CG  . ASN B 1 24  ? -12.619 -13.504 12.396  1.00 56.23 ? 23  ASN B CG  1 
ATOM   1114 O OD1 . ASN B 1 24  ? -13.346 -12.391 12.450  1.00 58.21 ? 23  ASN B OD1 1 
ATOM   1115 N ND2 . ASN B 1 24  ? -13.121 -14.619 12.322  1.00 56.80 ? 23  ASN B ND2 1 
ATOM   1116 N N   . LEU B 1 25  ? -8.683  -10.561 12.578  1.00 57.15 ? 24  LEU B N   1 
ATOM   1117 C CA  . LEU B 1 25  ? -7.375  -10.308 13.163  1.00 58.36 ? 24  LEU B CA  1 
ATOM   1118 C C   . LEU B 1 25  ? -7.451  -10.603 14.658  1.00 59.47 ? 24  LEU B C   1 
ATOM   1119 O O   . LEU B 1 25  ? -8.387  -10.170 15.346  1.00 59.95 ? 24  LEU B O   1 
ATOM   1120 C CB  . LEU B 1 25  ? -6.902  -8.880  12.935  1.00 58.12 ? 24  LEU B CB  1 
ATOM   1121 C CG  . LEU B 1 25  ? -5.930  -8.552  11.805  1.00 57.51 ? 24  LEU B CG  1 
ATOM   1122 C CD1 . LEU B 1 25  ? -5.295  -9.785  11.188  1.00 56.05 ? 24  LEU B CD1 1 
ATOM   1123 C CD2 . LEU B 1 25  ? -6.647  -7.720  10.772  1.00 58.88 ? 24  LEU B CD2 1 
ATOM   1124 N N   . PRO B 1 26  ? -6.485  -11.368 15.167  1.00 60.23 ? 25  PRO B N   1 
ATOM   1125 C CA  . PRO B 1 26  ? -6.513  -11.625 16.594  1.00 60.82 ? 25  PRO B CA  1 
ATOM   1126 C C   . PRO B 1 26  ? -5.998  -10.368 17.285  1.00 61.27 ? 25  PRO B C   1 
ATOM   1127 O O   . PRO B 1 26  ? -5.454  -9.494  16.604  1.00 61.21 ? 25  PRO B O   1 
ATOM   1128 C CB  . PRO B 1 26  ? -5.538  -12.788 16.748  1.00 61.26 ? 25  PRO B CB  1 
ATOM   1129 C CG  . PRO B 1 26  ? -4.558  -12.602 15.603  1.00 60.94 ? 25  PRO B CG  1 
ATOM   1130 C CD  . PRO B 1 26  ? -5.339  -11.995 14.486  1.00 60.33 ? 25  PRO B CD  1 
ATOM   1131 N N   . GLN B 1 27  ? -6.183  -10.256 18.601  1.00 61.54 ? 26  GLN B N   1 
ATOM   1132 C CA  . GLN B 1 27  ? -5.736  -9.051  19.304  1.00 61.50 ? 26  GLN B CA  1 
ATOM   1133 C C   . GLN B 1 27  ? -4.253  -9.063  19.639  1.00 61.26 ? 26  GLN B C   1 
ATOM   1134 O O   . GLN B 1 27  ? -3.625  -10.138 19.764  1.00 61.21 ? 26  GLN B O   1 
ATOM   1135 C CB  . GLN B 1 27  ? -6.539  -8.791  20.579  1.00 61.93 ? 26  GLN B CB  1 
ATOM   1136 C CG  A GLN B 1 27  ? -7.532  -7.599  20.464  0.50 62.68 ? 26  GLN B CG  1 
ATOM   1137 C CG  B GLN B 1 27  ? -8.034  -9.015  20.475  0.50 61.63 ? 26  GLN B CG  1 
ATOM   1138 C CD  A GLN B 1 27  ? -6.848  -6.257  20.136  0.50 63.52 ? 26  GLN B CD  1 
ATOM   1139 C CD  B GLN B 1 27  ? -8.724  -8.681  21.771  0.50 61.35 ? 26  GLN B CD  1 
ATOM   1140 O OE1 A GLN B 1 27  ? -6.926  -5.767  19.004  0.50 63.63 ? 26  GLN B OE1 1 
ATOM   1141 O OE1 B GLN B 1 27  ? -8.890  -9.546  22.635  0.50 61.40 ? 26  GLN B OE1 1 
ATOM   1142 N NE2 A GLN B 1 27  ? -6.176  -5.669  21.128  0.50 62.93 ? 26  GLN B NE2 1 
ATOM   1143 N NE2 B GLN B 1 27  ? -9.105  -7.416  21.934  0.50 60.29 ? 26  GLN B NE2 1 
ATOM   1144 N N   . HIS B 1 28  ? -3.713  -7.848  19.790  1.00 60.69 ? 27  HIS B N   1 
ATOM   1145 C CA  . HIS B 1 28  ? -2.319  -7.616  20.219  1.00 60.17 ? 27  HIS B CA  1 
ATOM   1146 C C   . HIS B 1 28  ? -1.325  -7.883  19.091  1.00 59.20 ? 27  HIS B C   1 
ATOM   1147 O O   . HIS B 1 28  ? -0.272  -8.505  19.302  1.00 59.08 ? 27  HIS B O   1 
ATOM   1148 C CB  . HIS B 1 28  ? -1.955  -8.397  21.514  1.00 60.31 ? 27  HIS B CB  1 
ATOM   1149 C CG  . HIS B 1 28  ? -2.842  -8.077  22.680  0.50 60.32 ? 27  HIS B CG  1 
ATOM   1150 N ND1 . HIS B 1 28  ? -3.221  -9.024  23.609  0.50 60.44 ? 27  HIS B ND1 1 
ATOM   1151 C CD2 . HIS B 1 28  ? -3.443  -6.920  23.055  0.50 59.59 ? 27  HIS B CD2 1 
ATOM   1152 C CE1 . HIS B 1 28  ? -4.006  -8.461  24.511  0.50 59.95 ? 27  HIS B CE1 1 
ATOM   1153 N NE2 . HIS B 1 28  ? -4.155  -7.187  24.198  0.50 59.68 ? 27  HIS B NE2 1 
ATOM   1154 N N   . LEU B 1 29  ? -1.683  -7.377  17.907  1.00 58.23 ? 28  LEU B N   1 
ATOM   1155 C CA  A LEU B 1 29  ? -0.862  -7.515  16.704  0.50 57.82 ? 28  LEU B CA  1 
ATOM   1156 C CA  B LEU B 1 29  ? -0.871  -7.512  16.700  0.50 57.80 ? 28  LEU B CA  1 
ATOM   1157 C C   A LEU B 1 29  ? 0.395   -6.654  16.749  0.50 57.31 ? 28  LEU B C   1 
ATOM   1158 C C   B LEU B 1 29  ? 0.392   -6.655  16.748  0.50 57.29 ? 28  LEU B C   1 
ATOM   1159 O O   A LEU B 1 29  ? 0.470   -5.696  17.512  0.50 57.38 ? 28  LEU B O   1 
ATOM   1160 O O   B LEU B 1 29  ? 0.470   -5.701  17.515  0.50 57.37 ? 28  LEU B O   1 
ATOM   1161 C CB  A LEU B 1 29  ? -1.663  -7.138  15.456  0.50 57.81 ? 28  LEU B CB  1 
ATOM   1162 C CB  B LEU B 1 29  ? -1.687  -7.098  15.479  0.50 57.75 ? 28  LEU B CB  1 
ATOM   1163 C CG  A LEU B 1 29  ? -2.786  -7.993  14.866  0.50 57.98 ? 28  LEU B CG  1 
ATOM   1164 C CG  B LEU B 1 29  ? -3.020  -7.759  15.150  0.50 57.89 ? 28  LEU B CG  1 
ATOM   1165 C CD1 A LEU B 1 29  ? -2.576  -9.488  15.122  0.50 58.19 ? 28  LEU B CD1 1 
ATOM   1166 C CD1 B LEU B 1 29  ? -3.857  -6.794  14.319  0.50 57.84 ? 28  LEU B CD1 1 
ATOM   1167 C CD2 A LEU B 1 29  ? -4.139  -7.516  15.382  0.50 58.25 ? 28  LEU B CD2 1 
ATOM   1168 C CD2 B LEU B 1 29  ? -2.818  -9.092  14.433  0.50 57.91 ? 28  LEU B CD2 1 
ATOM   1169 N N   . PHE B 1 30  ? 1.373   -7.000  15.919  1.00 56.80 ? 29  PHE B N   1 
ATOM   1170 C CA  . PHE B 1 30  ? 2.567   -6.191  15.769  1.00 55.99 ? 29  PHE B CA  1 
ATOM   1171 C C   . PHE B 1 30  ? 2.828   -5.854  14.306  1.00 55.01 ? 29  PHE B C   1 
ATOM   1172 O O   . PHE B 1 30  ? 3.170   -4.718  13.986  1.00 55.22 ? 29  PHE B O   1 
ATOM   1173 C CB  . PHE B 1 30  ? 3.794   -6.881  16.365  1.00 56.48 ? 29  PHE B CB  1 
ATOM   1174 C CG  . PHE B 1 30  ? 5.086   -6.331  15.846  1.00 56.86 ? 29  PHE B CG  1 
ATOM   1175 C CD1 . PHE B 1 30  ? 5.564   -5.098  16.301  1.00 58.48 ? 29  PHE B CD1 1 
ATOM   1176 C CD2 . PHE B 1 30  ? 5.804   -7.018  14.870  1.00 56.98 ? 29  PHE B CD2 1 
ATOM   1177 C CE1 . PHE B 1 30  ? 6.753   -4.554  15.781  1.00 59.58 ? 29  PHE B CE1 1 
ATOM   1178 C CE2 . PHE B 1 30  ? 7.003   -6.500  14.346  1.00 57.71 ? 29  PHE B CE2 1 
ATOM   1179 C CZ  . PHE B 1 30  ? 7.479   -5.270  14.789  1.00 58.45 ? 29  PHE B CZ  1 
ATOM   1180 N N   . GLY B 1 31  ? 2.701   -6.847  13.429  1.00 53.63 ? 30  GLY B N   1 
ATOM   1181 C CA  . GLY B 1 31  ? 2.884   -6.635  11.994  1.00 51.74 ? 30  GLY B CA  1 
ATOM   1182 C C   . GLY B 1 31  ? 2.348   -7.805  11.205  1.00 50.50 ? 30  GLY B C   1 
ATOM   1183 O O   . GLY B 1 31  ? 1.902   -8.789  11.798  1.00 50.57 ? 30  GLY B O   1 
ATOM   1184 N N   . TYR B 1 32  ? 2.369   -7.697  9.875   1.00 49.28 ? 31  TYR B N   1 
ATOM   1185 C CA  . TYR B 1 32  ? 1.981   -8.801  8.992   1.00 48.32 ? 31  TYR B CA  1 
ATOM   1186 C C   . TYR B 1 32  ? 2.851   -8.899  7.760   1.00 48.05 ? 31  TYR B C   1 
ATOM   1187 O O   . TYR B 1 32  ? 3.313   -7.890  7.242   1.00 48.07 ? 31  TYR B O   1 
ATOM   1188 C CB  . TYR B 1 32  ? 0.570   -8.644  8.438   1.00 48.06 ? 31  TYR B CB  1 
ATOM   1189 C CG  . TYR B 1 32  ? -0.386  -7.742  9.146   1.00 47.64 ? 31  TYR B CG  1 
ATOM   1190 C CD1 . TYR B 1 32  ? -0.682  -6.482  8.638   1.00 46.79 ? 31  TYR B CD1 1 
ATOM   1191 C CD2 . TYR B 1 32  ? -1.055  -8.172  10.295  1.00 47.97 ? 31  TYR B CD2 1 
ATOM   1192 C CE1 . TYR B 1 32  ? -1.597  -5.657  9.281   1.00 46.81 ? 31  TYR B CE1 1 
ATOM   1193 C CE2 . TYR B 1 32  ? -1.973  -7.363  10.943  1.00 46.59 ? 31  TYR B CE2 1 
ATOM   1194 C CZ  . TYR B 1 32  ? -2.242  -6.112  10.430  1.00 46.99 ? 31  TYR B CZ  1 
ATOM   1195 O OH  . TYR B 1 32  ? -3.158  -5.322  11.084  1.00 48.12 ? 31  TYR B OH  1 
ATOM   1196 N N   . SER B 1 33  ? 3.003   -10.108 7.237   1.00 47.90 ? 32  SER B N   1 
ATOM   1197 C CA  . SER B 1 33  ? 3.655   -10.292 5.937   1.00 47.83 ? 32  SER B CA  1 
ATOM   1198 C C   . SER B 1 33  ? 2.834   -11.198 5.050   1.00 47.11 ? 32  SER B C   1 
ATOM   1199 O O   . SER B 1 33  ? 2.144   -12.085 5.549   1.00 46.65 ? 32  SER B O   1 
ATOM   1200 C CB  . SER B 1 33  ? 5.056   -10.876 6.115   1.00 48.52 ? 32  SER B CB  1 
ATOM   1201 O OG  . SER B 1 33  ? 5.061   -11.975 7.033   1.00 49.97 ? 32  SER B OG  1 
ATOM   1202 N N   . TRP B 1 34  ? 2.904   -10.964 3.742   1.00 46.72 ? 33  TRP B N   1 
ATOM   1203 C CA  . TRP B 1 34  ? 2.209   -11.802 2.777   1.00 46.94 ? 33  TRP B CA  1 
ATOM   1204 C C   . TRP B 1 34  ? 3.211   -12.613 1.982   1.00 48.05 ? 33  TRP B C   1 
ATOM   1205 O O   . TRP B 1 34  ? 4.256   -12.105 1.577   1.00 48.38 ? 33  TRP B O   1 
ATOM   1206 C CB  . TRP B 1 34  ? 1.337   -10.977 1.841   1.00 46.10 ? 33  TRP B CB  1 
ATOM   1207 C CG  . TRP B 1 34  ? 0.004   -10.603 2.427   1.00 46.13 ? 33  TRP B CG  1 
ATOM   1208 C CD1 . TRP B 1 34  ? -0.292  -9.475  3.143   1.00 45.26 ? 33  TRP B CD1 1 
ATOM   1209 C CD2 . TRP B 1 34  ? -1.214  -11.357 2.364   1.00 45.69 ? 33  TRP B CD2 1 
ATOM   1210 N NE1 . TRP B 1 34  ? -1.614  -9.472  3.518   1.00 43.85 ? 33  TRP B NE1 1 
ATOM   1211 C CE2 . TRP B 1 34  ? -2.204  -10.616 3.061   1.00 44.86 ? 33  TRP B CE2 1 
ATOM   1212 C CE3 . TRP B 1 34  ? -1.567  -12.587 1.791   1.00 45.46 ? 33  TRP B CE3 1 
ATOM   1213 C CZ2 . TRP B 1 34  ? -3.523  -11.061 3.195   1.00 45.33 ? 33  TRP B CZ2 1 
ATOM   1214 C CZ3 . TRP B 1 34  ? -2.884  -13.029 1.921   1.00 45.38 ? 33  TRP B CZ3 1 
ATOM   1215 C CH2 . TRP B 1 34  ? -3.846  -12.262 2.620   1.00 45.59 ? 33  TRP B CH2 1 
ATOM   1216 N N   . TYR B 1 35  ? 2.889   -13.889 1.783   1.00 49.46 ? 34  TYR B N   1 
ATOM   1217 C CA  . TYR B 1 35  ? 3.716   -14.828 1.028   1.00 50.40 ? 34  TYR B CA  1 
ATOM   1218 C C   . TYR B 1 35  ? 2.841   -15.503 -0.020  1.00 51.32 ? 34  TYR B C   1 
ATOM   1219 O O   . TYR B 1 35  ? 1.672   -15.792 0.255   1.00 51.29 ? 34  TYR B O   1 
ATOM   1220 C CB  . TYR B 1 35  ? 4.296   -15.890 1.963   1.00 50.26 ? 34  TYR B CB  1 
ATOM   1221 C CG  . TYR B 1 35  ? 5.288   -15.355 2.959   1.00 50.21 ? 34  TYR B CG  1 
ATOM   1222 C CD1 . TYR B 1 35  ? 4.862   -14.836 4.181   1.00 50.67 ? 34  TYR B CD1 1 
ATOM   1223 C CD2 . TYR B 1 35  ? 6.658   -15.373 2.691   1.00 49.88 ? 34  TYR B CD2 1 
ATOM   1224 C CE1 . TYR B 1 35  ? 5.775   -14.335 5.116   1.00 51.15 ? 34  TYR B CE1 1 
ATOM   1225 C CE2 . TYR B 1 35  ? 7.585   -14.880 3.620   1.00 50.22 ? 34  TYR B CE2 1 
ATOM   1226 C CZ  . TYR B 1 35  ? 7.134   -14.357 4.827   1.00 51.07 ? 34  TYR B CZ  1 
ATOM   1227 O OH  . TYR B 1 35  ? 8.027   -13.855 5.747   1.00 51.23 ? 34  TYR B OH  1 
ATOM   1228 N N   . LYS B 1 36  ? 3.398   -15.733 -1.211  1.00 52.52 ? 35  LYS B N   1 
ATOM   1229 C CA  . LYS B 1 36  ? 2.755   -16.572 -2.230  1.00 53.84 ? 35  LYS B CA  1 
ATOM   1230 C C   . LYS B 1 36  ? 2.824   -18.051 -1.822  1.00 55.29 ? 35  LYS B C   1 
ATOM   1231 O O   . LYS B 1 36  ? 3.805   -18.511 -1.235  1.00 55.12 ? 35  LYS B O   1 
ATOM   1232 C CB  . LYS B 1 36  ? 3.443   -16.371 -3.581  1.00 53.57 ? 35  LYS B CB  1 
ATOM   1233 C CG  . LYS B 1 36  ? 2.837   -17.169 -4.717  1.00 53.63 ? 35  LYS B CG  1 
ATOM   1234 C CD  . LYS B 1 36  ? 1.924   -16.334 -5.612  1.00 54.31 ? 35  LYS B CD  1 
ATOM   1235 C CE  . LYS B 1 36  ? 1.036   -17.217 -6.490  1.00 53.33 ? 35  LYS B CE  1 
ATOM   1236 N NZ  A LYS B 1 36  ? -0.024  -17.839 -5.646  0.50 54.00 ? 35  LYS B NZ  1 
ATOM   1237 N NZ  B LYS B 1 36  ? 1.790   -17.906 -7.583  0.50 50.91 ? 35  LYS B NZ  1 
ATOM   1238 N N   . GLY B 1 37  ? 1.782   -18.806 -2.121  1.00 57.45 ? 36  GLY B N   1 
ATOM   1239 C CA  . GLY B 1 37  ? 1.796   -20.211 -1.765  1.00 60.61 ? 36  GLY B CA  1 
ATOM   1240 C C   . GLY B 1 37  ? 1.133   -20.548 -0.444  1.00 63.03 ? 36  GLY B C   1 
ATOM   1241 O O   . GLY B 1 37  ? 0.330   -19.769 0.080   1.00 62.84 ? 36  GLY B O   1 
ATOM   1242 N N   . GLU B 1 38  ? 1.519   -21.697 0.111   1.00 65.77 ? 37  GLU B N   1 
ATOM   1243 C CA  . GLU B 1 38  ? 0.602   -22.521 0.910   1.00 68.65 ? 37  GLU B CA  1 
ATOM   1244 C C   . GLU B 1 38  ? 0.760   -22.530 2.418   1.00 70.50 ? 37  GLU B C   1 
ATOM   1245 O O   . GLU B 1 38  ? -0.250  -22.456 3.143   1.00 71.25 ? 37  GLU B O   1 
ATOM   1246 C CB  . GLU B 1 38  ? 0.598   -23.969 0.409   1.00 68.78 ? 37  GLU B CB  1 
ATOM   1247 C CG  . GLU B 1 38  ? -0.234  -24.203 -0.828  1.00 69.94 ? 37  GLU B CG  1 
ATOM   1248 C CD  . GLU B 1 38  ? -1.212  -25.337 -0.641  1.00 70.91 ? 37  GLU B CD  1 
ATOM   1249 O OE1 . GLU B 1 38  ? -0.895  -26.449 -1.107  1.00 71.31 ? 37  GLU B OE1 1 
ATOM   1250 O OE2 . GLU B 1 38  ? -2.282  -25.116 -0.015  1.00 70.97 ? 37  GLU B OE2 1 
ATOM   1251 N N   . ARG B 1 39  ? 1.995   -22.673 2.899   1.00 72.22 ? 38  ARG B N   1 
ATOM   1252 C CA  . ARG B 1 39  ? 2.281   -22.490 4.327   1.00 74.53 ? 38  ARG B CA  1 
ATOM   1253 C C   . ARG B 1 39  ? 3.698   -22.893 4.623   1.00 74.64 ? 38  ARG B C   1 
ATOM   1254 O O   . ARG B 1 39  ? 4.477   -22.099 5.142   1.00 75.29 ? 38  ARG B O   1 
ATOM   1255 C CB  . ARG B 1 39  ? 1.305   -23.240 5.254   1.00 74.46 ? 38  ARG B CB  1 
ATOM   1256 C CG  . ARG B 1 39  ? 1.071   -22.505 6.590   1.00 76.15 ? 38  ARG B CG  1 
ATOM   1257 C CD  . ARG B 1 39  ? -0.186  -22.979 7.318   1.00 77.08 ? 38  ARG B CD  1 
ATOM   1258 N NE  . ARG B 1 39  ? -0.006  -24.322 7.884   1.00 82.66 ? 38  ARG B NE  1 
ATOM   1259 C CZ  . ARG B 1 39  ? -0.963  -25.253 7.961   1.00 83.89 ? 38  ARG B CZ  1 
ATOM   1260 N NH1 . ARG B 1 39  ? -2.192  -25.007 7.502   1.00 83.42 ? 38  ARG B NH1 1 
ATOM   1261 N NH2 . ARG B 1 39  ? -0.687  -26.444 8.490   1.00 84.19 ? 38  ARG B NH2 1 
ATOM   1262 N N   . CYS B 1 40  ? 4.030   -24.131 4.305   1.00 74.94 ? 39  CYS B N   1 
ATOM   1263 C CA  . CYS B 1 40  ? 5.401   -24.549 4.384   1.00 75.03 ? 39  CYS B CA  1 
ATOM   1264 C C   . CYS B 1 40  ? 5.917   -24.693 2.962   1.00 75.13 ? 39  CYS B C   1 
ATOM   1265 O O   . CYS B 1 40  ? 6.486   -25.723 2.584   1.00 75.52 ? 39  CYS B O   1 
ATOM   1266 C CB  . CYS B 1 40  ? 5.523   -25.830 5.211   0.50 75.19 ? 39  CYS B CB  1 
ATOM   1267 S SG  . CYS B 1 40  ? 5.308   -25.526 6.984   0.50 74.84 ? 39  CYS B SG  1 
ATOM   1268 N N   . ASP B 1 41  ? 5.698   -23.645 2.172   1.00 75.02 ? 40  ASP B N   1 
ATOM   1269 C CA  . ASP B 1 41  ? 6.224   -23.595 0.800   1.00 75.15 ? 40  ASP B CA  1 
ATOM   1270 C C   . ASP B 1 41  ? 7.637   -22.989 0.677   1.00 74.79 ? 40  ASP B C   1 
ATOM   1271 O O   . ASP B 1 41  ? 8.224   -23.008 -0.412  1.00 74.16 ? 40  ASP B O   1 
ATOM   1272 C CB  . ASP B 1 41  ? 5.231   -22.886 -0.137  1.00 75.30 ? 40  ASP B CB  1 
ATOM   1273 C CG  . ASP B 1 41  ? 4.064   -23.789 -0.549  1.00 75.51 ? 40  ASP B CG  1 
ATOM   1274 O OD1 . ASP B 1 41  ? 3.337   -23.426 -1.504  1.00 75.58 ? 40  ASP B OD1 1 
ATOM   1275 O OD2 . ASP B 1 41  ? 3.872   -24.862 0.075   1.00 75.17 ? 40  ASP B OD2 1 
ATOM   1276 N N   . GLY B 1 42  ? 8.168   -22.481 1.802   1.00 74.69 ? 41  GLY B N   1 
ATOM   1277 C CA  . GLY B 1 42  ? 9.479   -21.799 1.867   1.00 74.11 ? 41  GLY B CA  1 
ATOM   1278 C C   . GLY B 1 42  ? 9.619   -20.815 0.713   1.00 73.60 ? 41  GLY B C   1 
ATOM   1279 O O   . GLY B 1 42  ? 10.433  -21.031 -0.202  1.00 73.69 ? 41  GLY B O   1 
ATOM   1280 N N   . ASN B 1 43  ? 8.824   -19.742 0.741   1.00 72.48 ? 42  ASN B N   1 
ATOM   1281 C CA  . ASN B 1 43  ? 8.446   -19.127 -0.526  1.00 71.10 ? 42  ASN B CA  1 
ATOM   1282 C C   . ASN B 1 43  ? 8.571   -17.620 -0.723  1.00 69.68 ? 42  ASN B C   1 
ATOM   1283 O O   . ASN B 1 43  ? 7.840   -17.066 -1.566  1.00 69.90 ? 42  ASN B O   1 
ATOM   1284 C CB  . ASN B 1 43  ? 7.035   -19.592 -0.927  1.00 71.53 ? 42  ASN B CB  1 
ATOM   1285 C CG  . ASN B 1 43  ? 6.948   -19.966 -2.403  1.00 72.23 ? 42  ASN B CG  1 
ATOM   1286 O OD1 . ASN B 1 43  ? 7.725   -20.792 -2.891  1.00 73.27 ? 42  ASN B OD1 1 
ATOM   1287 N ND2 . ASN B 1 43  ? 6.006   -19.359 -3.120  1.00 72.55 ? 42  ASN B ND2 1 
ATOM   1288 N N   . ARG B 1 44  ? 9.492   -16.965 -0.004  1.00 67.39 ? 43  ARG B N   1 
ATOM   1289 C CA  . ARG B 1 44  ? 9.850   -15.544 -0.265  1.00 65.23 ? 43  ARG B CA  1 
ATOM   1290 C C   . ARG B 1 44  ? 8.688   -14.517 -0.114  1.00 63.16 ? 43  ARG B C   1 
ATOM   1291 O O   . ARG B 1 44  ? 7.676   -14.576 -0.827  1.00 62.77 ? 43  ARG B O   1 
ATOM   1292 C CB  . ARG B 1 44  ? 10.579  -15.380 -1.629  1.00 65.42 ? 43  ARG B CB  1 
ATOM   1293 C CG  . ARG B 1 44  ? 10.074  -16.330 -2.795  1.00 66.34 ? 43  ARG B CG  1 
ATOM   1294 C CD  . ARG B 1 44  ? 10.159  -15.731 -4.205  1.00 65.92 ? 43  ARG B CD  1 
ATOM   1295 N NE  . ARG B 1 44  ? 11.467  -15.104 -4.398  1.00 68.21 ? 43  ARG B NE  1 
ATOM   1296 C CZ  . ARG B 1 44  ? 11.725  -14.088 -5.219  1.00 68.57 ? 43  ARG B CZ  1 
ATOM   1297 N NH1 . ARG B 1 44  ? 12.968  -13.611 -5.278  1.00 68.69 ? 43  ARG B NH1 1 
ATOM   1298 N NH2 . ARG B 1 44  ? 10.761  -13.548 -5.972  1.00 68.74 ? 43  ARG B NH2 1 
ATOM   1299 N N   . GLN B 1 45  ? 8.865   -13.577 0.816   1.00 60.63 ? 44  GLN B N   1 
ATOM   1300 C CA  . GLN B 1 45  ? 7.878   -12.543 1.145   1.00 57.81 ? 44  GLN B CA  1 
ATOM   1301 C C   . GLN B 1 45  ? 7.560   -11.626 -0.018  1.00 56.02 ? 44  GLN B C   1 
ATOM   1302 O O   . GLN B 1 45  ? 8.455   -11.206 -0.749  1.00 55.78 ? 44  GLN B O   1 
ATOM   1303 C CB  . GLN B 1 45  ? 8.372   -11.720 2.341   1.00 57.53 ? 44  GLN B CB  1 
ATOM   1304 C CG  . GLN B 1 45  ? 7.665   -10.384 2.548   1.00 58.19 ? 44  GLN B CG  1 
ATOM   1305 C CD  . GLN B 1 45  ? 8.236   -9.594  3.703   1.00 58.33 ? 44  GLN B CD  1 
ATOM   1306 O OE1 . GLN B 1 45  ? 8.245   -10.081 4.831   1.00 60.14 ? 44  GLN B OE1 1 
ATOM   1307 N NE2 . GLN B 1 45  ? 8.716   -8.368  3.435   1.00 58.56 ? 44  GLN B NE2 1 
ATOM   1308 N N   . ILE B 1 46  ? 6.277   -11.314 -0.173  1.00 53.92 ? 45  ILE B N   1 
ATOM   1309 C CA  . ILE B 1 46  ? 5.836   -10.281 -1.106  1.00 52.19 ? 45  ILE B CA  1 
ATOM   1310 C C   . ILE B 1 46  ? 6.050   -8.892  -0.498  1.00 51.03 ? 45  ILE B C   1 
ATOM   1311 O O   . ILE B 1 46  ? 6.879   -8.101  -0.972  1.00 50.79 ? 45  ILE B O   1 
ATOM   1312 C CB  . ILE B 1 46  ? 4.344   -10.436 -1.452  1.00 52.05 ? 45  ILE B CB  1 
ATOM   1313 C CG1 . ILE B 1 46  ? 4.071   -11.812 -2.041  1.00 51.42 ? 45  ILE B CG1 1 
ATOM   1314 C CG2 . ILE B 1 46  ? 3.918   -9.384  -2.438  1.00 51.63 ? 45  ILE B CG2 1 
ATOM   1315 C CD1 . ILE B 1 46  ? 2.736   -12.363 -1.661  1.00 49.56 ? 45  ILE B CD1 1 
ATOM   1316 N N   . ILE B 1 47  ? 5.297   -8.614  0.560   1.00 49.06 ? 46  ILE B N   1 
ATOM   1317 C CA  . ILE B 1 47  ? 5.347   -7.329  1.223   1.00 47.62 ? 46  ILE B CA  1 
ATOM   1318 C C   . ILE B 1 47  ? 5.109   -7.481  2.734   1.00 47.03 ? 46  ILE B C   1 
ATOM   1319 O O   . ILE B 1 47  ? 4.374   -8.378  3.175   1.00 47.27 ? 46  ILE B O   1 
ATOM   1320 C CB  . ILE B 1 47  ? 4.323   -6.342  0.584   1.00 47.46 ? 46  ILE B CB  1 
ATOM   1321 C CG1 . ILE B 1 47  ? 4.627   -4.903  0.992   1.00 46.07 ? 46  ILE B CG1 1 
ATOM   1322 C CG2 . ILE B 1 47  ? 2.883   -6.713  0.933   1.00 46.72 ? 46  ILE B CG2 1 
ATOM   1323 C CD1 . ILE B 1 47  ? 3.720   -3.910  0.387   1.00 45.24 ? 46  ILE B CD1 1 
ATOM   1324 N N   . GLY B 1 48  ? 5.724   -6.616  3.529   1.00 45.79 ? 47  GLY B N   1 
ATOM   1325 C CA  . GLY B 1 48  ? 5.470   -6.631  4.962   1.00 45.04 ? 47  GLY B CA  1 
ATOM   1326 C C   . GLY B 1 48  ? 5.024   -5.292  5.510   1.00 44.45 ? 47  GLY B C   1 
ATOM   1327 O O   . GLY B 1 48  ? 5.261   -4.255  4.885   1.00 44.30 ? 47  GLY B O   1 
ATOM   1328 N N   . TYR B 1 49  ? 4.388   -5.309  6.680   1.00 43.72 ? 48  TYR B N   1 
ATOM   1329 C CA  . TYR B 1 49  ? 4.011   -4.067  7.341   1.00 43.72 ? 48  TYR B CA  1 
ATOM   1330 C C   . TYR B 1 49  ? 3.972   -4.138  8.854   1.00 43.80 ? 48  TYR B C   1 
ATOM   1331 O O   . TYR B 1 49  ? 3.351   -5.028  9.424   1.00 43.77 ? 48  TYR B O   1 
ATOM   1332 C CB  . TYR B 1 49  ? 2.669   -3.552  6.833   1.00 43.65 ? 48  TYR B CB  1 
ATOM   1333 C CG  . TYR B 1 49  ? 2.199   -2.338  7.599   1.00 43.64 ? 48  TYR B CG  1 
ATOM   1334 C CD1 . TYR B 1 49  ? 2.852   -1.110  7.469   1.00 43.45 ? 48  TYR B CD1 1 
ATOM   1335 C CD2 . TYR B 1 49  ? 1.107   -2.415  8.457   1.00 42.90 ? 48  TYR B CD2 1 
ATOM   1336 C CE1 . TYR B 1 49  ? 2.422   -0.002  8.173   1.00 43.84 ? 48  TYR B CE1 1 
ATOM   1337 C CE2 . TYR B 1 49  ? 0.676   -1.305  9.175   1.00 41.80 ? 48  TYR B CE2 1 
ATOM   1338 C CZ  . TYR B 1 49  ? 1.334   -0.119  9.029   1.00 43.05 ? 48  TYR B CZ  1 
ATOM   1339 O OH  . TYR B 1 49  ? 0.910   0.967   9.746   1.00 44.91 ? 48  TYR B OH  1 
ATOM   1340 N N   . VAL B 1 50  ? 4.604   -3.165  9.503   1.00 44.07 ? 49  VAL B N   1 
ATOM   1341 C CA  . VAL B 1 50  ? 4.603   -3.123  10.956  1.00 44.53 ? 49  VAL B CA  1 
ATOM   1342 C C   . VAL B 1 50  ? 3.558   -2.144  11.429  1.00 45.02 ? 49  VAL B C   1 
ATOM   1343 O O   . VAL B 1 50  ? 3.574   -0.976  11.034  1.00 45.32 ? 49  VAL B O   1 
ATOM   1344 C CB  . VAL B 1 50  ? 5.954   -2.711  11.521  1.00 44.38 ? 49  VAL B CB  1 
ATOM   1345 C CG1 . VAL B 1 50  ? 5.890   -2.750  13.028  1.00 44.41 ? 49  VAL B CG1 1 
ATOM   1346 C CG2 . VAL B 1 50  ? 7.046   -3.636  11.009  1.00 44.54 ? 49  VAL B CG2 1 
ATOM   1347 N N   . ILE B 1 51  ? 2.671   -2.617  12.299  1.00 45.39 ? 50  ILE B N   1 
ATOM   1348 C CA  . ILE B 1 51  ? 1.442   -1.905  12.628  1.00 45.86 ? 50  ILE B CA  1 
ATOM   1349 C C   . ILE B 1 51  ? 1.608   -0.445  13.000  1.00 46.54 ? 50  ILE B C   1 
ATOM   1350 O O   . ILE B 1 51  ? 0.808   0.397   12.594  1.00 47.23 ? 50  ILE B O   1 
ATOM   1351 C CB  . ILE B 1 51  ? 0.579   -2.712  13.613  1.00 45.93 ? 50  ILE B CB  1 
ATOM   1352 C CG1 . ILE B 1 51  ? -0.327  -3.610  12.795  1.00 45.71 ? 50  ILE B CG1 1 
ATOM   1353 C CG2 . ILE B 1 51  ? -0.271  -1.836  14.560  1.00 45.38 ? 50  ILE B CG2 1 
ATOM   1354 C CD1 . ILE B 1 51  ? -0.629  -4.897  13.452  1.00 46.61 ? 50  ILE B CD1 1 
ATOM   1355 N N   . GLY B 1 52  ? 2.654   -0.108  13.724  1.00 47.01 ? 51  GLY B N   1 
ATOM   1356 C CA  . GLY B 1 52  ? 2.870   1.320   13.974  1.00 48.08 ? 51  GLY B CA  1 
ATOM   1357 C C   . GLY B 1 52  ? 3.348   2.103   12.754  1.00 48.16 ? 51  GLY B C   1 
ATOM   1358 O O   . GLY B 1 52  ? 2.737   3.079   12.371  1.00 47.48 ? 51  GLY B O   1 
ATOM   1359 N N   . THR B 1 53  ? 4.421   1.599   12.139  1.00 48.79 ? 52  THR B N   1 
ATOM   1360 C CA  . THR B 1 53  ? 5.335   2.335   11.255  1.00 49.19 ? 52  THR B CA  1 
ATOM   1361 C C   . THR B 1 53  ? 4.768   3.154   10.103  1.00 49.29 ? 52  THR B C   1 
ATOM   1362 O O   . THR B 1 53  ? 3.600   3.013   9.725   1.00 49.45 ? 52  THR B O   1 
ATOM   1363 C CB  . THR B 1 53  ? 6.406   1.397   10.659  1.00 49.18 ? 52  THR B CB  1 
ATOM   1364 O OG1 . THR B 1 53  ? 5.791   0.180   10.216  1.00 50.32 ? 52  THR B OG1 1 
ATOM   1365 C CG2 . THR B 1 53  ? 7.469   1.072   11.679  1.00 49.83 ? 52  THR B CG2 1 
ATOM   1366 N N   . GLN B 1 54  ? 5.657   3.969   9.535   1.00 49.30 ? 53  GLN B N   1 
ATOM   1367 C CA  . GLN B 1 54  ? 5.363   4.903   8.459   1.00 49.46 ? 53  GLN B CA  1 
ATOM   1368 C C   . GLN B 1 54  ? 5.443   4.257   7.082   1.00 49.01 ? 53  GLN B C   1 
ATOM   1369 O O   . GLN B 1 54  ? 5.117   4.900   6.081   1.00 49.80 ? 53  GLN B O   1 
ATOM   1370 C CB  . GLN B 1 54  ? 6.323   6.112   8.483   1.00 49.58 ? 53  GLN B CB  1 
ATOM   1371 C CG  . GLN B 1 54  ? 7.037   6.381   9.803   1.00 52.43 ? 53  GLN B CG  1 
ATOM   1372 C CD  . GLN B 1 54  ? 8.399   5.679   9.881   1.00 56.90 ? 53  GLN B CD  1 
ATOM   1373 O OE1 . GLN B 1 54  ? 9.300   5.959   9.073   1.00 58.28 ? 53  GLN B OE1 1 
ATOM   1374 N NE2 . GLN B 1 54  ? 8.557   4.760   10.857  1.00 57.10 ? 53  GLN B NE2 1 
ATOM   1375 N N   . GLN B 1 55  ? 5.877   3.004   6.995   1.00 48.27 ? 54  GLN B N   1 
ATOM   1376 C CA  . GLN B 1 55  ? 6.047   2.403   5.665   1.00 47.52 ? 54  GLN B CA  1 
ATOM   1377 C C   . GLN B 1 55  ? 5.700   0.925   5.594   1.00 47.01 ? 54  GLN B C   1 
ATOM   1378 O O   . GLN B 1 55  ? 5.555   0.249   6.617   1.00 47.06 ? 54  GLN B O   1 
ATOM   1379 C CB  . GLN B 1 55  ? 7.479   2.588   5.180   1.00 47.51 ? 54  GLN B CB  1 
ATOM   1380 C CG  . GLN B 1 55  ? 8.403   1.470   5.633   1.00 47.84 ? 54  GLN B CG  1 
ATOM   1381 C CD  . GLN B 1 55  ? 9.788   1.951   5.922   1.00 48.20 ? 54  GLN B CD  1 
ATOM   1382 O OE1 . GLN B 1 55  ? 10.678  1.836   5.088   1.00 48.80 ? 54  GLN B OE1 1 
ATOM   1383 N NE2 . GLN B 1 55  ? 9.984   2.506   7.112   1.00 48.58 ? 54  GLN B NE2 1 
ATOM   1384 N N   . ALA B 1 56  ? 5.568   0.440   4.365   1.00 46.32 ? 55  ALA B N   1 
ATOM   1385 C CA  . ALA B 1 56  ? 5.510   -0.982  4.093   1.00 45.90 ? 55  ALA B CA  1 
ATOM   1386 C C   . ALA B 1 56  ? 6.758   -1.397  3.328   1.00 45.67 ? 55  ALA B C   1 
ATOM   1387 O O   . ALA B 1 56  ? 7.316   -0.621  2.553   1.00 45.85 ? 55  ALA B O   1 
ATOM   1388 C CB  . ALA B 1 56  ? 4.267   -1.332  3.322   1.00 45.91 ? 55  ALA B CB  1 
ATOM   1389 N N   . THR B 1 57  ? 7.156   -2.645  3.542   1.00 45.55 ? 56  THR B N   1 
ATOM   1390 C CA  . THR B 1 57  ? 8.459   -3.184  3.170   1.00 45.17 ? 56  THR B CA  1 
ATOM   1391 C C   . THR B 1 57  ? 8.342   -4.092  1.960   1.00 44.75 ? 56  THR B C   1 
ATOM   1392 O O   . THR B 1 57  ? 7.514   -4.993  1.960   1.00 45.16 ? 56  THR B O   1 
ATOM   1393 C CB  . THR B 1 57  ? 8.917   -4.067  4.332   1.00 45.44 ? 56  THR B CB  1 
ATOM   1394 O OG1 . THR B 1 57  ? 8.927   -3.292  5.541   1.00 44.59 ? 56  THR B OG1 1 
ATOM   1395 C CG2 . THR B 1 57  ? 10.279  -4.746  4.050   1.00 45.84 ? 56  THR B CG2 1 
ATOM   1396 N N   . PRO B 1 58  ? 9.172   -3.888  0.929   1.00 44.48 ? 57  PRO B N   1 
ATOM   1397 C CA  . PRO B 1 58  ? 9.137   -4.872  -0.147  1.00 44.46 ? 57  PRO B CA  1 
ATOM   1398 C C   . PRO B 1 58  ? 9.906   -6.131  0.219   1.00 45.07 ? 57  PRO B C   1 
ATOM   1399 O O   . PRO B 1 58  ? 11.052  -6.052  0.660   1.00 45.36 ? 57  PRO B O   1 
ATOM   1400 C CB  . PRO B 1 58  ? 9.818   -4.150  -1.298  1.00 43.89 ? 57  PRO B CB  1 
ATOM   1401 C CG  . PRO B 1 58  ? 10.704  -3.170  -0.675  1.00 43.76 ? 57  PRO B CG  1 
ATOM   1402 C CD  . PRO B 1 58  ? 10.133  -2.809  0.665   1.00 44.48 ? 57  PRO B CD  1 
ATOM   1403 N N   . GLY B 1 59  ? 9.261   -7.280  0.082   1.00 45.85 ? 58  GLY B N   1 
ATOM   1404 C CA  . GLY B 1 59  ? 9.973   -8.548  0.137   1.00 47.25 ? 58  GLY B CA  1 
ATOM   1405 C C   . GLY B 1 59  ? 10.600  -8.840  -1.228  1.00 48.53 ? 58  GLY B C   1 
ATOM   1406 O O   . GLY B 1 59  ? 10.259  -8.184  -2.229  1.00 49.27 ? 58  GLY B O   1 
ATOM   1407 N N   . PRO B 1 60  ? 11.530  -9.813  -1.298  1.00 48.88 ? 59  PRO B N   1 
ATOM   1408 C CA  . PRO B 1 60  ? 12.094  -10.153 -2.601  1.00 48.94 ? 59  PRO B CA  1 
ATOM   1409 C C   . PRO B 1 60  ? 11.043  -10.565 -3.636  1.00 48.85 ? 59  PRO B C   1 
ATOM   1410 O O   . PRO B 1 60  ? 11.300  -10.470 -4.828  1.00 49.11 ? 59  PRO B O   1 
ATOM   1411 C CB  . PRO B 1 60  ? 13.031  -11.331 -2.284  1.00 49.22 ? 59  PRO B CB  1 
ATOM   1412 C CG  . PRO B 1 60  ? 12.547  -11.869 -0.984  1.00 49.41 ? 59  PRO B CG  1 
ATOM   1413 C CD  . PRO B 1 60  ? 12.120  -10.637 -0.230  1.00 49.25 ? 59  PRO B CD  1 
ATOM   1414 N N   . ALA B 1 61  ? 9.873   -11.014 -3.194  1.00 48.57 ? 60  ALA B N   1 
ATOM   1415 C CA  . ALA B 1 61  ? 8.798   -11.319 -4.128  1.00 48.36 ? 60  ALA B CA  1 
ATOM   1416 C C   . ALA B 1 61  ? 7.970   -10.091 -4.537  1.00 48.57 ? 60  ALA B C   1 
ATOM   1417 O O   . ALA B 1 61  ? 7.021   -10.232 -5.315  1.00 48.54 ? 60  ALA B O   1 
ATOM   1418 C CB  . ALA B 1 61  ? 7.895   -12.387 -3.560  1.00 48.20 ? 60  ALA B CB  1 
ATOM   1419 N N   . TYR B 1 62  ? 8.299   -8.901  -4.025  1.00 48.29 ? 61  TYR B N   1 
ATOM   1420 C CA  . TYR B 1 62  ? 7.567   -7.696  -4.432  1.00 48.53 ? 61  TYR B CA  1 
ATOM   1421 C C   . TYR B 1 62  ? 7.579   -7.603  -5.940  1.00 49.22 ? 61  TYR B C   1 
ATOM   1422 O O   . TYR B 1 62  ? 8.572   -8.004  -6.570  1.00 49.75 ? 61  TYR B O   1 
ATOM   1423 C CB  . TYR B 1 62  ? 8.215   -6.431  -3.888  1.00 48.05 ? 61  TYR B CB  1 
ATOM   1424 C CG  . TYR B 1 62  ? 7.362   -5.174  -3.969  1.00 46.02 ? 61  TYR B CG  1 
ATOM   1425 C CD1 . TYR B 1 62  ? 6.306   -4.980  -3.097  1.00 45.34 ? 61  TYR B CD1 1 
ATOM   1426 C CD2 . TYR B 1 62  ? 7.649   -4.168  -4.887  1.00 44.65 ? 61  TYR B CD2 1 
ATOM   1427 C CE1 . TYR B 1 62  ? 5.537   -3.823  -3.143  1.00 46.28 ? 61  TYR B CE1 1 
ATOM   1428 C CE2 . TYR B 1 62  ? 6.898   -2.994  -4.942  1.00 44.06 ? 61  TYR B CE2 1 
ATOM   1429 C CZ  . TYR B 1 62  ? 5.841   -2.831  -4.071  1.00 46.22 ? 61  TYR B CZ  1 
ATOM   1430 O OH  . TYR B 1 62  ? 5.065   -1.688  -4.102  1.00 47.19 ? 61  TYR B OH  1 
ATOM   1431 N N   . SER B 1 63  ? 6.500   -7.068  -6.516  1.00 49.28 ? 62  SER B N   1 
ATOM   1432 C CA  . SER B 1 63  ? 6.404   -6.951  -7.967  1.00 49.26 ? 62  SER B CA  1 
ATOM   1433 C C   . SER B 1 63  ? 6.030   -5.553  -8.428  1.00 49.36 ? 62  SER B C   1 
ATOM   1434 O O   . SER B 1 63  ? 5.928   -5.313  -9.616  1.00 49.87 ? 62  SER B O   1 
ATOM   1435 C CB  . SER B 1 63  ? 5.420   -7.985  -8.533  1.00 49.54 ? 62  SER B CB  1 
ATOM   1436 O OG  . SER B 1 63  ? 4.066   -7.590  -8.366  1.00 48.64 ? 62  SER B OG  1 
ATOM   1437 N N   . GLY B 1 64  ? 5.810   -4.639  -7.491  1.00 49.45 ? 63  GLY B N   1 
ATOM   1438 C CA  . GLY B 1 64  ? 5.443   -3.254  -7.821  1.00 49.14 ? 63  GLY B CA  1 
ATOM   1439 C C   . GLY B 1 64  ? 3.941   -3.032  -7.777  1.00 48.95 ? 63  GLY B C   1 
ATOM   1440 O O   . GLY B 1 64  ? 3.464   -1.900  -7.703  1.00 49.22 ? 63  GLY B O   1 
ATOM   1441 N N   . ARG B 1 65  ? 3.192   -4.122  -7.782  1.00 48.39 ? 64  ARG B N   1 
ATOM   1442 C CA  . ARG B 1 65  ? 1.762   -4.061  -8.001  1.00 48.16 ? 64  ARG B CA  1 
ATOM   1443 C C   . ARG B 1 65  ? 0.930   -4.248  -6.730  1.00 48.26 ? 64  ARG B C   1 
ATOM   1444 O O   . ARG B 1 65  ? -0.309  -4.197  -6.774  1.00 48.59 ? 64  ARG B O   1 
ATOM   1445 C CB  . ARG B 1 65  ? 1.411   -5.107  -9.047  1.00 47.94 ? 64  ARG B CB  1 
ATOM   1446 C CG  . ARG B 1 65  ? 2.421   -5.092  -10.180 1.00 48.21 ? 64  ARG B CG  1 
ATOM   1447 C CD  . ARG B 1 65  ? 2.057   -6.020  -11.295 1.00 48.63 ? 64  ARG B CD  1 
ATOM   1448 N NE  . ARG B 1 65  ? 2.456   -7.400  -11.036 1.00 48.16 ? 64  ARG B NE  1 
ATOM   1449 C CZ  . ARG B 1 65  ? 1.609   -8.352  -10.667 1.00 47.17 ? 64  ARG B CZ  1 
ATOM   1450 N NH1 . ARG B 1 65  ? 0.331   -8.078  -10.500 1.00 48.22 ? 64  ARG B NH1 1 
ATOM   1451 N NH2 . ARG B 1 65  ? 2.033   -9.580  -10.466 1.00 45.88 ? 64  ARG B NH2 1 
ATOM   1452 N N   . GLU B 1 66  ? 1.608   -4.430  -5.597  1.00 47.77 ? 65  GLU B N   1 
ATOM   1453 C CA  . GLU B 1 66  ? 0.929   -4.809  -4.360  1.00 47.60 ? 65  GLU B CA  1 
ATOM   1454 C C   . GLU B 1 66  ? 0.930   -3.752  -3.263  1.00 47.53 ? 65  GLU B C   1 
ATOM   1455 O O   . GLU B 1 66  ? 1.926   -3.040  -3.059  1.00 48.04 ? 65  GLU B O   1 
ATOM   1456 C CB  . GLU B 1 66  ? 1.493   -6.112  -3.777  1.00 47.44 ? 65  GLU B CB  1 
ATOM   1457 C CG  A GLU B 1 66  ? 1.599   -7.271  -4.740  0.50 47.03 ? 65  GLU B CG  1 
ATOM   1458 C CG  B GLU B 1 66  ? 2.954   -6.326  -4.047  0.50 47.37 ? 65  GLU B CG  1 
ATOM   1459 C CD  A GLU B 1 66  ? 2.953   -7.342  -5.406  0.50 46.86 ? 65  GLU B CD  1 
ATOM   1460 C CD  B GLU B 1 66  ? 3.185   -7.043  -5.357  0.50 47.85 ? 65  GLU B CD  1 
ATOM   1461 O OE1 A GLU B 1 66  ? 3.722   -6.368  -5.285  0.50 48.05 ? 65  GLU B OE1 1 
ATOM   1462 O OE1 B GLU B 1 66  ? 3.047   -8.282  -5.404  0.50 47.13 ? 65  GLU B OE1 1 
ATOM   1463 O OE2 A GLU B 1 66  ? 3.253   -8.370  -6.050  0.50 45.95 ? 65  GLU B OE2 1 
ATOM   1464 O OE2 B GLU B 1 66  ? 3.513   -6.363  -6.347  0.50 49.26 ? 65  GLU B OE2 1 
ATOM   1465 N N   . ILE B 1 67  ? -0.184  -3.685  -2.541  1.00 46.60 ? 66  ILE B N   1 
ATOM   1466 C CA  . ILE B 1 67  ? -0.316  -2.806  -1.409  1.00 46.32 ? 66  ILE B CA  1 
ATOM   1467 C C   . ILE B 1 67  ? -0.925  -3.621  -0.287  1.00 46.33 ? 66  ILE B C   1 
ATOM   1468 O O   . ILE B 1 67  ? -1.760  -4.482  -0.527  1.00 46.53 ? 66  ILE B O   1 
ATOM   1469 C CB  . ILE B 1 67  ? -1.207  -1.577  -1.734  1.00 46.11 ? 66  ILE B CB  1 
ATOM   1470 C CG1 . ILE B 1 67  ? -0.414  -0.499  -2.467  1.00 46.70 ? 66  ILE B CG1 1 
ATOM   1471 C CG2 . ILE B 1 67  ? -1.724  -0.935  -0.470  1.00 46.05 ? 66  ILE B CG2 1 
ATOM   1472 C CD1 . ILE B 1 67  ? -0.338  -0.658  -3.987  1.00 49.24 ? 66  ILE B CD1 1 
ATOM   1473 N N   . ILE B 1 68  ? -0.493  -3.357  0.938   1.00 46.23 ? 67  ILE B N   1 
ATOM   1474 C CA  . ILE B 1 68  ? -1.043  -4.024  2.102   1.00 46.06 ? 67  ILE B CA  1 
ATOM   1475 C C   . ILE B 1 68  ? -1.662  -2.933  2.970   1.00 46.56 ? 67  ILE B C   1 
ATOM   1476 O O   . ILE B 1 68  ? -1.084  -1.864  3.143   1.00 46.92 ? 67  ILE B O   1 
ATOM   1477 C CB  . ILE B 1 68  ? 0.051   -4.827  2.860   1.00 46.16 ? 67  ILE B CB  1 
ATOM   1478 C CG1 . ILE B 1 68  ? -0.549  -5.621  4.028   1.00 45.71 ? 67  ILE B CG1 1 
ATOM   1479 C CG2 . ILE B 1 68  ? 1.190   -3.902  3.293   1.00 46.32 ? 67  ILE B CG2 1 
ATOM   1480 C CD1 A ILE B 1 68  ? 0.456   -6.437  4.817   1.00 45.48 ? 67  ILE B CD1 1 
ATOM   1481 N N   . TYR B 1 69  ? -2.856  -3.193  3.479   1.00 46.54 ? 68  TYR B N   1 
ATOM   1482 C CA  . TYR B 1 69  ? -3.624  -2.183  4.183   1.00 46.58 ? 68  TYR B CA  1 
ATOM   1483 C C   . TYR B 1 69  ? -3.403  -2.430  5.634   1.00 46.71 ? 68  TYR B C   1 
ATOM   1484 O O   . TYR B 1 69  ? -3.135  -3.556  6.031   1.00 47.00 ? 68  TYR B O   1 
ATOM   1485 C CB  . TYR B 1 69  ? -5.120  -2.356  3.901   1.00 46.87 ? 68  TYR B CB  1 
ATOM   1486 C CG  . TYR B 1 69  ? -5.600  -1.714  2.633   1.00 46.87 ? 68  TYR B CG  1 
ATOM   1487 C CD1 . TYR B 1 69  ? -6.237  -0.483  2.665   1.00 47.70 ? 68  TYR B CD1 1 
ATOM   1488 C CD2 . TYR B 1 69  ? -5.425  -2.332  1.401   1.00 46.80 ? 68  TYR B CD2 1 
ATOM   1489 C CE1 . TYR B 1 69  ? -6.684  0.129   1.501   1.00 47.25 ? 68  TYR B CE1 1 
ATOM   1490 C CE2 . TYR B 1 69  ? -5.865  -1.726  0.241   1.00 47.02 ? 68  TYR B CE2 1 
ATOM   1491 C CZ  . TYR B 1 69  ? -6.493  -0.501  0.307   1.00 46.89 ? 68  TYR B CZ  1 
ATOM   1492 O OH  . TYR B 1 69  ? -6.933  0.107   -0.822  1.00 47.89 ? 68  TYR B OH  1 
ATOM   1493 N N   . PRO B 1 70  ? -3.544  -1.390  6.449   1.00 46.71 ? 69  PRO B N   1 
ATOM   1494 C CA  . PRO B 1 70  ? -3.384  -1.519  7.887   1.00 46.46 ? 69  PRO B CA  1 
ATOM   1495 C C   . PRO B 1 70  ? -4.169  -2.689  8.433   1.00 46.24 ? 69  PRO B C   1 
ATOM   1496 O O   . PRO B 1 70  ? -3.635  -3.428  9.249   1.00 46.89 ? 69  PRO B O   1 
ATOM   1497 C CB  . PRO B 1 70  ? -3.979  -0.229  8.425   1.00 46.59 ? 69  PRO B CB  1 
ATOM   1498 C CG  . PRO B 1 70  ? -3.763  0.750   7.328   1.00 47.66 ? 69  PRO B CG  1 
ATOM   1499 C CD  . PRO B 1 70  ? -3.853  -0.016  6.039   1.00 47.09 ? 69  PRO B CD  1 
ATOM   1500 N N   . ASN B 1 71  ? -5.415  -2.863  7.992   1.00 45.21 ? 70  ASN B N   1 
ATOM   1501 C CA  . ASN B 1 71  ? -6.245  -3.949  8.500   1.00 44.27 ? 70  ASN B CA  1 
ATOM   1502 C C   . ASN B 1 71  ? -5.812  -5.317  7.991   1.00 43.86 ? 70  ASN B C   1 
ATOM   1503 O O   . ASN B 1 71  ? -6.529  -6.302  8.209   1.00 44.23 ? 70  ASN B O   1 
ATOM   1504 C CB  . ASN B 1 71  ? -7.700  -3.744  8.106   1.00 44.33 ? 70  ASN B CB  1 
ATOM   1505 C CG  . ASN B 1 71  ? -7.957  -4.037  6.640   1.00 43.98 ? 70  ASN B CG  1 
ATOM   1506 O OD1 . ASN B 1 71  ? -7.044  -4.320  5.861   1.00 44.03 ? 70  ASN B OD1 1 
ATOM   1507 N ND2 . ASN B 1 71  ? -9.203  -3.957  6.256   1.00 43.84 ? 70  ASN B ND2 1 
ATOM   1508 N N   . ALA B 1 72  ? -4.687  -5.350  7.262   1.00 42.58 ? 71  ALA B N   1 
ATOM   1509 C CA  . ALA B 1 72  ? -4.049  -6.577  6.759   1.00 41.09 ? 71  ALA B CA  1 
ATOM   1510 C C   . ALA B 1 72  ? -4.391  -6.996  5.327   1.00 40.50 ? 71  ALA B C   1 
ATOM   1511 O O   . ALA B 1 72  ? -3.684  -7.818  4.766   1.00 40.03 ? 71  ALA B O   1 
ATOM   1512 C CB  . ALA B 1 72  ? -4.259  -7.728  7.721   1.00 40.97 ? 71  ALA B CB  1 
ATOM   1513 N N   . SER B 1 73  ? -5.459  -6.453  4.736   1.00 40.19 ? 72  SER B N   1 
ATOM   1514 C CA  . SER B 1 73  ? -5.841  -6.796  3.345   1.00 40.36 ? 72  SER B CA  1 
ATOM   1515 C C   . SER B 1 73  ? -4.725  -6.529  2.367   1.00 39.70 ? 72  SER B C   1 
ATOM   1516 O O   . SER B 1 73  ? -3.998  -5.552  2.519   1.00 39.90 ? 72  SER B O   1 
ATOM   1517 C CB  . SER B 1 73  ? -7.033  -5.979  2.870   1.00 40.42 ? 72  SER B CB  1 
ATOM   1518 O OG  . SER B 1 73  ? -7.927  -5.718  3.938   1.00 43.89 ? 72  SER B OG  1 
ATOM   1519 N N   . LEU B 1 74  ? -4.606  -7.388  1.357   1.00 39.16 ? 73  LEU B N   1 
ATOM   1520 C CA  . LEU B 1 74  ? -3.632  -7.215  0.289   1.00 38.74 ? 73  LEU B CA  1 
ATOM   1521 C C   . LEU B 1 74  ? -4.305  -6.896  -1.037  1.00 39.41 ? 73  LEU B C   1 
ATOM   1522 O O   . LEU B 1 74  ? -5.154  -7.651  -1.511  1.00 39.94 ? 73  LEU B O   1 
ATOM   1523 C CB  . LEU B 1 74  ? -2.811  -8.470  0.130   1.00 38.13 ? 73  LEU B CB  1 
ATOM   1524 C CG  . LEU B 1 74  ? -1.770  -8.423  -0.980  1.00 37.54 ? 73  LEU B CG  1 
ATOM   1525 C CD1 . LEU B 1 74  ? -0.558  -7.641  -0.529  1.00 36.67 ? 73  LEU B CD1 1 
ATOM   1526 C CD2 . LEU B 1 74  ? -1.349  -9.822  -1.403  1.00 36.30 ? 73  LEU B CD2 1 
ATOM   1527 N N   . LEU B 1 75  ? -3.937  -5.769  -1.627  1.00 39.88 ? 74  LEU B N   1 
ATOM   1528 C CA  . LEU B 1 75  ? -4.417  -5.409  -2.937  1.00 40.65 ? 74  LEU B CA  1 
ATOM   1529 C C   . LEU B 1 75  ? -3.323  -5.677  -3.948  1.00 41.49 ? 74  LEU B C   1 
ATOM   1530 O O   . LEU B 1 75  ? -2.229  -5.155  -3.799  1.00 41.76 ? 74  LEU B O   1 
ATOM   1531 C CB  . LEU B 1 75  ? -4.776  -3.929  -2.977  1.00 40.24 ? 74  LEU B CB  1 
ATOM   1532 C CG  . LEU B 1 75  ? -5.110  -3.435  -4.394  1.00 40.90 ? 74  LEU B CG  1 
ATOM   1533 C CD1 . LEU B 1 75  ? -6.570  -3.757  -4.804  1.00 39.76 ? 74  LEU B CD1 1 
ATOM   1534 C CD2 . LEU B 1 75  ? -4.787  -1.959  -4.590  1.00 39.97 ? 74  LEU B CD2 1 
ATOM   1535 N N   . ILE B 1 76  ? -3.605  -6.477  -4.975  1.00 42.71 ? 75  ILE B N   1 
ATOM   1536 C CA  . ILE B 1 76  ? -2.657  -6.642  -6.087  1.00 44.15 ? 75  ILE B CA  1 
ATOM   1537 C C   . ILE B 1 76  ? -3.315  -6.137  -7.339  1.00 44.98 ? 75  ILE B C   1 
ATOM   1538 O O   . ILE B 1 76  ? -4.466  -6.452  -7.578  1.00 45.29 ? 75  ILE B O   1 
ATOM   1539 C CB  . ILE B 1 76  ? -2.285  -8.122  -6.364  1.00 44.19 ? 75  ILE B CB  1 
ATOM   1540 C CG1 . ILE B 1 76  ? -1.873  -8.852  -5.090  1.00 44.36 ? 75  ILE B CG1 1 
ATOM   1541 C CG2 . ILE B 1 76  ? -1.158  -8.214  -7.383  1.00 43.70 ? 75  ILE B CG2 1 
ATOM   1542 C CD1 . ILE B 1 76  ? -2.075  -10.362 -5.172  1.00 44.52 ? 75  ILE B CD1 1 
ATOM   1543 N N   . GLN B 1 77  ? -2.584  -5.386  -8.150  1.00 46.42 ? 76  GLN B N   1 
ATOM   1544 C CA  . GLN B 1 77  ? -3.178  -4.765  -9.328  1.00 48.43 ? 76  GLN B CA  1 
ATOM   1545 C C   . GLN B 1 77  ? -2.483  -5.141  -10.621 1.00 48.68 ? 76  GLN B C   1 
ATOM   1546 O O   . GLN B 1 77  ? -1.375  -5.651  -10.591 1.00 49.39 ? 76  GLN B O   1 
ATOM   1547 C CB  . GLN B 1 77  ? -3.138  -3.256  -9.211  1.00 49.16 ? 76  GLN B CB  1 
ATOM   1548 C CG  . GLN B 1 77  ? -3.046  -2.719  -7.818  1.00 52.92 ? 76  GLN B CG  1 
ATOM   1549 C CD  . GLN B 1 77  ? -2.386  -1.364  -7.821  1.00 57.77 ? 76  GLN B CD  1 
ATOM   1550 O OE1 . GLN B 1 77  ? -1.279  -1.195  -7.281  1.00 59.93 ? 76  GLN B OE1 1 
ATOM   1551 N NE2 . GLN B 1 77  ? -3.043  -0.384  -8.467  1.00 58.43 ? 76  GLN B NE2 1 
ATOM   1552 N N   . ASN B 1 78  ? -3.114  -4.829  -11.756 1.00 49.16 ? 77  ASN B N   1 
ATOM   1553 C CA  . ASN B 1 78  ? -2.655  -5.291  -13.066 1.00 49.46 ? 77  ASN B CA  1 
ATOM   1554 C C   . ASN B 1 78  ? -2.216  -6.750  -12.980 1.00 49.58 ? 77  ASN B C   1 
ATOM   1555 O O   . ASN B 1 78  ? -1.028  -7.081  -13.065 1.00 50.01 ? 77  ASN B O   1 
ATOM   1556 C CB  . ASN B 1 78  ? -1.577  -4.367  -13.655 1.00 49.50 ? 77  ASN B CB  1 
ATOM   1557 C CG  A ASN B 1 78  ? -1.149  -4.780  -15.091 0.50 50.23 ? 77  ASN B CG  1 
ATOM   1558 C CG  B ASN B 1 78  ? -2.159  -3.061  -14.162 0.50 49.93 ? 77  ASN B CG  1 
ATOM   1559 O OD1 A ASN B 1 78  ? -1.864  -4.525  -16.078 0.50 49.92 ? 77  ASN B OD1 1 
ATOM   1560 O OD1 B ASN B 1 78  ? -3.155  -3.050  -14.902 0.50 50.13 ? 77  ASN B OD1 1 
ATOM   1561 N ND2 A ASN B 1 78  ? 0.027   -5.412  -15.199 0.50 49.85 ? 77  ASN B ND2 1 
ATOM   1562 N ND2 B ASN B 1 78  ? -1.549  -1.950  -13.762 0.50 49.78 ? 77  ASN B ND2 1 
ATOM   1563 N N   . ILE B 1 79  ? -3.204  -7.604  -12.757 1.00 49.55 ? 78  ILE B N   1 
ATOM   1564 C CA  . ILE B 1 79  ? -3.005  -9.022  -12.591 1.00 49.71 ? 78  ILE B CA  1 
ATOM   1565 C C   . ILE B 1 79  ? -2.500  -9.649  -13.892 1.00 50.40 ? 78  ILE B C   1 
ATOM   1566 O O   . ILE B 1 79  ? -2.941  -9.291  -14.986 1.00 50.92 ? 78  ILE B O   1 
ATOM   1567 C CB  . ILE B 1 79  ? -4.335  -9.682  -12.181 1.00 49.68 ? 78  ILE B CB  1 
ATOM   1568 C CG1 . ILE B 1 79  ? -4.791  -9.201  -10.794 1.00 49.44 ? 78  ILE B CG1 1 
ATOM   1569 C CG2 . ILE B 1 79  ? -4.252  -11.199 -12.263 1.00 49.41 ? 78  ILE B CG2 1 
ATOM   1570 C CD1 . ILE B 1 79  ? -3.943  -9.728  -9.637  1.00 50.97 ? 78  ILE B CD1 1 
ATOM   1571 N N   . ILE B 1 80  ? -1.547  -10.563 -13.766 1.00 50.66 ? 79  ILE B N   1 
ATOM   1572 C CA  . ILE B 1 80  ? -1.155  -11.440 -14.856 1.00 50.70 ? 79  ILE B CA  1 
ATOM   1573 C C   . ILE B 1 80  ? -1.596  -12.859 -14.459 1.00 50.96 ? 79  ILE B C   1 
ATOM   1574 O O   . ILE B 1 80  ? -1.892  -13.104 -13.279 1.00 50.89 ? 79  ILE B O   1 
ATOM   1575 C CB  . ILE B 1 80  ? 0.370   -11.395 -15.082 1.00 51.02 ? 79  ILE B CB  1 
ATOM   1576 C CG1 . ILE B 1 80  ? 1.142   -11.841 -13.821 1.00 50.86 ? 79  ILE B CG1 1 
ATOM   1577 C CG2 . ILE B 1 80  ? 0.783   -10.006 -15.534 1.00 51.79 ? 79  ILE B CG2 1 
ATOM   1578 C CD1 . ILE B 1 80  ? 2.653   -11.633 -13.879 1.00 50.42 ? 79  ILE B CD1 1 
ATOM   1579 N N   . GLN B 1 81  ? -1.641  -13.794 -15.414 1.00 50.66 ? 80  GLN B N   1 
ATOM   1580 C CA  . GLN B 1 81  ? -2.030  -15.161 -15.074 1.00 50.14 ? 80  GLN B CA  1 
ATOM   1581 C C   . GLN B 1 81  ? -1.141  -15.717 -14.000 1.00 49.98 ? 80  GLN B C   1 
ATOM   1582 O O   . GLN B 1 81  ? -1.561  -16.556 -13.203 1.00 50.16 ? 80  GLN B O   1 
ATOM   1583 C CB  . GLN B 1 81  ? -2.026  -16.096 -16.279 1.00 50.05 ? 80  GLN B CB  1 
ATOM   1584 C CG  . GLN B 1 81  ? -3.436  -16.620 -16.652 1.00 49.78 ? 80  GLN B CG  1 
ATOM   1585 C CD  . GLN B 1 81  ? -4.039  -17.568 -15.601 1.00 48.70 ? 80  GLN B CD  1 
ATOM   1586 O OE1 . GLN B 1 81  ? -3.335  -18.246 -14.844 1.00 46.92 ? 80  GLN B OE1 1 
ATOM   1587 N NE2 . GLN B 1 81  ? -5.351  -17.624 -15.573 1.00 48.17 ? 80  GLN B NE2 1 
ATOM   1588 N N   . ASN B 1 82  ? 0.084   -15.224 -13.950 1.00 49.87 ? 81  ASN B N   1 
ATOM   1589 C CA  . ASN B 1 82  ? 1.038   -15.783 -13.022 1.00 50.15 ? 81  ASN B CA  1 
ATOM   1590 C C   . ASN B 1 82  ? 0.719   -15.513 -11.553 1.00 49.49 ? 81  ASN B C   1 
ATOM   1591 O O   . ASN B 1 82  ? 1.209   -16.223 -10.685 1.00 49.65 ? 81  ASN B O   1 
ATOM   1592 C CB  . ASN B 1 82  ? 2.451   -15.346 -13.366 1.00 50.89 ? 81  ASN B CB  1 
ATOM   1593 C CG  . ASN B 1 82  ? 3.448   -16.443 -13.127 1.00 53.20 ? 81  ASN B CG  1 
ATOM   1594 O OD1 . ASN B 1 82  ? 3.368   -17.508 -13.743 1.00 56.10 ? 81  ASN B OD1 1 
ATOM   1595 N ND2 . ASN B 1 82  ? 4.388   -16.208 -12.214 1.00 55.48 ? 81  ASN B ND2 1 
ATOM   1596 N N   . ASP B 1 83  ? -0.117  -14.509 -11.292 1.00 48.54 ? 82  ASP B N   1 
ATOM   1597 C CA  . ASP B 1 83  ? -0.556  -14.184 -9.938  1.00 47.64 ? 82  ASP B CA  1 
ATOM   1598 C C   . ASP B 1 83  ? -1.421  -15.254 -9.265  1.00 47.14 ? 82  ASP B C   1 
ATOM   1599 O O   . ASP B 1 83  ? -1.445  -15.346 -8.034  1.00 47.02 ? 82  ASP B O   1 
ATOM   1600 C CB  . ASP B 1 83  ? -1.303  -12.850 -9.933  1.00 47.77 ? 82  ASP B CB  1 
ATOM   1601 C CG  . ASP B 1 83  ? -0.397  -11.674 -10.243 1.00 48.22 ? 82  ASP B CG  1 
ATOM   1602 O OD1 . ASP B 1 83  ? 0.789   -11.728 -9.864  1.00 48.54 ? 82  ASP B OD1 1 
ATOM   1603 O OD2 . ASP B 1 83  ? -0.869  -10.686 -10.849 1.00 48.64 ? 82  ASP B OD2 1 
ATOM   1604 N N   . ALA B 1 84  ? -2.118  -16.063 -10.064 1.00 46.27 ? 83  ALA B N   1 
ATOM   1605 C CA  . ALA B 1 84  ? -3.097  -17.012 -9.522  1.00 45.60 ? 83  ALA B CA  1 
ATOM   1606 C C   . ALA B 1 84  ? -2.497  -18.030 -8.552  1.00 44.93 ? 83  ALA B C   1 
ATOM   1607 O O   . ALA B 1 84  ? -1.378  -18.482 -8.738  1.00 45.52 ? 83  ALA B O   1 
ATOM   1608 C CB  . ALA B 1 84  ? -3.795  -17.718 -10.638 1.00 45.56 ? 83  ALA B CB  1 
ATOM   1609 N N   . GLY B 1 85  ? -3.243  -18.391 -7.521  1.00 43.99 ? 84  GLY B N   1 
ATOM   1610 C CA  . GLY B 1 85  ? -2.800  -19.443 -6.623  1.00 43.27 ? 84  GLY B CA  1 
ATOM   1611 C C   . GLY B 1 85  ? -3.071  -19.099 -5.182  1.00 43.14 ? 84  GLY B C   1 
ATOM   1612 O O   . GLY B 1 85  ? -3.858  -18.202 -4.883  1.00 43.04 ? 84  GLY B O   1 
ATOM   1613 N N   . PHE B 1 86  ? -2.402  -19.809 -4.284  1.00 42.98 ? 85  PHE B N   1 
ATOM   1614 C CA  . PHE B 1 86  ? -2.582  -19.593 -2.859  1.00 43.13 ? 85  PHE B CA  1 
ATOM   1615 C C   . PHE B 1 86  ? -1.756  -18.430 -2.348  1.00 43.38 ? 85  PHE B C   1 
ATOM   1616 O O   . PHE B 1 86  ? -0.732  -18.080 -2.945  1.00 43.72 ? 85  PHE B O   1 
ATOM   1617 C CB  . PHE B 1 86  ? -2.249  -20.867 -2.098  1.00 42.92 ? 85  PHE B CB  1 
ATOM   1618 C CG  . PHE B 1 86  ? -3.112  -22.010 -2.481  1.00 43.37 ? 85  PHE B CG  1 
ATOM   1619 C CD1 . PHE B 1 86  ? -2.657  -22.971 -3.379  1.00 44.34 ? 85  PHE B CD1 1 
ATOM   1620 C CD2 . PHE B 1 86  ? -4.418  -22.100 -1.997  1.00 43.66 ? 85  PHE B CD2 1 
ATOM   1621 C CE1 . PHE B 1 86  ? -3.486  -24.032 -3.762  1.00 44.08 ? 85  PHE B CE1 1 
ATOM   1622 C CE2 . PHE B 1 86  ? -5.247  -23.146 -2.373  1.00 42.76 ? 85  PHE B CE2 1 
ATOM   1623 C CZ  . PHE B 1 86  ? -4.777  -24.114 -3.255  1.00 43.02 ? 85  PHE B CZ  1 
ATOM   1624 N N   . TYR B 1 87  ? -2.220  -17.824 -1.257  1.00 43.29 ? 86  TYR B N   1 
ATOM   1625 C CA  . TYR B 1 87  ? -1.527  -16.718 -0.628  1.00 43.70 ? 86  TYR B CA  1 
ATOM   1626 C C   . TYR B 1 87  ? -1.599  -16.856 0.887   1.00 44.22 ? 86  TYR B C   1 
ATOM   1627 O O   . TYR B 1 87  ? -2.675  -17.091 1.445   1.00 44.66 ? 86  TYR B O   1 
ATOM   1628 C CB  . TYR B 1 87  ? -2.141  -15.394 -1.079  1.00 43.86 ? 86  TYR B CB  1 
ATOM   1629 C CG  . TYR B 1 87  ? -1.726  -14.976 -2.470  1.00 44.10 ? 86  TYR B CG  1 
ATOM   1630 C CD1 . TYR B 1 87  ? -2.369  -15.487 -3.601  1.00 44.30 ? 86  TYR B CD1 1 
ATOM   1631 C CD2 . TYR B 1 87  ? -0.690  -14.071 -2.656  1.00 44.09 ? 86  TYR B CD2 1 
ATOM   1632 C CE1 . TYR B 1 87  ? -1.976  -15.118 -4.877  1.00 44.83 ? 86  TYR B CE1 1 
ATOM   1633 C CE2 . TYR B 1 87  ? -0.294  -13.681 -3.933  1.00 44.86 ? 86  TYR B CE2 1 
ATOM   1634 C CZ  . TYR B 1 87  ? -0.940  -14.208 -5.039  1.00 44.88 ? 86  TYR B CZ  1 
ATOM   1635 O OH  . TYR B 1 87  ? -0.536  -13.826 -6.298  1.00 44.57 ? 86  TYR B OH  1 
ATOM   1636 N N   . THR B 1 88  ? -0.468  -16.711 1.570   1.00 44.36 ? 87  THR B N   1 
ATOM   1637 C CA  . THR B 1 88  ? -0.473  -16.898 3.017   1.00 44.51 ? 87  THR B CA  1 
ATOM   1638 C C   . THR B 1 88  ? -0.041  -15.667 3.798   1.00 44.77 ? 87  THR B C   1 
ATOM   1639 O O   . THR B 1 88  ? 1.009   -15.101 3.553   1.00 45.03 ? 87  THR B O   1 
ATOM   1640 C CB  . THR B 1 88  ? 0.347   -18.123 3.401   1.00 44.34 ? 87  THR B CB  1 
ATOM   1641 O OG1 . THR B 1 88  ? -0.191  -19.251 2.720   1.00 43.80 ? 87  THR B OG1 1 
ATOM   1642 C CG2 . THR B 1 88  ? 0.256   -18.387 4.872   1.00 44.56 ? 87  THR B CG2 1 
ATOM   1643 N N   . LEU B 1 89  ? -0.873  -15.263 4.740   1.00 45.10 ? 88  LEU B N   1 
ATOM   1644 C CA  . LEU B 1 89  ? -0.607  -14.102 5.559   1.00 45.73 ? 88  LEU B CA  1 
ATOM   1645 C C   . LEU B 1 89  ? 0.000   -14.563 6.875   1.00 46.76 ? 88  LEU B C   1 
ATOM   1646 O O   . LEU B 1 89  ? -0.589  -15.393 7.568   1.00 47.47 ? 88  LEU B O   1 
ATOM   1647 C CB  . LEU B 1 89  ? -1.923  -13.376 5.821   1.00 45.28 ? 88  LEU B CB  1 
ATOM   1648 C CG  . LEU B 1 89  ? -2.046  -12.425 7.008   1.00 44.06 ? 88  LEU B CG  1 
ATOM   1649 C CD1 . LEU B 1 89  ? -1.597  -11.031 6.617   1.00 43.74 ? 88  LEU B CD1 1 
ATOM   1650 C CD2 . LEU B 1 89  ? -3.474  -12.387 7.471   1.00 41.49 ? 88  LEU B CD2 1 
ATOM   1651 N N   . HIS B 1 90  ? 1.185   -14.067 7.211   1.00 47.50 ? 89  HIS B N   1 
ATOM   1652 C CA  . HIS B 1 90  ? 1.737   -14.337 8.530   1.00 48.24 ? 89  HIS B CA  1 
ATOM   1653 C C   . HIS B 1 90  ? 1.357   -13.146 9.356   1.00 47.81 ? 89  HIS B C   1 
ATOM   1654 O O   . HIS B 1 90  ? 1.677   -12.013 8.973   1.00 47.95 ? 89  HIS B O   1 
ATOM   1655 C CB  . HIS B 1 90  ? 3.258   -14.454 8.496   1.00 48.79 ? 89  HIS B CB  1 
ATOM   1656 C CG  . HIS B 1 90  ? 3.755   -15.768 7.984   1.00 52.89 ? 89  HIS B CG  1 
ATOM   1657 N ND1 . HIS B 1 90  ? 3.403   -16.269 6.744   1.00 57.25 ? 89  HIS B ND1 1 
ATOM   1658 C CD2 . HIS B 1 90  ? 4.599   -16.677 8.530   1.00 56.51 ? 89  HIS B CD2 1 
ATOM   1659 C CE1 . HIS B 1 90  ? 3.998   -17.437 6.553   1.00 58.21 ? 89  HIS B CE1 1 
ATOM   1660 N NE2 . HIS B 1 90  ? 4.732   -17.707 7.619   1.00 58.82 ? 89  HIS B NE2 1 
ATOM   1661 N N   . VAL B 1 91  ? 0.650   -13.378 10.459  1.00 47.20 ? 90  VAL B N   1 
ATOM   1662 C CA  . VAL B 1 91  ? 0.403   -12.291 11.407  1.00 46.95 ? 90  VAL B CA  1 
ATOM   1663 C C   . VAL B 1 91  ? 1.337   -12.441 12.593  1.00 46.86 ? 90  VAL B C   1 
ATOM   1664 O O   . VAL B 1 91  ? 1.317   -13.452 13.286  1.00 46.73 ? 90  VAL B O   1 
ATOM   1665 C CB  . VAL B 1 91  ? -1.077  -12.152 11.863  1.00 46.85 ? 90  VAL B CB  1 
ATOM   1666 C CG1 A VAL B 1 91  ? -1.200  -11.162 13.029  0.50 46.52 ? 90  VAL B CG1 1 
ATOM   1667 C CG1 B VAL B 1 91  ? -1.940  -11.646 10.723  0.50 46.56 ? 90  VAL B CG1 1 
ATOM   1668 C CG2 A VAL B 1 91  ? -1.965  -11.739 10.706  0.50 46.40 ? 90  VAL B CG2 1 
ATOM   1669 C CG2 B VAL B 1 91  ? -1.621  -13.453 12.376  0.50 47.48 ? 90  VAL B CG2 1 
ATOM   1670 N N   . ILE B 1 92  ? 2.173   -11.433 12.795  1.00 46.66 ? 91  ILE B N   1 
ATOM   1671 C CA  . ILE B 1 92  ? 3.117   -11.453 13.877  1.00 46.63 ? 91  ILE B CA  1 
ATOM   1672 C C   . ILE B 1 92  ? 2.505   -10.734 15.070  1.00 47.39 ? 91  ILE B C   1 
ATOM   1673 O O   . ILE B 1 92  ? 2.304   -9.499  15.045  1.00 47.43 ? 91  ILE B O   1 
ATOM   1674 C CB  . ILE B 1 92  ? 4.397   -10.749 13.488  1.00 46.42 ? 91  ILE B CB  1 
ATOM   1675 C CG1 . ILE B 1 92  ? 4.816   -11.115 12.057  1.00 45.52 ? 91  ILE B CG1 1 
ATOM   1676 C CG2 . ILE B 1 92  ? 5.467   -11.029 14.522  1.00 46.56 ? 91  ILE B CG2 1 
ATOM   1677 C CD1 . ILE B 1 92  ? 5.344   -12.507 11.864  1.00 45.19 ? 91  ILE B CD1 1 
ATOM   1678 N N   . LYS B 1 93  ? 2.203   -11.505 16.111  1.00 47.70 ? 92  LYS B N   1 
ATOM   1679 C CA  . LYS B 1 93  ? 1.636   -10.943 17.321  1.00 48.11 ? 92  LYS B CA  1 
ATOM   1680 C C   . LYS B 1 93  ? 2.721   -10.348 18.206  1.00 48.86 ? 92  LYS B C   1 
ATOM   1681 O O   . LYS B 1 93  ? 3.881   -10.740 18.108  1.00 48.97 ? 92  LYS B O   1 
ATOM   1682 C CB  . LYS B 1 93  ? 0.850   -12.007 18.047  1.00 47.81 ? 92  LYS B CB  1 
ATOM   1683 C CG  . LYS B 1 93  ? -0.391  -12.388 17.293  1.00 47.60 ? 92  LYS B CG  1 
ATOM   1684 C CD  . LYS B 1 93  ? -1.103  -13.558 17.919  1.00 49.99 ? 92  LYS B CD  1 
ATOM   1685 C CE  . LYS B 1 93  ? -1.660  -13.231 19.312  1.00 53.20 ? 92  LYS B CE  1 
ATOM   1686 N NZ  . LYS B 1 93  ? -2.510  -14.355 19.818  1.00 54.50 ? 92  LYS B NZ  1 
ATOM   1687 N N   . SER B 1 94  ? 2.356   -9.393  19.060  1.00 49.91 ? 93  SER B N   1 
ATOM   1688 C CA  . SER B 1 94  ? 3.344   -8.709  19.923  1.00 50.92 ? 93  SER B CA  1 
ATOM   1689 C C   . SER B 1 94  ? 4.147   -9.651  20.840  1.00 51.42 ? 93  SER B C   1 
ATOM   1690 O O   . SER B 1 94  ? 5.245   -9.313  21.262  1.00 51.93 ? 93  SER B O   1 
ATOM   1691 C CB  . SER B 1 94  ? 2.686   -7.582  20.740  1.00 51.03 ? 93  SER B CB  1 
ATOM   1692 O OG  A SER B 1 94  ? 2.811   -6.324  20.084  0.50 50.72 ? 93  SER B OG  1 
ATOM   1693 O OG  B SER B 1 94  ? 1.645   -8.095  21.564  0.50 51.07 ? 93  SER B OG  1 
ATOM   1694 N N   . ASP B 1 95  ? 3.603   -10.829 21.133  1.00 51.66 ? 94  ASP B N   1 
ATOM   1695 C CA  . ASP B 1 95  ? 4.292   -11.808 21.949  1.00 51.88 ? 94  ASP B CA  1 
ATOM   1696 C C   . ASP B 1 95  ? 4.991   -12.856 21.082  1.00 52.04 ? 94  ASP B C   1 
ATOM   1697 O O   . ASP B 1 95  ? 5.336   -13.944 21.551  1.00 52.26 ? 94  ASP B O   1 
ATOM   1698 C CB  . ASP B 1 95  ? 3.293   -12.461 22.908  1.00 52.45 ? 94  ASP B CB  1 
ATOM   1699 C CG  . ASP B 1 95  ? 2.361   -13.454 22.219  1.00 53.62 ? 94  ASP B CG  1 
ATOM   1700 O OD1 . ASP B 1 95  ? 1.761   -14.281 22.937  1.00 53.83 ? 94  ASP B OD1 1 
ATOM   1701 O OD2 . ASP B 1 95  ? 2.240   -13.425 20.969  1.00 55.12 ? 94  ASP B OD2 1 
ATOM   1702 N N   . LEU B 1 96  ? 5.169   -12.521 19.805  1.00 52.23 ? 95  LEU B N   1 
ATOM   1703 C CA  . LEU B 1 96  ? 5.901   -13.340 18.823  1.00 52.23 ? 95  LEU B CA  1 
ATOM   1704 C C   . LEU B 1 96  ? 5.283   -14.706 18.463  1.00 52.89 ? 95  LEU B C   1 
ATOM   1705 O O   . LEU B 1 96  ? 5.828   -15.444 17.638  1.00 52.45 ? 95  LEU B O   1 
ATOM   1706 C CB  . LEU B 1 96  ? 7.372   -13.463 19.214  1.00 51.86 ? 95  LEU B CB  1 
ATOM   1707 C CG  . LEU B 1 96  ? 8.345   -12.475 18.559  1.00 51.25 ? 95  LEU B CG  1 
ATOM   1708 C CD1 . LEU B 1 96  ? 7.788   -11.067 18.348  1.00 50.41 ? 95  LEU B CD1 1 
ATOM   1709 C CD2 . LEU B 1 96  ? 9.600   -12.416 19.383  1.00 50.98 ? 95  LEU B CD2 1 
ATOM   1710 N N   . VAL B 1 97  ? 4.135   -15.022 19.065  1.00 53.90 ? 96  VAL B N   1 
ATOM   1711 C CA  . VAL B 1 97  ? 3.304   -16.153 18.630  1.00 54.78 ? 96  VAL B CA  1 
ATOM   1712 C C   . VAL B 1 97  ? 2.654   -15.834 17.281  1.00 55.47 ? 96  VAL B C   1 
ATOM   1713 O O   . VAL B 1 97  ? 1.645   -15.133 17.228  1.00 55.75 ? 96  VAL B O   1 
ATOM   1714 C CB  . VAL B 1 97  ? 2.169   -16.411 19.619  1.00 54.41 ? 96  VAL B CB  1 
ATOM   1715 C CG1 . VAL B 1 97  ? 1.341   -17.585 19.147  1.00 54.64 ? 96  VAL B CG1 1 
ATOM   1716 C CG2 . VAL B 1 97  ? 2.720   -16.657 21.010  1.00 54.99 ? 96  VAL B CG2 1 
ATOM   1717 N N   . ASN B 1 98  ? 3.205   -16.333 16.187  1.00 56.14 ? 97  ASN B N   1 
ATOM   1718 C CA  . ASN B 1 98  ? 2.622   -15.966 14.906  1.00 57.01 ? 97  ASN B CA  1 
ATOM   1719 C C   . ASN B 1 98  ? 1.484   -16.886 14.403  1.00 56.88 ? 97  ASN B C   1 
ATOM   1720 O O   . ASN B 1 98  ? 1.572   -18.111 14.464  1.00 56.61 ? 97  ASN B O   1 
ATOM   1721 C CB  . ASN B 1 98  ? 3.709   -15.598 13.850  1.00 57.81 ? 97  ASN B CB  1 
ATOM   1722 C CG  . ASN B 1 98  ? 4.106   -16.769 12.908  1.00 59.66 ? 97  ASN B CG  1 
ATOM   1723 O OD1 . ASN B 1 98  ? 4.068   -16.618 11.668  1.00 61.13 ? 97  ASN B OD1 1 
ATOM   1724 N ND2 . ASN B 1 98  ? 4.534   -17.907 13.486  1.00 60.16 ? 97  ASN B ND2 1 
ATOM   1725 N N   . GLU B 1 99  ? 0.399   -16.251 13.958  1.00 56.95 ? 98  GLU B N   1 
ATOM   1726 C CA  . GLU B 1 99  ? -0.737  -16.920 13.332  1.00 57.03 ? 98  GLU B CA  1 
ATOM   1727 C C   . GLU B 1 99  ? -0.648  -16.921 11.798  1.00 56.39 ? 98  GLU B C   1 
ATOM   1728 O O   . GLU B 1 99  ? 0.213   -16.274 11.209  1.00 56.57 ? 98  GLU B O   1 
ATOM   1729 C CB  . GLU B 1 99  ? -2.027  -16.240 13.755  1.00 57.12 ? 98  GLU B CB  1 
ATOM   1730 C CG  . GLU B 1 99  ? -2.699  -16.831 14.955  1.00 60.18 ? 98  GLU B CG  1 
ATOM   1731 C CD  . GLU B 1 99  ? -4.073  -16.197 15.190  1.00 65.44 ? 98  GLU B CD  1 
ATOM   1732 O OE1 . GLU B 1 99  ? -4.311  -15.686 16.316  1.00 67.84 ? 98  GLU B OE1 1 
ATOM   1733 O OE2 . GLU B 1 99  ? -4.911  -16.187 14.247  1.00 66.44 ? 98  GLU B OE2 1 
ATOM   1734 N N   . GLU B 1 100 ? -1.566  -17.627 11.151  1.00 55.70 ? 99  GLU B N   1 
ATOM   1735 C CA  . GLU B 1 100 ? -1.442  -17.883 9.736   1.00 54.97 ? 99  GLU B CA  1 
ATOM   1736 C C   . GLU B 1 100 ? -2.772  -18.272 9.103   1.00 53.81 ? 99  GLU B C   1 
ATOM   1737 O O   . GLU B 1 100 ? -3.515  -19.110 9.631   1.00 53.50 ? 99  GLU B O   1 
ATOM   1738 C CB  . GLU B 1 100 ? -0.447  -19.015 9.543   1.00 55.51 ? 99  GLU B CB  1 
ATOM   1739 C CG  . GLU B 1 100 ? 0.520   -18.800 8.441   1.00 58.49 ? 99  GLU B CG  1 
ATOM   1740 C CD  . GLU B 1 100 ? 1.895   -19.352 8.786   1.00 63.93 ? 99  GLU B CD  1 
ATOM   1741 O OE1 . GLU B 1 100 ? 2.469   -18.913 9.825   1.00 65.10 ? 99  GLU B OE1 1 
ATOM   1742 O OE2 . GLU B 1 100 ? 2.406   -20.213 8.015   1.00 66.21 ? 99  GLU B OE2 1 
ATOM   1743 N N   . ALA B 1 101 ? -3.066  -17.650 7.964   1.00 52.58 ? 100 ALA B N   1 
ATOM   1744 C CA  . ALA B 1 101 ? -4.223  -18.011 7.159   1.00 51.08 ? 100 ALA B CA  1 
ATOM   1745 C C   . ALA B 1 101 ? -3.778  -18.074 5.712   1.00 50.39 ? 100 ALA B C   1 
ATOM   1746 O O   . ALA B 1 101 ? -2.828  -17.386 5.327   1.00 50.47 ? 100 ALA B O   1 
ATOM   1747 C CB  . ALA B 1 101 ? -5.329  -17.014 7.341   1.00 50.71 ? 100 ALA B CB  1 
ATOM   1748 N N   . THR B 1 102 ? -4.443  -18.927 4.931   1.00 49.33 ? 101 THR B N   1 
ATOM   1749 C CA  . THR B 1 102 ? -4.224  -19.015 3.495   1.00 48.07 ? 101 THR B CA  1 
ATOM   1750 C C   . THR B 1 102 ? -5.532  -18.882 2.742   1.00 47.48 ? 101 THR B C   1 
ATOM   1751 O O   . THR B 1 102 ? -6.526  -19.467 3.133   1.00 47.23 ? 101 THR B O   1 
ATOM   1752 C CB  . THR B 1 102 ? -3.633  -20.351 3.124   1.00 47.98 ? 101 THR B CB  1 
ATOM   1753 O OG1 . THR B 1 102 ? -2.368  -20.496 3.772   1.00 48.26 ? 101 THR B OG1 1 
ATOM   1754 C CG2 . THR B 1 102 ? -3.456  -20.446 1.619   1.00 47.20 ? 101 THR B CG2 1 
ATOM   1755 N N   . GLY B 1 103 ? -5.515  -18.106 1.666   1.00 46.99 ? 102 GLY B N   1 
ATOM   1756 C CA  . GLY B 1 103 ? -6.605  -18.056 0.700   1.00 46.44 ? 102 GLY B CA  1 
ATOM   1757 C C   . GLY B 1 103 ? -6.042  -18.229 -0.704  1.00 46.44 ? 102 GLY B C   1 
ATOM   1758 O O   . GLY B 1 103 ? -4.865  -18.554 -0.884  1.00 46.31 ? 102 GLY B O   1 
ATOM   1759 N N   . GLN B 1 104 ? -6.882  -18.018 -1.707  1.00 46.37 ? 103 GLN B N   1 
ATOM   1760 C CA  . GLN B 1 104 ? -6.447  -18.130 -3.084  1.00 46.70 ? 103 GLN B CA  1 
ATOM   1761 C C   . GLN B 1 104 ? -7.312  -17.296 -4.002  1.00 47.00 ? 103 GLN B C   1 
ATOM   1762 O O   . GLN B 1 104 ? -8.358  -16.833 -3.589  1.00 47.64 ? 103 GLN B O   1 
ATOM   1763 C CB  . GLN B 1 104 ? -6.526  -19.572 -3.528  1.00 46.54 ? 103 GLN B CB  1 
ATOM   1764 C CG  . GLN B 1 104 ? -7.917  -20.012 -3.891  1.00 45.92 ? 103 GLN B CG  1 
ATOM   1765 C CD  . GLN B 1 104 ? -7.967  -21.482 -4.196  1.00 45.57 ? 103 GLN B CD  1 
ATOM   1766 O OE1 . GLN B 1 104 ? -7.213  -21.914 -5.209  1.00 45.84 ? 103 GLN B OE1 1 
ATOM   1767 N NE2 . GLN B 1 104 ? -8.658  -22.236 -3.505  1.00 43.92 ? 103 GLN B NE2 1 
ATOM   1768 N N   . PHE B 1 105 ? -6.866  -17.100 -5.235  1.00 46.98 ? 104 PHE B N   1 
ATOM   1769 C CA  . PHE B 1 105 ? -7.732  -16.588 -6.281  1.00 47.73 ? 104 PHE B CA  1 
ATOM   1770 C C   . PHE B 1 105 ? -7.227  -17.080 -7.631  1.00 48.63 ? 104 PHE B C   1 
ATOM   1771 O O   . PHE B 1 105 ? -6.059  -17.486 -7.780  1.00 48.45 ? 104 PHE B O   1 
ATOM   1772 C CB  . PHE B 1 105 ? -7.814  -15.057 -6.265  1.00 47.57 ? 104 PHE B CB  1 
ATOM   1773 C CG  . PHE B 1 105 ? -6.506  -14.360 -6.596  1.00 47.42 ? 104 PHE B CG  1 
ATOM   1774 C CD1 . PHE B 1 105 ? -5.611  -14.012 -5.592  1.00 46.63 ? 104 PHE B CD1 1 
ATOM   1775 C CD2 . PHE B 1 105 ? -6.182  -14.044 -7.903  1.00 46.40 ? 104 PHE B CD2 1 
ATOM   1776 C CE1 . PHE B 1 105 ? -4.427  -13.379 -5.886  1.00 45.74 ? 104 PHE B CE1 1 
ATOM   1777 C CE2 . PHE B 1 105 ? -4.990  -13.408 -8.199  1.00 46.33 ? 104 PHE B CE2 1 
ATOM   1778 C CZ  . PHE B 1 105 ? -4.115  -13.079 -7.190  1.00 46.75 ? 104 PHE B CZ  1 
ATOM   1779 N N   . ARG B 1 106 ? -8.101  -17.052 -8.626  1.00 49.32 ? 105 ARG B N   1 
ATOM   1780 C CA  . ARG B 1 106 ? -7.660  -17.499 -9.923  1.00 50.25 ? 105 ARG B CA  1 
ATOM   1781 C C   . ARG B 1 106 ? -7.855  -16.461 -11.028 1.00 50.87 ? 105 ARG B C   1 
ATOM   1782 O O   . ARG B 1 106 ? -8.633  -15.514 -10.881 1.00 51.39 ? 105 ARG B O   1 
ATOM   1783 C CB  . ARG B 1 106 ? -8.201  -18.893 -10.232 1.00 50.01 ? 105 ARG B CB  1 
ATOM   1784 C CG  . ARG B 1 106 ? -7.246  -20.025 -9.732  1.00 49.57 ? 105 ARG B CG  1 
ATOM   1785 C CD  . ARG B 1 106 ? -7.549  -20.451 -8.309  1.00 47.91 ? 105 ARG B CD  1 
ATOM   1786 N NE  . ARG B 1 106 ? -6.589  -21.341 -7.617  1.00 48.74 ? 105 ARG B NE  1 
ATOM   1787 C CZ  . ARG B 1 106 ? -5.376  -21.752 -8.016  1.00 46.76 ? 105 ARG B CZ  1 
ATOM   1788 N NH1 . ARG B 1 106 ? -4.843  -21.405 -9.186  1.00 45.31 ? 105 ARG B NH1 1 
ATOM   1789 N NH2 . ARG B 1 106 ? -4.684  -22.546 -7.205  1.00 45.20 ? 105 ARG B NH2 1 
ATOM   1790 N N   . VAL B 1 107 ? -7.114  -16.623 -12.114 1.00 51.05 ? 106 VAL B N   1 
ATOM   1791 C CA  . VAL B 1 107 ? -7.056  -15.601 -13.133 1.00 51.93 ? 106 VAL B CA  1 
ATOM   1792 C C   . VAL B 1 107 ? -7.624  -16.150 -14.434 1.00 52.91 ? 106 VAL B C   1 
ATOM   1793 O O   . VAL B 1 107 ? -7.367  -17.297 -14.783 1.00 53.30 ? 106 VAL B O   1 
ATOM   1794 C CB  . VAL B 1 107 ? -5.593  -15.126 -13.332 1.00 51.88 ? 106 VAL B CB  1 
ATOM   1795 C CG1 . VAL B 1 107 ? -5.495  -14.008 -14.372 1.00 51.06 ? 106 VAL B CG1 1 
ATOM   1796 C CG2 . VAL B 1 107 ? -4.991  -14.681 -11.997 1.00 51.88 ? 106 VAL B CG2 1 
ATOM   1797 N N   . TYR B 1 108 ? -8.398  -15.346 -15.152 1.00 53.78 ? 107 TYR B N   1 
ATOM   1798 C CA  . TYR B 1 108 ? -8.875  -15.749 -16.464 1.00 54.82 ? 107 TYR B CA  1 
ATOM   1799 C C   . TYR B 1 108 ? -8.570  -14.680 -17.500 1.00 56.60 ? 107 TYR B C   1 
ATOM   1800 O O   . TYR B 1 108 ? -8.572  -13.501 -17.168 1.00 56.75 ? 107 TYR B O   1 
ATOM   1801 C CB  . TYR B 1 108 ? -10.373 -16.043 -16.429 1.00 53.94 ? 107 TYR B CB  1 
ATOM   1802 C CG  . TYR B 1 108 ? -11.262 -14.887 -16.018 1.00 52.87 ? 107 TYR B CG  1 
ATOM   1803 C CD1 . TYR B 1 108 ? -11.565 -13.842 -16.903 1.00 51.00 ? 107 TYR B CD1 1 
ATOM   1804 C CD2 . TYR B 1 108 ? -11.833 -14.858 -14.749 1.00 52.60 ? 107 TYR B CD2 1 
ATOM   1805 C CE1 . TYR B 1 108 ? -12.399 -12.804 -16.521 1.00 50.20 ? 107 TYR B CE1 1 
ATOM   1806 C CE2 . TYR B 1 108 ? -12.663 -13.817 -14.360 1.00 51.75 ? 107 TYR B CE2 1 
ATOM   1807 C CZ  . TYR B 1 108 ? -12.941 -12.805 -15.246 1.00 51.22 ? 107 TYR B CZ  1 
ATOM   1808 O OH  . TYR B 1 108 ? -13.762 -11.805 -14.826 1.00 51.37 ? 107 TYR B OH  1 
ATOM   1809 N N   . PRO B 1 109 ? -8.303  -15.084 -18.762 1.00 58.46 ? 108 PRO B N   1 
ATOM   1810 C CA  . PRO B 1 109 ? -8.085  -14.091 -19.809 1.00 60.01 ? 108 PRO B CA  1 
ATOM   1811 C C   . PRO B 1 109 ? -9.412  -13.604 -20.434 1.00 61.99 ? 108 PRO B C   1 
ATOM   1812 O O   . PRO B 1 109 ? -10.461 -14.257 -20.267 1.00 62.07 ? 108 PRO B O   1 
ATOM   1813 C CB  . PRO B 1 109 ? -7.253  -14.860 -20.828 1.00 59.62 ? 108 PRO B CB  1 
ATOM   1814 C CG  . PRO B 1 109 ? -7.725  -16.240 -20.712 1.00 58.50 ? 108 PRO B CG  1 
ATOM   1815 C CD  . PRO B 1 109 ? -8.188  -16.455 -19.294 1.00 58.37 ? 108 PRO B CD  1 
ATOM   1816 N N   . GLU B 1 110 ? -9.352  -12.471 -21.143 1.00 63.95 ? 109 GLU B N   1 
ATOM   1817 C CA  . GLU B 1 110 ? -10.540 -11.863 -21.767 1.00 65.87 ? 109 GLU B CA  1 
ATOM   1818 C C   . GLU B 1 110 ? -10.292 -11.399 -23.201 1.00 66.14 ? 109 GLU B C   1 
ATOM   1819 O O   . GLU B 1 110 ? -9.136  -11.120 -23.583 1.00 66.60 ? 109 GLU B O   1 
ATOM   1820 C CB  . GLU B 1 110 ? -10.988 -10.643 -20.953 1.00 66.12 ? 109 GLU B CB  1 
ATOM   1821 C CG  . GLU B 1 110 ? -12.259 -10.814 -20.111 1.00 67.18 ? 109 GLU B CG  1 
ATOM   1822 C CD  . GLU B 1 110 ? -12.416 -9.667  -19.099 1.00 67.43 ? 109 GLU B CD  1 
ATOM   1823 O OE1 . GLU B 1 110 ? -13.555 -9.411  -18.624 1.00 68.31 ? 109 GLU B OE1 1 
ATOM   1824 O OE2 . GLU B 1 110 ? -11.382 -9.019  -18.787 1.00 68.84 ? 109 GLU B OE2 1 
ATOM   1825 N N   . LEU B 1 111 ? -11.393 -11.265 -23.955 0.50 66.09 ? 110 LEU B N   1 
ATOM   1826 C CA  . LEU B 1 111 ? -11.416 -10.684 -25.311 0.50 65.94 ? 110 LEU B CA  1 
ATOM   1827 C C   . LEU B 1 111 ? -10.835 -11.652 -26.330 0.50 65.76 ? 110 LEU B C   1 
ATOM   1828 O O   . LEU B 1 111 ? -10.757 -12.848 -26.072 0.50 65.53 ? 110 LEU B O   1 
ATOM   1829 C CB  . LEU B 1 111 ? -10.683 -9.322  -25.380 0.50 66.00 ? 110 LEU B CB  1 
ATOM   1830 C CG  . LEU B 1 111 ? -11.170 -8.110  -24.564 0.50 66.04 ? 110 LEU B CG  1 
ATOM   1831 C CD1 . LEU B 1 111 ? -9.999  -7.218  -24.149 0.50 65.56 ? 110 LEU B CD1 1 
ATOM   1832 C CD2 . LEU B 1 111 ? -12.240 -7.293  -25.305 0.50 65.91 ? 110 LEU B CD2 1 
HETATM 1833 O O   . HOH C 2 .   ? -5.206  21.428  -0.395  1.00 15.43 ? 201 HOH A O   1 
HETATM 1834 O O   . HOH C 2 .   ? -28.161 7.709   13.295  1.00 48.40 ? 202 HOH A O   1 
HETATM 1835 O O   . HOH C 2 .   ? -11.494 2.827   -7.147  1.00 31.36 ? 204 HOH A O   1 
HETATM 1836 O O   . HOH C 2 .   ? -16.018 7.973   -4.357  1.00 25.42 ? 206 HOH A O   1 
HETATM 1837 O O   . HOH C 2 .   ? 17.665  5.072   -4.242  1.00 73.23 ? 210 HOH A O   1 
HETATM 1838 O O   . HOH C 2 .   ? -5.458  17.267  -8.506  1.00 40.64 ? 212 HOH A O   1 
HETATM 1839 O O   . HOH D 2 .   ? -7.177  -0.661  6.425   1.00 49.58 ? 203 HOH B O   1 
HETATM 1840 O O   . HOH D 2 .   ? 1.458   -14.438 -16.514 1.00 19.23 ? 205 HOH B O   1 
HETATM 1841 O O   . HOH D 2 .   ? -5.550  -19.220 -12.752 1.00 44.37 ? 207 HOH B O   1 
HETATM 1842 O O   . HOH D 2 .   ? -13.427 -17.653 -16.202 1.00 48.11 ? 208 HOH B O   1 
HETATM 1843 O O   . HOH D 2 .   ? -0.041  -21.068 -5.399  1.00 34.26 ? 209 HOH B O   1 
# 
